data_5JBE
#
_entry.id   5JBE
#
_cell.length_a   220.441
_cell.length_b   58.324
_cell.length_c   151.410
_cell.angle_alpha   90.000
_cell.angle_beta   114.250
_cell.angle_gamma   90.000
#
_symmetry.space_group_name_H-M   'C 1 2 1'
#
loop_
_entity.id
_entity.type
_entity.pdbx_description
1 polymer 'Inactive glucansucrase'
2 branched alpha-D-glucopyranose-(1-6)-alpha-D-glucopyranose-(1-4)-alpha-D-glucopyranose-(1-4)-alpha-D-glucopyranose-(1-4)-alpha-D-glucopyranose
3 branched alpha-D-glucopyranose-(1-4)-alpha-D-glucopyranose
4 non-polymer 'CALCIUM ION'
5 non-polymer 'SULFATE ION'
6 non-polymer 'ACETATE ION'
7 non-polymer beta-D-glucopyranose
8 water water
#
_entity_poly.entity_id   1
_entity_poly.type   'polypeptide(L)'
_entity_poly.pdbx_seq_one_letter_code
;MGPGTWENMAFAQDSSAINNIDGYLSYTDWYRPYGTSQDGKTWYKTTAMDWRPLLMYIWPSKDVQAQFIKYFVNNGYENA
NYGLTKDTVANINKDTNTTVLANMAQNLRYVIEQSIAANKGTSKLANDINSFAATVPELSASSELSLQSMPNYRPDKSGT
IDSDQVIFVNNNSKDPRKGNTSYADSNYRLMNRTINNQAGNNNSDNSPELLVGNDIDNSNPVVQAENLNWEYFLLNYGKL
MGYNPDGNFDGFRVDAADNIDADVLDQMGQLMNDMYHTKGNPQNANDHLSYNEGYHSGAAQMLNEKGNPQLYMDSGEFYT
LENVLGRANNRDNIGNLITNSIVNRQNDTTENEATPNWSFVTNHDQRKNLINRLIIKDHSNIPDIMGSAYKVEYANQAWQ
EFYADQEKTNKQYAQYNVPAQYAILLSNKDTVPQVYYGDLYNETAQYMQEKSIYYDAITTLMRARKQFVSGGQTMTKLNN
NLLASVRYGKGVVDANSNGTDKLSRTSGMAVLVGNDSNMAQQSVAINMGRAHANQQYRNLIDTTENGLTYDADNSENPAI
LTTDSNGILKVTVKGYSNPYVSGYLGVWVPVISGDQDVTTNASDVVANKEKTFESNAALDSHMIYEDFSLFQPEPTSVEN
HAYNVIAKNASLFSDLGITDFWMAPAYTPFGRSRYNEGYSMTDRYNLGTTANPTKYGSGEELANTIAALHKAGLKVQEDI
VMNQMIGFSGQEAVTVTRTNNRGMQIHVNGQTYANQIYFAYTTGGGNGQETYGGKYLAELQKNYPDLFTTKAISTGVAPD
PTVRINKWSAKYQNGTSLQNIGIGLAVKLANGDYAYLNSGDNKAFNTLLPTAIS
;
_entity_poly.pdbx_strand_id   A,B
#
# COMPACT_ATOMS: atom_id res chain seq x y z
N MET A 1 -34.33 -10.28 75.04
CA MET A 1 -34.21 -11.78 74.91
C MET A 1 -32.94 -12.29 75.62
N GLY A 2 -32.89 -13.60 75.88
CA GLY A 2 -31.64 -14.28 76.22
C GLY A 2 -30.71 -14.41 75.01
N PRO A 3 -29.44 -14.81 75.24
CA PRO A 3 -28.51 -14.88 74.11
C PRO A 3 -28.82 -16.02 73.15
N GLY A 4 -28.42 -15.87 71.88
CA GLY A 4 -28.73 -16.87 70.85
C GLY A 4 -28.37 -16.42 69.44
N THR A 5 -28.87 -17.17 68.46
CA THR A 5 -28.59 -16.92 67.04
C THR A 5 -29.10 -15.59 66.49
N TRP A 6 -30.09 -14.97 67.15
CA TRP A 6 -30.56 -13.64 66.76
C TRP A 6 -29.47 -12.56 66.76
N GLU A 7 -28.37 -12.80 67.47
CA GLU A 7 -27.23 -11.89 67.51
C GLU A 7 -26.41 -11.87 66.20
N ASN A 8 -26.75 -12.73 65.25
CA ASN A 8 -26.28 -12.59 63.86
C ASN A 8 -26.84 -11.34 63.17
N MET A 9 -27.91 -10.76 63.69
CA MET A 9 -28.46 -9.50 63.16
C MET A 9 -27.39 -8.42 63.16
N ALA A 10 -27.48 -7.48 62.22
CA ALA A 10 -26.62 -6.31 62.20
C ALA A 10 -26.76 -5.56 63.51
N PHE A 11 -25.64 -5.08 64.04
CA PHE A 11 -25.64 -4.29 65.27
C PHE A 11 -26.53 -3.05 65.14
N ALA A 12 -26.54 -2.45 63.95
CA ALA A 12 -27.44 -1.33 63.64
C ALA A 12 -27.67 -1.24 62.12
N GLN A 13 -28.79 -0.67 61.74
CA GLN A 13 -29.14 -0.50 60.33
C GLN A 13 -28.66 0.84 59.77
N ASP A 14 -27.35 1.04 59.79
CA ASP A 14 -26.74 2.24 59.20
C ASP A 14 -25.26 1.99 58.90
N SER A 15 -24.62 2.98 58.30
CA SER A 15 -23.22 2.86 57.86
C SER A 15 -22.19 2.59 58.95
N SER A 16 -22.53 2.85 60.21
CA SER A 16 -21.67 2.48 61.33
C SER A 16 -21.59 0.98 61.62
N ALA A 17 -22.55 0.17 61.14
CA ALA A 17 -22.49 -1.29 61.26
C ALA A 17 -22.64 -2.11 59.95
N ILE A 18 -22.96 -1.47 58.82
CA ILE A 18 -23.09 -2.18 57.55
C ILE A 18 -22.39 -1.36 56.44
N ASN A 19 -21.36 -1.94 55.83
CA ASN A 19 -20.74 -1.30 54.69
C ASN A 19 -21.70 -1.38 53.53
N ASN A 20 -21.65 -0.35 52.69
CA ASN A 20 -22.55 -0.21 51.57
C ASN A 20 -22.02 0.77 50.56
N ILE A 21 -22.50 0.64 49.32
CA ILE A 21 -22.06 1.46 48.20
C ILE A 21 -23.30 2.13 47.62
N ASP A 22 -23.45 3.43 47.88
CA ASP A 22 -24.66 4.20 47.60
C ASP A 22 -25.93 3.50 48.06
N GLY A 23 -25.86 2.82 49.23
CA GLY A 23 -26.99 2.08 49.80
C GLY A 23 -27.10 0.61 49.43
N TYR A 24 -26.41 0.19 48.35
CA TYR A 24 -26.41 -1.20 47.91
C TYR A 24 -25.37 -1.99 48.71
N LEU A 25 -25.60 -3.29 48.89
CA LEU A 25 -24.67 -4.20 49.58
C LEU A 25 -23.86 -5.04 48.59
N SER A 26 -22.60 -5.32 48.95
CA SER A 26 -21.72 -6.18 48.17
C SER A 26 -21.38 -7.44 48.95
N TYR A 27 -21.48 -8.60 48.31
CA TYR A 27 -21.18 -9.87 48.96
C TYR A 27 -19.78 -9.95 49.55
N THR A 28 -18.81 -9.28 48.95
CA THR A 28 -17.43 -9.28 49.46
C THR A 28 -17.16 -8.26 50.59
N ASP A 29 -18.12 -7.38 50.89
CA ASP A 29 -18.01 -6.45 52.04
C ASP A 29 -18.29 -7.16 53.37
N TRP A 30 -18.08 -6.41 54.45
CA TRP A 30 -18.15 -6.87 55.81
C TRP A 30 -19.20 -6.07 56.57
N TYR A 31 -19.65 -6.61 57.70
CA TYR A 31 -20.60 -5.92 58.58
C TYR A 31 -20.28 -6.26 60.03
N ARG A 32 -20.84 -5.46 60.92
CA ARG A 32 -20.73 -5.68 62.36
C ARG A 32 -22.01 -6.36 62.89
N PRO A 33 -21.95 -7.68 63.20
CA PRO A 33 -23.12 -8.31 63.83
C PRO A 33 -23.26 -7.86 65.30
N TYR A 34 -24.43 -8.09 65.91
CA TYR A 34 -24.63 -7.76 67.34
C TYR A 34 -23.72 -8.58 68.23
N GLY A 35 -23.63 -9.89 67.97
CA GLY A 35 -22.74 -10.78 68.72
C GLY A 35 -22.22 -11.94 67.91
N THR A 36 -21.30 -12.70 68.51
CA THR A 36 -20.72 -13.91 67.89
C THR A 36 -20.52 -15.01 68.92
N SER A 37 -20.39 -16.25 68.44
CA SER A 37 -20.19 -17.41 69.29
C SER A 37 -19.26 -18.44 68.65
N GLN A 38 -18.50 -19.14 69.50
CA GLN A 38 -17.63 -20.26 69.10
C GLN A 38 -18.27 -21.64 69.26
N ASP A 39 -19.40 -21.74 69.98
CA ASP A 39 -20.06 -23.05 70.21
C ASP A 39 -21.60 -23.07 70.15
N GLY A 40 -22.23 -21.94 69.85
CA GLY A 40 -23.69 -21.83 69.89
C GLY A 40 -24.32 -21.79 71.27
N LYS A 41 -23.49 -21.79 72.33
CA LYS A 41 -23.93 -21.78 73.72
C LYS A 41 -23.66 -20.44 74.38
N THR A 42 -22.41 -19.97 74.28
CA THR A 42 -22.01 -18.70 74.89
C THR A 42 -21.80 -17.66 73.77
N TRP A 43 -22.45 -16.50 73.93
CA TRP A 43 -22.47 -15.45 72.93
C TRP A 43 -21.84 -14.21 73.52
N TYR A 44 -20.97 -13.57 72.76
CA TYR A 44 -20.26 -12.36 73.18
C TYR A 44 -20.67 -11.18 72.32
N LYS A 45 -21.02 -10.07 72.96
CA LYS A 45 -21.28 -8.82 72.25
C LYS A 45 -20.03 -8.36 71.53
N THR A 46 -20.28 -7.60 70.50
CA THR A 46 -19.32 -7.25 69.52
C THR A 46 -18.84 -5.85 69.93
N THR A 47 -17.53 -5.59 69.87
CA THR A 47 -17.05 -4.20 69.89
C THR A 47 -17.11 -3.60 68.49
N ALA A 48 -16.92 -2.30 68.41
CA ALA A 48 -16.91 -1.57 67.16
C ALA A 48 -15.83 -2.02 66.16
N MET A 49 -14.83 -2.77 66.66
CA MET A 49 -13.77 -3.34 65.83
C MET A 49 -14.04 -4.78 65.32
N ASP A 50 -15.09 -5.43 65.82
CA ASP A 50 -15.36 -6.83 65.50
C ASP A 50 -16.31 -6.93 64.31
N TRP A 51 -15.75 -6.83 63.11
CA TRP A 51 -16.51 -6.95 61.86
C TRP A 51 -16.28 -8.33 61.24
N ARG A 52 -17.25 -8.78 60.44
CA ARG A 52 -17.24 -10.11 59.82
C ARG A 52 -17.66 -10.03 58.35
N PRO A 53 -17.11 -10.91 57.50
CA PRO A 53 -17.50 -10.94 56.09
C PRO A 53 -18.94 -11.41 55.89
N LEU A 54 -19.65 -10.72 54.99
CA LEU A 54 -21.03 -11.09 54.67
C LEU A 54 -21.15 -12.52 54.11
N LEU A 55 -20.10 -13.01 53.43
CA LEU A 55 -20.10 -14.39 52.92
C LEU A 55 -20.12 -15.51 53.97
N MET A 56 -19.98 -15.17 55.26
CA MET A 56 -20.26 -16.13 56.34
C MET A 56 -21.77 -16.31 56.61
N TYR A 57 -22.57 -15.31 56.25
CA TYR A 57 -24.00 -15.22 56.56
C TYR A 57 -24.96 -15.20 55.37
N ILE A 58 -24.55 -14.64 54.22
CA ILE A 58 -25.40 -14.55 53.03
C ILE A 58 -24.66 -14.93 51.75
N TRP A 59 -25.43 -15.35 50.76
CA TRP A 59 -24.91 -15.81 49.45
C TRP A 59 -25.95 -15.50 48.35
N PRO A 60 -25.51 -15.33 47.10
CA PRO A 60 -26.49 -15.13 46.01
C PRO A 60 -27.39 -16.34 45.69
N SER A 61 -27.02 -17.55 46.13
CA SER A 61 -27.79 -18.77 45.85
C SER A 61 -27.37 -19.92 46.76
N LYS A 62 -28.21 -20.95 46.80
CA LYS A 62 -27.91 -22.22 47.48
C LYS A 62 -26.61 -22.87 46.95
N ASP A 63 -26.42 -22.78 45.64
CA ASP A 63 -25.21 -23.27 44.98
C ASP A 63 -23.95 -22.66 45.61
N VAL A 64 -23.90 -21.33 45.66
CA VAL A 64 -22.75 -20.61 46.23
C VAL A 64 -22.60 -20.85 47.75
N GLN A 65 -23.72 -20.94 48.49
CA GLN A 65 -23.68 -21.30 49.91
C GLN A 65 -23.01 -22.67 50.10
N ALA A 66 -23.37 -23.64 49.26
CA ALA A 66 -22.77 -24.98 49.30
C ALA A 66 -21.27 -24.93 48.98
N GLN A 67 -20.89 -24.21 47.92
CA GLN A 67 -19.45 -24.00 47.60
C GLN A 67 -18.65 -23.37 48.75
N PHE A 68 -19.26 -22.41 49.44
CA PHE A 68 -18.61 -21.72 50.57
C PHE A 68 -18.28 -22.70 51.69
N ILE A 69 -19.29 -23.47 52.11
CA ILE A 69 -19.14 -24.48 53.17
C ILE A 69 -18.08 -25.52 52.78
N LYS A 70 -18.18 -25.99 51.53
CA LYS A 70 -17.21 -26.95 50.94
C LYS A 70 -15.78 -26.40 50.94
N TYR A 71 -15.61 -25.19 50.41
CA TYR A 71 -14.29 -24.53 50.33
C TYR A 71 -13.63 -24.30 51.70
N PHE A 72 -14.40 -23.78 52.65
CA PHE A 72 -13.85 -23.48 53.99
C PHE A 72 -13.47 -24.75 54.76
N VAL A 73 -14.30 -25.80 54.66
CA VAL A 73 -13.97 -27.09 55.28
C VAL A 73 -12.69 -27.70 54.68
N ASN A 74 -12.47 -27.52 53.38
CA ASN A 74 -11.23 -27.98 52.71
C ASN A 74 -9.99 -27.06 52.83
N ASN A 75 -10.14 -25.89 53.48
CA ASN A 75 -9.03 -24.93 53.65
C ASN A 75 -8.89 -24.40 55.10
N GLY A 76 -8.89 -25.33 56.05
CA GLY A 76 -8.52 -25.04 57.43
C GLY A 76 -9.65 -24.87 58.42
N TYR A 77 -10.90 -25.13 58.04
CA TYR A 77 -12.05 -24.97 58.94
C TYR A 77 -12.82 -26.30 59.10
N GLU A 78 -12.04 -27.36 59.31
CA GLU A 78 -12.55 -28.70 59.54
C GLU A 78 -12.71 -28.95 61.03
N ASN A 79 -13.86 -29.51 61.42
CA ASN A 79 -14.09 -29.90 62.82
C ASN A 79 -15.18 -30.98 62.89
N ALA A 80 -14.74 -32.21 63.16
CA ALA A 80 -15.62 -33.38 63.29
C ALA A 80 -16.74 -33.20 64.32
N ASN A 81 -16.46 -32.49 65.42
CA ASN A 81 -17.44 -32.28 66.49
C ASN A 81 -18.62 -31.37 66.11
N TYR A 82 -18.49 -30.59 65.04
CA TYR A 82 -19.57 -29.72 64.53
C TYR A 82 -20.11 -30.19 63.16
N GLY A 83 -19.94 -31.50 62.88
CA GLY A 83 -20.46 -32.14 61.67
C GLY A 83 -19.86 -31.66 60.36
N LEU A 84 -18.64 -31.13 60.42
CA LEU A 84 -17.98 -30.50 59.27
C LEU A 84 -16.60 -31.12 59.01
N THR A 85 -16.61 -32.22 58.25
CA THR A 85 -15.42 -32.90 57.79
C THR A 85 -15.42 -32.86 56.28
N LYS A 86 -14.33 -33.32 55.68
CA LYS A 86 -14.23 -33.41 54.22
C LYS A 86 -15.22 -34.42 53.64
N ASP A 87 -15.45 -35.51 54.37
CA ASP A 87 -16.46 -36.50 54.00
C ASP A 87 -17.88 -35.87 54.08
N THR A 88 -18.25 -35.25 55.21
CA THR A 88 -19.61 -34.69 55.39
C THR A 88 -19.99 -33.58 54.40
N VAL A 89 -18.98 -32.95 53.81
CA VAL A 89 -19.16 -31.85 52.88
C VAL A 89 -18.92 -32.22 51.41
N ALA A 90 -18.33 -33.39 51.15
CA ALA A 90 -17.94 -33.79 49.78
C ALA A 90 -19.07 -33.82 48.75
N ASN A 91 -20.30 -34.13 49.19
CA ASN A 91 -21.43 -34.28 48.27
C ASN A 91 -22.44 -33.12 48.24
N ILE A 92 -22.30 -32.12 49.12
CA ILE A 92 -23.29 -31.04 49.18
C ILE A 92 -23.22 -30.19 47.91
N ASN A 93 -24.37 -29.62 47.55
CA ASN A 93 -24.53 -28.85 46.31
C ASN A 93 -25.82 -28.03 46.39
N LYS A 94 -26.22 -27.40 45.28
CA LYS A 94 -27.44 -26.59 45.24
C LYS A 94 -28.73 -27.33 45.62
N ASP A 95 -28.76 -28.65 45.42
CA ASP A 95 -29.94 -29.49 45.72
C ASP A 95 -29.95 -30.09 47.12
N THR A 96 -28.93 -29.84 47.92
CA THR A 96 -28.93 -30.28 49.31
C THR A 96 -30.07 -29.55 50.04
N ASN A 97 -30.75 -30.28 50.92
CA ASN A 97 -31.86 -29.75 51.74
C ASN A 97 -31.52 -28.39 52.38
N THR A 98 -32.49 -27.48 52.40
CA THR A 98 -32.30 -26.12 52.91
C THR A 98 -31.94 -26.10 54.40
N THR A 99 -32.60 -26.92 55.21
CA THR A 99 -32.36 -26.87 56.66
C THR A 99 -31.00 -27.46 57.05
N VAL A 100 -30.47 -28.41 56.29
CA VAL A 100 -29.11 -28.92 56.60
C VAL A 100 -28.01 -27.97 56.11
N LEU A 101 -28.23 -27.32 54.96
CA LEU A 101 -27.33 -26.25 54.52
C LEU A 101 -27.24 -25.10 55.55
N ALA A 102 -28.38 -24.67 56.07
CA ALA A 102 -28.42 -23.60 57.08
C ALA A 102 -27.74 -24.01 58.37
N ASN A 103 -27.90 -25.27 58.73
CA ASN A 103 -27.28 -25.87 59.91
C ASN A 103 -25.76 -25.95 59.73
N MET A 104 -25.32 -26.50 58.61
CA MET A 104 -23.89 -26.57 58.29
C MET A 104 -23.24 -25.18 58.32
N ALA A 105 -23.89 -24.20 57.70
CA ALA A 105 -23.43 -22.80 57.70
C ALA A 105 -23.34 -22.18 59.10
N GLN A 106 -24.35 -22.41 59.94
CA GLN A 106 -24.31 -21.95 61.34
C GLN A 106 -23.18 -22.59 62.15
N ASN A 107 -23.01 -23.91 61.98
CA ASN A 107 -21.92 -24.63 62.64
C ASN A 107 -20.54 -24.19 62.14
N LEU A 108 -20.45 -23.90 60.84
CA LEU A 108 -19.21 -23.40 60.25
C LEU A 108 -18.84 -22.04 60.83
N ARG A 109 -19.82 -21.16 61.03
CA ARG A 109 -19.56 -19.89 61.70
C ARG A 109 -18.94 -20.07 63.08
N TYR A 110 -19.41 -21.07 63.84
CA TYR A 110 -18.81 -21.41 65.13
C TYR A 110 -17.35 -21.86 64.94
N VAL A 111 -17.11 -22.72 63.95
CA VAL A 111 -15.75 -23.18 63.62
C VAL A 111 -14.85 -22.04 63.15
N ILE A 112 -15.43 -21.07 62.44
CA ILE A 112 -14.68 -19.88 62.00
C ILE A 112 -14.31 -18.99 63.19
N GLU A 113 -15.26 -18.78 64.09
CA GLU A 113 -15.02 -18.01 65.32
C GLU A 113 -13.92 -18.61 66.19
N GLN A 114 -13.80 -19.94 66.17
CA GLN A 114 -12.71 -20.66 66.85
C GLN A 114 -11.37 -20.36 66.19
N SER A 115 -11.37 -20.29 64.86
CA SER A 115 -10.17 -19.94 64.11
C SER A 115 -9.73 -18.49 64.38
N ILE A 116 -10.67 -17.56 64.38
CA ILE A 116 -10.44 -16.15 64.73
C ILE A 116 -9.79 -16.05 66.12
N ALA A 117 -10.36 -16.77 67.09
CA ALA A 117 -9.83 -16.84 68.46
C ALA A 117 -8.40 -17.35 68.48
N ALA A 118 -8.17 -18.49 67.83
CA ALA A 118 -6.83 -19.09 67.77
C ALA A 118 -5.82 -18.16 67.14
N ASN A 119 -6.19 -17.48 66.05
CA ASN A 119 -5.28 -16.56 65.36
C ASN A 119 -5.31 -15.11 65.89
N LYS A 120 -6.13 -14.82 66.91
CA LYS A 120 -6.22 -13.48 67.52
C LYS A 120 -6.48 -12.36 66.51
N GLY A 121 -7.38 -12.62 65.55
CA GLY A 121 -7.65 -11.67 64.46
C GLY A 121 -8.29 -12.32 63.24
N THR A 122 -8.77 -11.47 62.34
CA THR A 122 -9.53 -11.88 61.14
C THR A 122 -8.69 -11.84 59.84
N SER A 123 -7.37 -11.85 59.99
CA SER A 123 -6.44 -11.63 58.90
C SER A 123 -6.43 -12.81 57.92
N LYS A 124 -6.29 -14.03 58.47
CA LYS A 124 -6.41 -15.26 57.68
C LYS A 124 -7.79 -15.39 57.05
N LEU A 125 -8.84 -15.18 57.86
CA LEU A 125 -10.22 -15.20 57.39
C LEU A 125 -10.40 -14.30 56.16
N ALA A 126 -9.90 -13.07 56.25
CA ALA A 126 -9.98 -12.11 55.15
C ALA A 126 -9.34 -12.64 53.87
N ASN A 127 -8.17 -13.28 53.99
CA ASN A 127 -7.52 -13.91 52.82
C ASN A 127 -8.29 -15.13 52.27
N ASP A 128 -8.85 -15.93 53.16
CA ASP A 128 -9.68 -17.08 52.76
C ASP A 128 -10.97 -16.66 52.05
N ILE A 129 -11.61 -15.59 52.53
CA ILE A 129 -12.78 -15.02 51.84
C ILE A 129 -12.42 -14.53 50.41
N ASN A 130 -11.29 -13.83 50.28
CA ASN A 130 -10.84 -13.34 48.97
C ASN A 130 -10.49 -14.50 48.04
N SER A 131 -9.81 -15.51 48.57
CA SER A 131 -9.51 -16.73 47.83
C SER A 131 -10.76 -17.50 47.41
N PHE A 132 -11.74 -17.62 48.32
CA PHE A 132 -13.04 -18.24 47.97
C PHE A 132 -13.76 -17.47 46.87
N ALA A 133 -13.85 -16.16 47.03
CA ALA A 133 -14.62 -15.32 46.11
C ALA A 133 -14.08 -15.39 44.69
N ALA A 134 -12.76 -15.47 44.57
CA ALA A 134 -12.10 -15.65 43.26
C ALA A 134 -12.48 -16.95 42.52
N THR A 135 -13.00 -17.95 43.23
CA THR A 135 -13.49 -19.18 42.58
C THR A 135 -14.98 -19.16 42.16
N VAL A 136 -15.69 -18.05 42.41
CA VAL A 136 -17.13 -17.96 42.11
C VAL A 136 -17.34 -16.97 40.99
N PRO A 137 -17.83 -17.44 39.80
CA PRO A 137 -17.87 -16.56 38.63
C PRO A 137 -18.58 -15.23 38.87
N GLU A 138 -19.76 -15.28 39.52
CA GLU A 138 -20.52 -14.04 39.75
C GLU A 138 -19.86 -13.06 40.74
N LEU A 139 -18.92 -13.53 41.55
CA LEU A 139 -18.17 -12.69 42.50
C LEU A 139 -16.73 -12.40 42.06
N SER A 140 -16.46 -12.56 40.76
CA SER A 140 -15.10 -12.39 40.22
C SER A 140 -15.15 -12.06 38.74
N ALA A 141 -13.98 -11.85 38.13
CA ALA A 141 -13.87 -11.29 36.79
C ALA A 141 -14.66 -11.98 35.67
N SER A 142 -14.68 -13.31 35.69
CA SER A 142 -15.20 -14.06 34.53
C SER A 142 -16.66 -13.75 34.20
N SER A 143 -17.47 -13.38 35.19
CA SER A 143 -18.89 -13.04 34.92
C SER A 143 -19.07 -11.73 34.16
N GLU A 144 -18.01 -10.93 34.07
CA GLU A 144 -18.03 -9.70 33.26
C GLU A 144 -18.08 -10.00 31.74
N LEU A 145 -17.70 -11.23 31.36
CA LEU A 145 -17.79 -11.75 29.97
C LEU A 145 -16.76 -11.08 29.06
N SER A 146 -15.49 -11.36 29.34
CA SER A 146 -14.39 -10.92 28.48
C SER A 146 -14.40 -11.69 27.15
N LEU A 147 -14.05 -11.00 26.08
CA LEU A 147 -13.78 -11.67 24.81
C LEU A 147 -12.63 -12.68 24.91
N GLN A 148 -11.75 -12.54 25.90
CA GLN A 148 -10.62 -13.47 26.15
C GLN A 148 -11.03 -14.91 26.46
N SER A 149 -12.26 -15.11 26.94
CA SER A 149 -12.74 -16.43 27.29
C SER A 149 -13.20 -17.25 26.07
N MET A 150 -13.26 -16.64 24.88
CA MET A 150 -13.84 -17.28 23.73
C MET A 150 -12.96 -18.46 23.26
N PRO A 151 -13.56 -19.57 22.74
CA PRO A 151 -12.75 -20.72 22.32
C PRO A 151 -11.66 -20.31 21.32
N ASN A 152 -10.44 -20.77 21.55
CA ASN A 152 -9.31 -20.45 20.67
C ASN A 152 -9.08 -18.96 20.43
N TYR A 153 -9.21 -18.17 21.50
CA TYR A 153 -9.00 -16.73 21.41
C TYR A 153 -7.56 -16.40 21.00
N ARG A 154 -7.44 -15.38 20.16
CA ARG A 154 -6.17 -14.87 19.66
C ARG A 154 -5.91 -13.51 20.32
N PRO A 155 -4.90 -13.42 21.18
CA PRO A 155 -4.65 -12.13 21.83
C PRO A 155 -4.22 -11.05 20.85
N ASP A 156 -4.59 -9.81 21.17
CA ASP A 156 -4.32 -8.65 20.33
C ASP A 156 -3.06 -7.96 20.83
N LYS A 157 -2.13 -7.69 19.90
CA LYS A 157 -0.85 -7.05 20.20
C LYS A 157 -0.94 -5.62 20.80
N SER A 158 -2.09 -4.96 20.63
CA SER A 158 -2.33 -3.65 21.22
C SER A 158 -2.26 -3.67 22.76
N GLY A 159 -2.53 -4.81 23.37
CA GLY A 159 -2.51 -4.94 24.82
C GLY A 159 -3.76 -4.42 25.48
N THR A 160 -4.76 -4.03 24.67
CA THR A 160 -6.10 -3.72 25.18
C THR A 160 -7.08 -4.58 24.41
N ILE A 161 -8.29 -4.69 24.95
CA ILE A 161 -9.35 -5.49 24.35
C ILE A 161 -10.52 -4.54 24.11
N ASP A 162 -10.68 -4.14 22.86
CA ASP A 162 -11.59 -3.07 22.45
C ASP A 162 -13.02 -3.32 22.87
N SER A 163 -13.48 -4.55 22.64
CA SER A 163 -14.84 -4.98 22.97
C SER A 163 -15.12 -5.42 24.43
N ASP A 164 -14.16 -5.21 25.34
CA ASP A 164 -14.36 -5.49 26.76
C ASP A 164 -14.77 -4.19 27.46
N GLN A 165 -16.04 -3.84 27.30
CA GLN A 165 -16.59 -2.59 27.79
C GLN A 165 -17.95 -2.77 28.45
N VAL A 166 -18.28 -1.76 29.23
CA VAL A 166 -19.58 -1.58 29.79
C VAL A 166 -19.93 -0.08 29.67
N ILE A 167 -21.19 0.24 29.35
CA ILE A 167 -21.67 1.63 29.37
C ILE A 167 -22.44 1.94 30.65
N PHE A 168 -22.42 3.20 31.07
CA PHE A 168 -23.23 3.65 32.20
C PHE A 168 -24.51 4.22 31.62
N VAL A 169 -25.64 3.71 32.08
CA VAL A 169 -26.95 4.10 31.56
C VAL A 169 -27.76 4.72 32.67
N ASN A 170 -28.83 5.41 32.28
CA ASN A 170 -29.72 6.02 33.23
C ASN A 170 -30.57 4.98 33.93
N ASN A 171 -30.84 5.22 35.21
CA ASN A 171 -31.74 4.35 35.97
C ASN A 171 -32.32 5.10 37.17
N ASN A 172 -33.51 5.68 36.97
CA ASN A 172 -34.28 6.30 38.04
C ASN A 172 -35.56 5.51 38.38
N SER A 173 -35.46 4.18 38.35
CA SER A 173 -36.60 3.30 38.63
C SER A 173 -36.99 3.30 40.11
N LYS A 174 -38.27 3.02 40.35
CA LYS A 174 -38.81 2.80 41.69
C LYS A 174 -39.08 1.32 41.98
N ASP A 175 -38.81 0.47 40.99
CA ASP A 175 -38.96 -0.98 41.11
C ASP A 175 -37.71 -1.51 41.83
N PRO A 176 -37.87 -2.18 42.98
CA PRO A 176 -36.69 -2.72 43.68
C PRO A 176 -35.90 -3.78 42.91
N ARG A 177 -36.52 -4.47 41.95
CA ARG A 177 -35.82 -5.43 41.08
C ARG A 177 -34.83 -4.77 40.12
N LYS A 178 -35.11 -3.52 39.74
CA LYS A 178 -34.22 -2.73 38.88
C LYS A 178 -33.23 -1.82 39.62
N GLY A 179 -33.54 -1.45 40.87
CA GLY A 179 -32.67 -0.55 41.60
C GLY A 179 -32.74 0.85 41.05
N ASN A 180 -31.82 1.70 41.51
CA ASN A 180 -31.86 3.14 41.24
C ASN A 180 -30.47 3.71 41.47
N THR A 181 -29.93 4.34 40.43
CA THR A 181 -28.60 4.95 40.50
C THR A 181 -28.70 6.36 39.90
N SER A 182 -29.74 7.09 40.30
CA SER A 182 -30.13 8.32 39.58
C SER A 182 -29.09 9.46 39.67
N TYR A 183 -28.33 9.46 40.77
CA TYR A 183 -27.14 10.34 40.95
C TYR A 183 -26.10 10.23 39.79
N ALA A 184 -26.10 9.09 39.08
CA ALA A 184 -25.24 8.86 37.90
C ALA A 184 -25.94 9.02 36.53
N ASP A 185 -27.18 9.49 36.52
CA ASP A 185 -27.91 9.81 35.30
C ASP A 185 -27.28 10.98 34.58
N SER A 186 -27.57 11.04 33.28
CA SER A 186 -27.08 12.11 32.43
C SER A 186 -28.05 12.35 31.26
N ASN A 187 -28.20 13.63 30.94
CA ASN A 187 -28.84 14.09 29.72
C ASN A 187 -27.92 14.10 28.48
N TYR A 188 -26.65 13.72 28.63
CA TYR A 188 -25.69 13.74 27.53
C TYR A 188 -25.23 12.32 27.18
N ARG A 189 -23.98 11.98 27.43
CA ARG A 189 -23.38 10.75 26.89
C ARG A 189 -23.68 10.56 25.38
N LEU A 190 -23.49 11.63 24.60
CA LEU A 190 -23.52 11.49 23.13
C LEU A 190 -22.24 10.76 22.76
N MET A 191 -22.37 9.48 22.39
CA MET A 191 -21.22 8.64 22.07
C MET A 191 -20.97 8.56 20.56
N ASN A 192 -19.70 8.41 20.20
CA ASN A 192 -19.23 8.24 18.82
C ASN A 192 -19.47 9.48 17.95
N ARG A 193 -19.48 10.66 18.56
CA ARG A 193 -19.51 11.92 17.80
C ARG A 193 -18.07 12.29 17.44
N THR A 194 -17.45 11.34 16.75
CA THR A 194 -16.03 11.28 16.52
C THR A 194 -15.76 11.59 15.05
N ILE A 195 -14.72 12.39 14.84
CA ILE A 195 -14.26 12.81 13.50
C ILE A 195 -15.42 13.41 12.69
N ASN A 196 -15.75 12.85 11.52
CA ASN A 196 -16.82 13.40 10.69
C ASN A 196 -18.23 13.09 11.21
N ASN A 197 -18.37 12.22 12.22
CA ASN A 197 -19.67 11.98 12.83
C ASN A 197 -19.99 12.94 13.99
N GLN A 198 -19.27 14.06 14.09
CA GLN A 198 -19.52 15.09 15.12
C GLN A 198 -21.00 15.48 15.26
N ALA A 199 -21.65 15.72 14.12
CA ALA A 199 -23.07 16.08 14.11
C ALA A 199 -24.04 14.88 14.15
N GLY A 200 -23.54 13.66 14.27
CA GLY A 200 -24.36 12.46 14.31
C GLY A 200 -24.96 12.03 13.00
N ASN A 201 -24.44 12.52 11.89
CA ASN A 201 -25.03 12.21 10.56
C ASN A 201 -24.06 11.79 9.45
N ASN A 202 -22.88 11.32 9.83
CA ASN A 202 -21.89 10.85 8.87
C ASN A 202 -20.91 9.95 9.60
N ASN A 203 -21.24 8.66 9.63
CA ASN A 203 -20.38 7.65 10.26
C ASN A 203 -19.44 6.97 9.26
N SER A 204 -18.99 7.69 8.23
CA SER A 204 -18.10 7.06 7.24
C SER A 204 -16.73 6.66 7.85
N ASP A 205 -16.37 7.24 9.01
CA ASP A 205 -15.13 6.84 9.72
C ASP A 205 -15.34 5.65 10.67
N ASN A 206 -16.55 5.51 11.19
CA ASN A 206 -16.83 4.49 12.22
C ASN A 206 -15.75 4.43 13.31
N SER A 207 -15.35 5.60 13.83
CA SER A 207 -14.31 5.67 14.88
C SER A 207 -14.95 5.55 16.29
N PRO A 208 -14.44 4.60 17.10
CA PRO A 208 -15.12 4.23 18.35
C PRO A 208 -14.92 5.21 19.52
N GLU A 209 -15.95 5.32 20.35
CA GLU A 209 -15.91 6.12 21.58
C GLU A 209 -15.00 5.51 22.63
N LEU A 210 -14.98 4.19 22.71
CA LEU A 210 -14.31 3.50 23.81
C LEU A 210 -12.99 2.87 23.39
N LEU A 211 -11.95 3.08 24.22
CA LEU A 211 -10.65 2.43 24.10
C LEU A 211 -10.38 1.57 25.33
N VAL A 212 -10.00 2.21 26.43
CA VAL A 212 -9.69 1.52 27.67
C VAL A 212 -9.85 2.53 28.83
N GLY A 213 -10.11 2.02 30.03
CA GLY A 213 -10.26 2.84 31.23
C GLY A 213 -11.67 3.37 31.45
N ASN A 214 -11.79 4.38 32.32
CA ASN A 214 -13.05 5.09 32.50
C ASN A 214 -13.15 6.13 31.43
N ASP A 215 -14.10 5.95 30.51
CA ASP A 215 -14.24 6.87 29.36
C ASP A 215 -14.95 8.17 29.78
N ILE A 216 -14.30 9.31 29.56
CA ILE A 216 -14.88 10.61 29.96
C ILE A 216 -15.94 11.06 28.95
N ASP A 217 -17.06 11.57 29.45
CA ASP A 217 -18.12 12.08 28.56
C ASP A 217 -17.80 13.50 28.07
N ASN A 218 -17.04 13.58 26.97
CA ASN A 218 -16.67 14.87 26.37
C ASN A 218 -17.78 15.59 25.58
N SER A 219 -18.98 15.01 25.56
CA SER A 219 -20.22 15.70 25.13
C SER A 219 -20.91 16.51 26.25
N ASN A 220 -20.60 16.22 27.51
CA ASN A 220 -21.20 16.96 28.64
C ASN A 220 -20.65 18.40 28.65
N PRO A 221 -21.53 19.41 28.53
CA PRO A 221 -21.09 20.82 28.50
C PRO A 221 -20.25 21.26 29.69
N VAL A 222 -20.48 20.66 30.87
CA VAL A 222 -19.66 20.96 32.04
C VAL A 222 -18.26 20.36 31.86
N VAL A 223 -18.18 19.14 31.33
CA VAL A 223 -16.87 18.55 31.01
C VAL A 223 -16.10 19.40 29.97
N GLN A 224 -16.81 19.91 28.96
CA GLN A 224 -16.17 20.70 27.90
C GLN A 224 -15.60 22.00 28.46
N ALA A 225 -16.29 22.60 29.42
CA ALA A 225 -15.75 23.78 30.12
C ALA A 225 -14.50 23.42 30.92
N GLU A 226 -14.55 22.28 31.64
CA GLU A 226 -13.39 21.79 32.40
C GLU A 226 -12.15 21.50 31.55
N ASN A 227 -12.33 21.01 30.32
CA ASN A 227 -11.20 20.83 29.40
C ASN A 227 -10.53 22.16 29.03
N LEU A 228 -11.32 23.21 28.90
CA LEU A 228 -10.77 24.56 28.65
C LEU A 228 -9.99 25.05 29.85
N ASN A 229 -10.50 24.76 31.05
CA ASN A 229 -9.78 25.06 32.29
C ASN A 229 -8.40 24.38 32.29
N TRP A 230 -8.39 23.09 31.92
CA TRP A 230 -7.21 22.22 31.99
C TRP A 230 -6.17 22.63 30.96
N GLU A 231 -6.65 23.03 29.80
CA GLU A 231 -5.80 23.59 28.73
C GLU A 231 -5.14 24.91 29.16
N TYR A 232 -5.95 25.85 29.65
CA TYR A 232 -5.44 27.10 30.18
C TYR A 232 -4.39 26.87 31.25
N PHE A 233 -4.64 25.91 32.13
CA PHE A 233 -3.70 25.54 33.20
C PHE A 233 -2.34 25.15 32.62
N LEU A 234 -2.33 24.19 31.71
CA LEU A 234 -1.09 23.64 31.13
C LEU A 234 -0.30 24.68 30.31
N LEU A 235 -1.04 25.55 29.62
CA LEU A 235 -0.47 26.65 28.86
C LEU A 235 0.16 27.73 29.73
N ASN A 236 -0.16 27.76 31.03
CA ASN A 236 0.45 28.68 31.98
C ASN A 236 1.02 27.96 33.20
N TYR A 237 1.42 26.68 33.03
CA TYR A 237 1.73 25.81 34.18
C TYR A 237 2.63 26.46 35.23
N GLY A 238 3.84 26.81 34.82
CA GLY A 238 4.86 27.33 35.73
C GLY A 238 4.43 28.55 36.52
N LYS A 239 3.82 29.52 35.85
CA LYS A 239 3.42 30.72 36.59
C LYS A 239 2.18 30.53 37.44
N LEU A 240 1.27 29.63 37.05
CA LEU A 240 0.14 29.30 37.89
C LEU A 240 0.51 28.47 39.13
N MET A 241 1.61 27.73 39.06
CA MET A 241 2.11 26.98 40.23
C MET A 241 3.12 27.74 41.10
N GLY A 242 3.57 28.91 40.65
CA GLY A 242 4.69 29.62 41.27
C GLY A 242 6.01 28.88 41.11
N TYR A 243 6.16 28.13 40.02
CA TYR A 243 7.43 27.47 39.70
C TYR A 243 8.10 28.34 38.66
N ASN A 244 9.03 27.81 37.87
CA ASN A 244 9.75 28.65 36.92
C ASN A 244 8.72 29.40 36.08
N PRO A 245 8.78 30.75 36.07
CA PRO A 245 7.74 31.52 35.35
C PRO A 245 7.79 31.42 33.82
N ASP A 246 8.87 30.89 33.25
CA ASP A 246 8.90 30.56 31.84
C ASP A 246 8.59 29.06 31.59
N GLY A 247 8.08 28.34 32.61
CA GLY A 247 7.84 26.88 32.50
C GLY A 247 6.42 26.53 32.10
N ASN A 248 6.01 27.02 30.93
CA ASN A 248 4.63 26.98 30.45
C ASN A 248 4.61 26.26 29.10
N PHE A 249 3.70 25.32 28.91
CA PHE A 249 3.58 24.62 27.61
C PHE A 249 3.09 25.57 26.52
N ASP A 250 3.55 25.37 25.28
CA ASP A 250 3.20 26.22 24.14
C ASP A 250 2.02 25.68 23.33
N GLY A 251 1.71 24.39 23.48
CA GLY A 251 0.72 23.72 22.64
C GLY A 251 0.52 22.28 23.07
N PHE A 252 -0.21 21.50 22.27
CA PHE A 252 -0.64 20.14 22.66
C PHE A 252 -0.42 19.06 21.61
N ARG A 253 0.02 17.89 22.08
CA ARG A 253 -0.16 16.67 21.36
C ARG A 253 -1.47 16.08 21.88
N VAL A 254 -2.48 15.96 21.02
CA VAL A 254 -3.84 15.58 21.48
C VAL A 254 -4.06 14.07 21.42
N ASP A 255 -4.02 13.44 22.59
CA ASP A 255 -4.21 12.00 22.72
C ASP A 255 -5.63 11.57 22.33
N ALA A 256 -5.69 10.47 21.56
CA ALA A 256 -6.95 9.82 21.21
C ALA A 256 -7.96 10.77 20.56
N ALA A 257 -7.47 11.65 19.68
CA ALA A 257 -8.33 12.63 18.98
C ALA A 257 -9.49 11.99 18.17
N ASP A 258 -9.34 10.74 17.76
CA ASP A 258 -10.38 10.02 17.02
C ASP A 258 -11.47 9.39 17.93
N ASN A 259 -11.27 9.44 19.25
CA ASN A 259 -12.12 8.69 20.19
C ASN A 259 -12.83 9.56 21.22
N ILE A 260 -12.91 10.87 20.97
CA ILE A 260 -13.56 11.82 21.88
C ILE A 260 -14.50 12.69 21.05
N ASP A 261 -15.56 13.21 21.66
CA ASP A 261 -16.46 14.18 20.99
C ASP A 261 -15.63 15.30 20.31
N ALA A 262 -15.75 15.42 18.99
CA ALA A 262 -14.96 16.36 18.19
C ALA A 262 -15.15 17.82 18.58
N ASP A 263 -16.26 18.13 19.26
CA ASP A 263 -16.43 19.46 19.90
C ASP A 263 -15.17 19.96 20.61
N VAL A 264 -14.50 19.08 21.35
CA VAL A 264 -13.35 19.51 22.16
C VAL A 264 -12.16 20.00 21.30
N LEU A 265 -12.06 19.48 20.08
CA LEU A 265 -11.04 19.92 19.14
C LEU A 265 -11.35 21.35 18.63
N ASP A 266 -12.62 21.62 18.34
CA ASP A 266 -13.06 22.97 17.97
C ASP A 266 -12.79 23.94 19.10
N GLN A 267 -13.07 23.49 20.33
CA GLN A 267 -13.01 24.35 21.51
C GLN A 267 -11.57 24.66 21.90
N MET A 268 -10.68 23.67 21.83
CA MET A 268 -9.26 23.89 22.05
C MET A 268 -8.70 24.94 21.07
N GLY A 269 -9.03 24.78 19.79
CA GLY A 269 -8.59 25.73 18.75
C GLY A 269 -9.11 27.14 18.99
N GLN A 270 -10.36 27.24 19.43
CA GLN A 270 -10.98 28.53 19.78
C GLN A 270 -10.25 29.23 20.93
N LEU A 271 -10.02 28.49 22.01
CA LEU A 271 -9.25 29.01 23.15
C LEU A 271 -7.88 29.54 22.71
N MET A 272 -7.14 28.72 21.98
CA MET A 272 -5.79 29.11 21.59
C MET A 272 -5.75 30.30 20.61
N ASN A 273 -6.78 30.44 19.78
CA ASN A 273 -6.91 31.64 18.97
C ASN A 273 -7.33 32.88 19.80
N ASP A 274 -8.20 32.69 20.77
CA ASP A 274 -8.53 33.77 21.73
C ASP A 274 -7.30 34.30 22.48
N MET A 275 -6.45 33.38 22.93
CA MET A 275 -5.29 33.73 23.74
C MET A 275 -4.11 34.23 22.92
N TYR A 276 -3.88 33.64 21.75
CA TYR A 276 -2.64 33.87 20.99
C TYR A 276 -2.81 34.38 19.56
N HIS A 277 -4.05 34.49 19.07
CA HIS A 277 -4.35 35.06 17.74
C HIS A 277 -3.63 34.28 16.63
N THR A 278 -3.88 32.98 16.64
CA THR A 278 -3.26 32.01 15.74
C THR A 278 -3.86 32.03 14.34
N LYS A 279 -5.17 32.25 14.25
CA LYS A 279 -5.87 32.19 12.98
C LYS A 279 -5.49 33.38 12.10
N GLY A 280 -5.09 33.10 10.87
CA GLY A 280 -4.62 34.13 9.95
C GLY A 280 -3.22 34.68 10.24
N ASN A 281 -2.50 34.07 11.18
CA ASN A 281 -1.18 34.56 11.64
C ASN A 281 -0.23 33.42 11.80
N PRO A 282 0.38 32.98 10.71
CA PRO A 282 1.23 31.79 10.77
C PRO A 282 2.30 31.82 11.86
N GLN A 283 2.85 33.00 12.16
CA GLN A 283 3.88 33.11 13.21
C GLN A 283 3.30 32.70 14.57
N ASN A 284 2.10 33.19 14.86
CA ASN A 284 1.42 32.85 16.11
C ASN A 284 0.95 31.40 16.14
N ALA A 285 0.41 30.93 15.02
CA ALA A 285 -0.05 29.53 14.94
C ALA A 285 1.10 28.54 15.13
N ASN A 286 2.23 28.84 14.47
CA ASN A 286 3.39 27.94 14.46
C ASN A 286 4.15 27.95 15.79
N ASP A 287 4.18 29.11 16.48
CA ASP A 287 4.67 29.16 17.86
C ASP A 287 3.86 28.32 18.85
N HIS A 288 2.59 28.03 18.52
CA HIS A 288 1.72 27.22 19.37
C HIS A 288 1.26 25.97 18.62
N LEU A 289 2.26 25.27 18.10
CA LEU A 289 2.05 24.07 17.32
C LEU A 289 1.27 23.06 18.14
N SER A 290 0.19 22.55 17.55
CA SER A 290 -0.60 21.45 18.14
C SER A 290 -0.91 20.42 17.06
N TYR A 291 -0.96 19.15 17.47
CA TYR A 291 -1.08 18.03 16.54
C TYR A 291 -1.86 16.86 17.18
N ASN A 292 -2.79 16.32 16.42
CA ASN A 292 -3.73 15.30 16.89
C ASN A 292 -3.28 13.91 16.56
N GLU A 293 -3.30 13.02 17.56
CA GLU A 293 -2.98 11.63 17.35
C GLU A 293 -4.21 10.95 16.77
N GLY A 294 -4.02 10.27 15.64
CA GLY A 294 -5.07 9.44 15.08
C GLY A 294 -4.65 8.59 13.91
N TYR A 295 -5.37 7.49 13.75
CA TYR A 295 -5.12 6.50 12.73
C TYR A 295 -6.28 6.42 11.74
N HIS A 296 -7.15 7.43 11.70
CA HIS A 296 -8.25 7.47 10.73
C HIS A 296 -8.02 8.58 9.70
N SER A 297 -7.84 8.21 8.43
CA SER A 297 -7.56 9.18 7.35
C SER A 297 -8.65 10.24 7.13
N GLY A 298 -9.90 9.93 7.51
CA GLY A 298 -10.99 10.91 7.43
C GLY A 298 -10.84 12.15 8.30
N ALA A 299 -9.96 12.12 9.29
CA ALA A 299 -9.62 13.31 10.05
C ALA A 299 -8.95 14.40 9.21
N ALA A 300 -8.28 14.04 8.10
CA ALA A 300 -7.68 15.06 7.21
C ALA A 300 -8.76 16.01 6.70
N GLN A 301 -9.80 15.44 6.12
CA GLN A 301 -10.95 16.19 5.63
C GLN A 301 -11.61 17.02 6.73
N MET A 302 -11.86 16.40 7.88
CA MET A 302 -12.43 17.11 9.02
C MET A 302 -11.63 18.38 9.31
N LEU A 303 -10.33 18.23 9.49
CA LEU A 303 -9.44 19.33 9.82
C LEU A 303 -9.37 20.41 8.74
N ASN A 304 -9.33 20.01 7.46
CA ASN A 304 -9.40 20.99 6.35
C ASN A 304 -10.68 21.84 6.40
N GLU A 305 -11.82 21.19 6.58
CA GLU A 305 -13.12 21.89 6.69
C GLU A 305 -13.16 22.87 7.88
N LYS A 306 -12.43 22.55 8.94
CA LYS A 306 -12.34 23.41 10.13
C LYS A 306 -11.25 24.50 10.08
N GLY A 307 -10.54 24.62 8.96
CA GLY A 307 -9.44 25.56 8.85
C GLY A 307 -8.15 25.14 9.53
N ASN A 308 -8.03 23.84 9.80
CA ASN A 308 -6.82 23.21 10.34
C ASN A 308 -6.36 23.78 11.69
N PRO A 309 -7.18 23.61 12.74
CA PRO A 309 -6.79 24.05 14.08
C PRO A 309 -5.69 23.21 14.74
N GLN A 310 -5.52 21.96 14.28
CA GLN A 310 -4.39 21.11 14.68
C GLN A 310 -3.86 20.35 13.44
N LEU A 311 -2.65 19.81 13.53
CA LEU A 311 -2.12 18.95 12.45
C LEU A 311 -2.79 17.57 12.41
N TYR A 312 -3.02 17.08 11.21
CA TYR A 312 -3.49 15.73 10.97
C TYR A 312 -2.31 14.74 11.11
N MET A 313 -2.52 13.60 11.77
CA MET A 313 -1.46 12.58 11.84
C MET A 313 -1.50 11.66 10.61
N ASP A 314 -0.46 11.76 9.77
CA ASP A 314 -0.36 10.95 8.53
C ASP A 314 0.08 9.51 8.79
N SER A 315 -0.81 8.70 9.36
CA SER A 315 -0.49 7.29 9.65
C SER A 315 -0.27 6.46 8.40
N GLY A 316 -0.91 6.83 7.30
CA GLY A 316 -0.71 6.14 6.01
C GLY A 316 0.76 6.02 5.63
N GLU A 317 1.50 7.12 5.85
CA GLU A 317 2.95 7.17 5.62
C GLU A 317 3.72 6.16 6.47
N PHE A 318 3.36 6.05 7.74
CA PHE A 318 3.98 5.07 8.62
C PHE A 318 3.78 3.65 8.07
N TYR A 319 2.54 3.29 7.73
CA TYR A 319 2.26 1.93 7.24
C TYR A 319 2.95 1.67 5.90
N THR A 320 2.97 2.67 5.03
CA THR A 320 3.67 2.60 3.75
C THR A 320 5.18 2.34 3.99
N LEU A 321 5.78 3.11 4.88
CA LEU A 321 7.21 2.93 5.21
C LEU A 321 7.49 1.50 5.70
N GLU A 322 6.62 0.98 6.56
CA GLU A 322 6.80 -0.37 7.12
C GLU A 322 6.54 -1.47 6.09
N ASN A 323 5.50 -1.31 5.28
CA ASN A 323 5.17 -2.30 4.26
C ASN A 323 6.17 -2.31 3.12
N VAL A 324 6.76 -1.16 2.80
CA VAL A 324 7.71 -1.05 1.67
C VAL A 324 9.14 -1.41 2.09
N LEU A 325 9.60 -0.85 3.21
CA LEU A 325 10.99 -0.99 3.66
C LEU A 325 11.23 -1.91 4.87
N GLY A 326 10.24 -2.01 5.75
CA GLY A 326 10.40 -2.65 7.06
C GLY A 326 10.23 -4.15 7.18
N ARG A 327 9.53 -4.77 6.26
CA ARG A 327 9.29 -6.22 6.32
C ARG A 327 10.53 -7.02 5.90
N ALA A 328 10.58 -8.27 6.34
CA ALA A 328 11.57 -9.24 5.86
C ALA A 328 11.26 -9.64 4.42
N ASN A 329 10.00 -9.99 4.17
CA ASN A 329 9.52 -10.46 2.88
C ASN A 329 8.21 -9.80 2.49
N ASN A 330 7.78 -10.03 1.25
CA ASN A 330 6.52 -9.47 0.70
C ASN A 330 6.47 -7.95 0.92
N ARG A 331 7.57 -7.30 0.57
CA ARG A 331 7.64 -5.86 0.57
C ARG A 331 6.76 -5.29 -0.55
N ASP A 332 6.00 -4.24 -0.25
CA ASP A 332 5.28 -3.51 -1.29
C ASP A 332 6.29 -2.73 -2.14
N ASN A 333 5.84 -2.31 -3.34
CA ASN A 333 6.76 -1.67 -4.31
C ASN A 333 7.25 -0.32 -3.78
N ILE A 334 8.49 0.01 -4.16
CA ILE A 334 9.14 1.25 -3.77
C ILE A 334 8.34 2.48 -4.15
N GLY A 335 7.62 2.42 -5.27
CA GLY A 335 6.75 3.50 -5.71
C GLY A 335 5.61 3.90 -4.76
N ASN A 336 5.22 3.01 -3.83
CA ASN A 336 4.21 3.34 -2.83
C ASN A 336 4.61 4.53 -1.92
N LEU A 337 5.91 4.71 -1.72
CA LEU A 337 6.46 5.92 -1.07
C LEU A 337 6.07 7.23 -1.78
N ILE A 338 5.79 7.18 -3.09
CA ILE A 338 5.38 8.36 -3.84
C ILE A 338 3.91 8.69 -3.60
N THR A 339 3.05 7.67 -3.60
CA THR A 339 1.59 7.87 -3.67
C THR A 339 0.80 7.59 -2.37
N ASN A 340 1.29 6.70 -1.52
CA ASN A 340 0.49 6.21 -0.37
C ASN A 340 0.79 6.98 0.92
N SER A 341 0.35 8.23 0.89
CA SER A 341 0.49 9.20 1.99
C SER A 341 -0.64 10.19 1.80
N ILE A 342 -0.96 10.99 2.81
CA ILE A 342 -1.90 12.09 2.63
C ILE A 342 -1.41 13.15 1.62
N VAL A 343 -0.11 13.17 1.33
CA VAL A 343 0.47 14.01 0.27
C VAL A 343 1.14 13.14 -0.83
N ASN A 344 0.72 13.33 -2.07
CA ASN A 344 1.41 12.76 -3.23
C ASN A 344 2.69 13.60 -3.51
N ARG A 345 3.84 12.95 -3.56
CA ARG A 345 5.15 13.63 -3.64
C ARG A 345 5.87 13.31 -4.96
N GLN A 346 5.09 13.01 -6.00
CA GLN A 346 5.66 12.77 -7.33
C GLN A 346 6.36 14.04 -7.80
N ASN A 347 5.63 15.14 -7.80
CA ASN A 347 6.18 16.43 -8.18
C ASN A 347 5.45 17.52 -7.36
N ASP A 348 5.86 17.64 -6.11
CA ASP A 348 5.21 18.52 -5.13
C ASP A 348 5.90 19.86 -5.19
N THR A 349 5.29 20.82 -5.90
CA THR A 349 5.94 22.11 -6.20
C THR A 349 5.08 23.34 -5.89
N THR A 350 4.11 23.20 -4.99
CA THR A 350 3.25 24.31 -4.57
C THR A 350 3.26 24.37 -3.05
N GLU A 351 2.70 25.43 -2.49
CA GLU A 351 2.55 25.55 -1.03
C GLU A 351 1.10 25.92 -0.68
N ASN A 352 0.77 25.74 0.59
CA ASN A 352 -0.58 25.98 1.12
C ASN A 352 -1.67 25.16 0.48
N GLU A 353 -1.32 24.01 -0.10
CA GLU A 353 -2.28 23.11 -0.74
C GLU A 353 -2.48 21.79 0.03
N ALA A 354 -1.40 21.25 0.59
CA ALA A 354 -1.45 19.96 1.22
C ALA A 354 -2.08 20.10 2.61
N THR A 355 -2.62 18.98 3.10
CA THR A 355 -3.21 18.92 4.43
C THR A 355 -2.10 19.05 5.46
N PRO A 356 -2.16 20.09 6.31
CA PRO A 356 -1.09 20.22 7.30
C PRO A 356 -1.04 18.98 8.17
N ASN A 357 0.14 18.36 8.25
CA ASN A 357 0.24 17.04 8.88
C ASN A 357 1.56 16.81 9.59
N TRP A 358 1.55 15.81 10.48
CA TRP A 358 2.74 15.27 11.12
C TRP A 358 2.86 13.77 10.79
N SER A 359 4.09 13.30 10.62
CA SER A 359 4.39 11.94 10.15
C SER A 359 5.50 11.37 11.02
N PHE A 360 5.63 10.05 11.02
CA PHE A 360 6.57 9.35 11.89
C PHE A 360 7.02 8.01 11.34
N VAL A 361 8.22 7.60 11.75
CA VAL A 361 8.75 6.25 11.55
C VAL A 361 8.35 5.32 12.71
N THR A 362 8.36 5.84 13.94
CA THR A 362 8.03 5.07 15.13
C THR A 362 7.35 5.99 16.12
N ASN A 363 6.45 5.42 16.91
CA ASN A 363 6.02 6.07 18.15
C ASN A 363 5.92 5.03 19.27
N HIS A 364 5.69 5.51 20.49
CA HIS A 364 5.66 4.63 21.68
C HIS A 364 4.70 3.41 21.54
N ASP A 365 3.54 3.61 20.92
CA ASP A 365 2.55 2.53 20.72
C ASP A 365 3.00 1.49 19.70
N GLN A 366 3.70 1.91 18.65
CA GLN A 366 4.15 0.97 17.62
C GLN A 366 5.26 0.06 18.14
N ARG A 367 6.16 0.60 18.96
CA ARG A 367 7.15 -0.23 19.66
C ARG A 367 6.48 -1.23 20.58
N LYS A 368 5.46 -0.78 21.32
CA LYS A 368 4.64 -1.66 22.18
C LYS A 368 4.00 -2.83 21.42
N ASN A 369 3.38 -2.55 20.27
CA ASN A 369 2.77 -3.62 19.40
C ASN A 369 3.77 -4.73 19.06
N LEU A 370 4.99 -4.34 18.77
CA LEU A 370 6.08 -5.28 18.50
C LEU A 370 6.44 -6.07 19.74
N ILE A 371 6.64 -5.39 20.87
CA ILE A 371 6.98 -6.07 22.12
C ILE A 371 5.87 -7.03 22.55
N ASN A 372 4.61 -6.61 22.44
CA ASN A 372 3.48 -7.48 22.80
C ASN A 372 3.34 -8.70 21.86
N ARG A 373 3.53 -8.50 20.55
CA ARG A 373 3.64 -9.64 19.58
C ARG A 373 4.64 -10.68 20.10
N LEU A 374 5.82 -10.20 20.46
CA LEU A 374 6.88 -11.05 20.99
C LEU A 374 6.44 -11.77 22.29
N ILE A 375 5.76 -11.06 23.19
CA ILE A 375 5.25 -11.67 24.42
C ILE A 375 4.25 -12.80 24.12
N ILE A 376 3.35 -12.55 23.18
CA ILE A 376 2.34 -13.53 22.77
C ILE A 376 3.02 -14.77 22.14
N LYS A 377 3.96 -14.53 21.24
CA LYS A 377 4.75 -15.61 20.64
C LYS A 377 5.46 -16.44 21.69
N ASP A 378 6.11 -15.77 22.64
CA ASP A 378 6.87 -16.46 23.70
C ASP A 378 6.04 -17.22 24.73
N HIS A 379 4.74 -16.93 24.84
CA HIS A 379 3.87 -17.52 25.87
C HIS A 379 2.47 -17.82 25.34
N SER A 380 2.42 -18.64 24.30
CA SER A 380 1.17 -19.23 23.81
C SER A 380 0.51 -20.11 24.84
N ASN A 381 -0.76 -20.41 24.57
CA ASN A 381 -1.69 -21.09 25.47
C ASN A 381 -1.98 -20.33 26.74
N ILE A 382 -1.61 -19.05 26.82
CA ILE A 382 -2.07 -18.18 27.86
C ILE A 382 -2.97 -17.15 27.15
N PRO A 383 -4.30 -17.41 27.12
CA PRO A 383 -5.20 -16.58 26.32
C PRO A 383 -5.39 -15.15 26.85
N ASP A 384 -5.39 -14.97 28.17
CA ASP A 384 -5.50 -13.62 28.79
C ASP A 384 -4.12 -12.99 29.13
N ILE A 385 -3.09 -13.42 28.40
CA ILE A 385 -1.76 -12.83 28.50
C ILE A 385 -1.66 -11.30 28.34
N MET A 386 -2.56 -10.69 27.58
CA MET A 386 -2.58 -9.22 27.45
C MET A 386 -3.51 -8.54 28.49
N GLY A 387 -4.30 -9.31 29.21
CA GLY A 387 -5.08 -8.80 30.36
C GLY A 387 -4.45 -9.14 31.70
N SER A 388 -5.21 -9.81 32.56
CA SER A 388 -4.83 -10.02 33.96
C SER A 388 -3.68 -11.02 34.16
N ALA A 389 -3.39 -11.87 33.17
CA ALA A 389 -2.22 -12.76 33.24
C ALA A 389 -0.90 -12.16 32.68
N TYR A 390 -0.91 -10.87 32.32
CA TYR A 390 0.29 -10.16 31.86
C TYR A 390 1.27 -10.10 33.00
N LYS A 391 2.55 -10.31 32.71
CA LYS A 391 3.59 -10.23 33.71
C LYS A 391 4.77 -9.46 33.15
N VAL A 392 5.30 -8.53 33.95
CA VAL A 392 6.47 -7.73 33.54
C VAL A 392 7.68 -8.58 33.12
N GLU A 393 7.84 -9.76 33.72
CA GLU A 393 8.91 -10.68 33.33
C GLU A 393 8.84 -11.06 31.84
N TYR A 394 7.64 -11.13 31.29
CA TYR A 394 7.48 -11.43 29.87
C TYR A 394 8.02 -10.27 29.02
N ALA A 395 7.74 -9.04 29.46
CA ALA A 395 8.28 -7.84 28.78
C ALA A 395 9.81 -7.82 28.77
N ASN A 396 10.41 -8.08 29.93
CA ASN A 396 11.87 -8.13 30.08
C ASN A 396 12.51 -9.13 29.13
N GLN A 397 11.92 -10.33 29.08
CA GLN A 397 12.35 -11.37 28.14
C GLN A 397 12.23 -10.86 26.70
N ALA A 398 11.09 -10.25 26.37
CA ALA A 398 10.89 -9.70 25.02
C ALA A 398 11.93 -8.61 24.66
N TRP A 399 12.26 -7.75 25.62
CA TRP A 399 13.25 -6.68 25.36
C TRP A 399 14.65 -7.21 25.10
N GLN A 400 15.07 -8.19 25.90
CA GLN A 400 16.31 -8.90 25.65
C GLN A 400 16.31 -9.52 24.23
N GLU A 401 15.19 -10.14 23.84
CA GLU A 401 15.07 -10.72 22.49
C GLU A 401 15.09 -9.64 21.40
N PHE A 402 14.45 -8.50 21.66
CA PHE A 402 14.38 -7.39 20.71
C PHE A 402 15.74 -6.74 20.43
N TYR A 403 16.49 -6.40 21.49
CA TYR A 403 17.82 -5.75 21.34
C TYR A 403 18.77 -6.62 20.54
N ALA A 404 18.70 -7.92 20.82
CA ALA A 404 19.50 -8.92 20.08
C ALA A 404 19.09 -8.95 18.60
N ASP A 405 17.79 -9.03 18.35
CA ASP A 405 17.27 -9.12 16.98
C ASP A 405 17.49 -7.83 16.18
N GLN A 406 17.38 -6.67 16.84
CA GLN A 406 17.61 -5.36 16.22
C GLN A 406 19.01 -5.23 15.60
N GLU A 407 20.00 -5.94 16.17
CA GLU A 407 21.38 -5.93 15.67
C GLU A 407 21.66 -6.87 14.49
N LYS A 408 20.76 -7.82 14.22
CA LYS A 408 20.96 -8.82 13.17
C LYS A 408 20.75 -8.23 11.78
N THR A 409 21.31 -8.94 10.79
CA THR A 409 21.00 -8.68 9.40
C THR A 409 19.61 -9.26 9.08
N ASN A 410 19.41 -10.53 9.39
CA ASN A 410 18.11 -11.20 9.17
C ASN A 410 17.20 -11.09 10.38
N LYS A 411 16.66 -9.89 10.55
CA LYS A 411 15.82 -9.58 11.69
C LYS A 411 14.52 -10.39 11.61
N GLN A 412 14.15 -11.01 12.72
CA GLN A 412 12.89 -11.74 12.87
C GLN A 412 11.71 -10.90 13.39
N TYR A 413 11.99 -9.81 14.09
CA TYR A 413 10.95 -9.02 14.77
C TYR A 413 11.07 -7.52 14.52
N ALA A 414 12.27 -6.98 14.71
CA ALA A 414 12.52 -5.55 14.51
C ALA A 414 12.45 -5.16 13.05
N GLN A 415 12.32 -3.86 12.82
CA GLN A 415 12.13 -3.30 11.47
C GLN A 415 13.41 -3.34 10.65
N TYR A 416 13.25 -3.67 9.37
CA TYR A 416 14.33 -3.52 8.41
C TYR A 416 14.42 -2.03 8.01
N ASN A 417 15.59 -1.63 7.52
CA ASN A 417 15.79 -0.34 6.85
C ASN A 417 15.35 0.89 7.66
N VAL A 418 15.63 0.88 8.97
CA VAL A 418 15.24 2.01 9.82
C VAL A 418 15.89 3.32 9.37
N PRO A 419 17.21 3.32 9.05
CA PRO A 419 17.84 4.56 8.53
C PRO A 419 17.18 5.13 7.27
N ALA A 420 16.80 4.25 6.33
CA ALA A 420 16.18 4.67 5.07
C ALA A 420 14.76 5.19 5.29
N GLN A 421 14.04 4.57 6.23
CA GLN A 421 12.71 5.07 6.62
C GLN A 421 12.82 6.52 7.11
N TYR A 422 13.84 6.78 7.94
CA TYR A 422 14.13 8.13 8.41
C TYR A 422 14.65 9.09 7.32
N ALA A 423 15.45 8.58 6.40
CA ALA A 423 15.94 9.41 5.30
C ALA A 423 14.79 9.96 4.45
N ILE A 424 13.77 9.12 4.21
CA ILE A 424 12.53 9.53 3.52
C ILE A 424 11.72 10.53 4.36
N LEU A 425 11.47 10.16 5.63
CA LEU A 425 10.69 10.98 6.54
C LEU A 425 11.24 12.41 6.66
N LEU A 426 12.55 12.52 6.83
CA LEU A 426 13.23 13.82 7.11
C LEU A 426 13.54 14.66 5.85
N SER A 427 13.40 14.09 4.66
CA SER A 427 13.46 14.82 3.39
C SER A 427 12.10 15.15 2.78
N ASN A 428 11.01 14.52 3.25
CA ASN A 428 9.68 14.78 2.69
C ASN A 428 9.23 16.25 2.87
N LYS A 429 8.59 16.78 1.83
CA LYS A 429 7.99 18.10 1.84
C LYS A 429 6.55 17.98 2.40
N ASP A 430 5.97 19.10 2.81
CA ASP A 430 4.60 19.13 3.26
C ASP A 430 4.34 18.12 4.41
N THR A 431 5.18 18.20 5.44
CA THR A 431 4.99 17.47 6.70
C THR A 431 5.87 18.04 7.81
N VAL A 432 5.43 17.84 9.05
CA VAL A 432 6.30 18.05 10.21
C VAL A 432 6.66 16.63 10.67
N PRO A 433 7.91 16.20 10.46
CA PRO A 433 8.27 14.84 10.86
C PRO A 433 8.51 14.76 12.36
N GLN A 434 8.27 13.57 12.90
CA GLN A 434 8.36 13.28 14.32
C GLN A 434 9.34 12.12 14.52
N VAL A 435 10.45 12.41 15.23
CA VAL A 435 11.47 11.43 15.58
C VAL A 435 11.11 10.78 16.95
N TYR A 436 11.39 9.49 17.11
CA TYR A 436 11.09 8.74 18.33
C TYR A 436 12.32 8.58 19.23
N TYR A 437 12.14 8.89 20.52
CA TYR A 437 13.18 8.72 21.54
C TYR A 437 13.89 7.37 21.44
N GLY A 438 13.13 6.30 21.30
CA GLY A 438 13.66 4.95 21.26
C GLY A 438 14.40 4.50 20.01
N ASP A 439 14.43 5.33 18.97
CA ASP A 439 15.26 5.10 17.80
C ASP A 439 16.61 5.79 17.94
N LEU A 440 16.72 6.77 18.84
CA LEU A 440 18.00 7.40 19.17
C LEU A 440 18.69 6.74 20.36
N TYR A 441 17.90 6.20 21.31
CA TYR A 441 18.43 5.65 22.57
C TYR A 441 17.80 4.29 22.90
N ASN A 442 18.55 3.44 23.61
CA ASN A 442 17.99 2.19 24.13
C ASN A 442 17.00 2.52 25.23
N GLU A 443 15.71 2.38 24.87
CA GLU A 443 14.65 3.00 25.64
C GLU A 443 14.36 2.38 27.01
N THR A 444 14.83 1.17 27.28
CA THR A 444 14.65 0.54 28.60
C THR A 444 15.78 0.81 29.60
N ALA A 445 16.88 1.40 29.16
CA ALA A 445 17.94 1.86 30.07
C ALA A 445 17.55 3.19 30.72
N GLN A 446 18.35 3.64 31.67
CA GLN A 446 18.11 4.95 32.28
C GLN A 446 18.17 6.00 31.20
N TYR A 447 17.43 7.09 31.42
CA TYR A 447 17.13 8.06 30.37
C TYR A 447 18.39 8.65 29.70
N MET A 448 18.51 8.38 28.39
CA MET A 448 19.60 8.85 27.55
C MET A 448 20.97 8.28 27.86
N GLN A 449 21.05 7.20 28.66
CA GLN A 449 22.35 6.64 29.04
C GLN A 449 23.02 5.78 27.95
N GLU A 450 22.22 5.08 27.14
CA GLU A 450 22.72 4.22 26.05
C GLU A 450 22.16 4.64 24.69
N LYS A 451 23.04 4.99 23.76
CA LYS A 451 22.63 5.30 22.39
C LYS A 451 22.22 4.02 21.65
N SER A 452 21.21 4.14 20.79
CA SER A 452 20.77 3.05 19.91
C SER A 452 21.77 2.93 18.79
N ILE A 453 21.80 1.75 18.19
CA ILE A 453 22.62 1.53 17.00
C ILE A 453 22.27 2.48 15.84
N TYR A 454 21.04 2.98 15.79
CA TYR A 454 20.64 3.92 14.73
C TYR A 454 20.92 5.39 15.05
N TYR A 455 21.46 5.68 16.25
CA TYR A 455 21.73 7.07 16.67
C TYR A 455 22.52 7.85 15.62
N ASP A 456 23.62 7.27 15.14
CA ASP A 456 24.52 7.99 14.21
C ASP A 456 23.82 8.31 12.89
N ALA A 457 23.19 7.31 12.30
CA ALA A 457 22.47 7.50 11.05
C ALA A 457 21.37 8.55 11.16
N ILE A 458 20.51 8.43 12.18
CA ILE A 458 19.35 9.32 12.32
C ILE A 458 19.77 10.76 12.63
N THR A 459 20.70 10.92 13.57
CA THR A 459 21.22 12.26 13.91
C THR A 459 21.95 12.94 12.76
N THR A 460 22.65 12.16 11.93
CA THR A 460 23.25 12.68 10.69
C THR A 460 22.14 13.24 9.80
N LEU A 461 21.05 12.49 9.63
CA LEU A 461 19.93 12.95 8.81
C LEU A 461 19.24 14.20 9.40
N MET A 462 19.08 14.24 10.72
CA MET A 462 18.47 15.38 11.43
C MET A 462 19.25 16.70 11.19
N ARG A 463 20.56 16.67 11.37
CA ARG A 463 21.39 17.88 11.20
C ARG A 463 21.39 18.38 9.76
N ALA A 464 21.50 17.44 8.83
CA ALA A 464 21.46 17.77 7.40
C ALA A 464 20.13 18.38 6.98
N ARG A 465 19.03 17.93 7.61
CA ARG A 465 17.70 18.50 7.29
C ARG A 465 17.69 20.01 7.50
N LYS A 466 18.09 20.43 8.70
CA LYS A 466 18.15 21.85 9.08
C LYS A 466 19.05 22.64 8.14
N GLN A 467 20.16 22.01 7.75
CA GLN A 467 21.11 22.65 6.84
C GLN A 467 20.66 22.75 5.37
N PHE A 468 19.93 21.74 4.89
CA PHE A 468 19.75 21.55 3.43
C PHE A 468 18.33 21.41 2.88
N VAL A 469 17.39 20.92 3.69
CA VAL A 469 16.10 20.46 3.18
C VAL A 469 15.08 21.59 3.04
N SER A 470 14.81 21.97 1.79
CA SER A 470 13.84 23.02 1.45
C SER A 470 13.55 22.97 -0.07
N GLY A 471 12.54 23.71 -0.52
CA GLY A 471 12.13 23.76 -1.94
C GLY A 471 11.19 22.66 -2.38
N GLY A 472 10.98 22.59 -3.70
CA GLY A 472 10.12 21.57 -4.28
C GLY A 472 10.64 20.16 -4.07
N GLN A 473 9.77 19.18 -4.26
CA GLN A 473 10.15 17.78 -4.18
C GLN A 473 9.71 17.01 -5.43
N THR A 474 10.60 16.18 -5.95
CA THR A 474 10.27 15.20 -6.96
C THR A 474 10.76 13.80 -6.53
N MET A 475 9.85 12.82 -6.59
CA MET A 475 10.17 11.40 -6.36
C MET A 475 9.94 10.61 -7.65
N THR A 476 10.95 9.83 -8.03
CA THR A 476 11.00 9.17 -9.35
C THR A 476 11.60 7.78 -9.21
N LYS A 477 10.94 6.77 -9.77
CA LYS A 477 11.56 5.44 -9.85
C LYS A 477 12.70 5.45 -10.87
N LEU A 478 13.87 5.01 -10.44
CA LEU A 478 15.05 4.81 -11.32
C LEU A 478 15.08 3.38 -11.89
N ASN A 479 14.58 2.42 -11.14
CA ASN A 479 14.23 1.10 -11.65
C ASN A 479 13.03 0.60 -10.85
N ASN A 480 12.61 -0.65 -11.04
CA ASN A 480 11.39 -1.14 -10.44
C ASN A 480 11.40 -1.14 -8.90
N ASN A 481 12.57 -1.18 -8.29
CA ASN A 481 12.73 -1.33 -6.83
C ASN A 481 13.58 -0.24 -6.16
N LEU A 482 13.95 0.82 -6.90
CA LEU A 482 14.81 1.90 -6.41
C LEU A 482 14.27 3.25 -6.83
N LEU A 483 14.34 4.21 -5.92
CA LEU A 483 13.78 5.55 -6.12
C LEU A 483 14.73 6.66 -5.68
N ALA A 484 14.60 7.83 -6.29
CA ALA A 484 15.31 9.05 -5.90
C ALA A 484 14.29 10.08 -5.48
N SER A 485 14.45 10.56 -4.24
CA SER A 485 13.63 11.64 -3.69
C SER A 485 14.56 12.84 -3.61
N VAL A 486 14.20 13.88 -4.34
CA VAL A 486 15.03 15.07 -4.47
C VAL A 486 14.28 16.30 -3.97
N ARG A 487 14.96 17.09 -3.13
CA ARG A 487 14.54 18.46 -2.80
C ARG A 487 15.49 19.47 -3.49
N TYR A 488 14.90 20.50 -4.08
CA TYR A 488 15.63 21.41 -4.96
C TYR A 488 16.34 22.57 -4.26
N GLY A 489 16.00 22.85 -3.01
CA GLY A 489 16.70 23.88 -2.21
C GLY A 489 15.80 25.06 -1.84
N LYS A 490 16.23 25.86 -0.86
CA LYS A 490 15.45 27.03 -0.44
C LYS A 490 15.27 28.01 -1.60
N GLY A 491 14.02 28.44 -1.81
CA GLY A 491 13.66 29.30 -2.91
C GLY A 491 13.81 28.69 -4.30
N VAL A 492 13.86 27.36 -4.39
CA VAL A 492 13.91 26.64 -5.68
C VAL A 492 12.62 25.82 -5.77
N VAL A 493 11.68 26.28 -6.59
CA VAL A 493 10.32 25.74 -6.65
C VAL A 493 10.22 24.36 -7.32
N ASP A 494 10.99 24.16 -8.38
CA ASP A 494 10.95 22.90 -9.15
C ASP A 494 12.27 22.68 -9.96
N ALA A 495 12.32 21.60 -10.75
CA ALA A 495 13.53 21.20 -11.46
C ALA A 495 14.01 22.24 -12.49
N ASN A 496 13.09 23.11 -12.93
CA ASN A 496 13.38 24.16 -13.89
C ASN A 496 13.73 25.53 -13.30
N SER A 497 13.62 25.72 -11.99
CA SER A 497 13.93 27.01 -11.37
C SER A 497 15.43 27.27 -11.26
N ASN A 498 15.82 28.54 -11.38
CA ASN A 498 17.18 29.01 -11.07
C ASN A 498 17.47 29.21 -9.57
N GLY A 499 16.42 29.43 -8.78
CA GLY A 499 16.60 29.78 -7.37
C GLY A 499 16.44 31.28 -7.15
N THR A 500 15.68 31.63 -6.10
CA THR A 500 15.38 33.03 -5.81
C THR A 500 15.94 33.48 -4.45
N ASP A 501 16.68 32.61 -3.75
CA ASP A 501 17.17 32.89 -2.40
C ASP A 501 18.69 32.81 -2.43
N LYS A 502 19.34 33.52 -1.53
CA LYS A 502 20.80 33.47 -1.44
C LYS A 502 21.33 32.07 -1.08
N LEU A 503 20.49 31.23 -0.47
CA LEU A 503 20.87 29.87 -0.13
C LEU A 503 20.40 28.82 -1.16
N SER A 504 19.74 29.25 -2.25
CA SER A 504 19.26 28.33 -3.28
C SER A 504 20.35 27.42 -3.81
N ARG A 505 21.45 28.01 -4.26
CA ARG A 505 22.55 27.26 -4.87
C ARG A 505 23.08 26.15 -3.95
N THR A 506 23.21 26.43 -2.66
CA THR A 506 23.91 25.51 -1.77
C THR A 506 22.98 24.68 -0.85
N SER A 507 21.69 24.62 -1.16
CA SER A 507 20.75 23.78 -0.44
C SER A 507 20.05 22.77 -1.41
N GLY A 508 19.20 21.89 -0.83
CA GLY A 508 18.64 20.75 -1.55
C GLY A 508 19.30 19.45 -1.09
N MET A 509 18.75 18.33 -1.57
CA MET A 509 19.19 17.01 -1.14
C MET A 509 18.71 15.96 -2.13
N ALA A 510 19.44 14.86 -2.25
CA ALA A 510 18.96 13.67 -2.93
C ALA A 510 19.08 12.48 -1.99
N VAL A 511 17.97 11.77 -1.84
CA VAL A 511 17.88 10.52 -1.07
C VAL A 511 17.57 9.36 -2.03
N LEU A 512 18.45 8.36 -2.09
CA LEU A 512 18.27 7.19 -2.91
C LEU A 512 17.93 6.02 -1.99
N VAL A 513 16.77 5.39 -2.24
CA VAL A 513 16.31 4.24 -1.48
C VAL A 513 15.83 3.12 -2.38
N GLY A 514 16.40 1.94 -2.18
CA GLY A 514 15.91 0.68 -2.75
C GLY A 514 15.61 -0.34 -1.67
N ASN A 515 14.70 -1.25 -1.97
CA ASN A 515 14.24 -2.31 -1.05
C ASN A 515 14.46 -3.72 -1.59
N ASP A 516 15.35 -3.88 -2.57
CA ASP A 516 15.72 -5.20 -3.08
C ASP A 516 17.19 -5.43 -2.75
N SER A 517 17.44 -6.30 -1.78
CA SER A 517 18.79 -6.61 -1.31
C SER A 517 19.63 -7.38 -2.33
N ASN A 518 18.98 -7.95 -3.35
CA ASN A 518 19.68 -8.61 -4.45
C ASN A 518 19.76 -7.76 -5.74
N MET A 519 19.47 -6.45 -5.65
CA MET A 519 19.52 -5.55 -6.82
C MET A 519 20.89 -5.58 -7.49
N ALA A 520 20.90 -5.75 -8.81
CA ALA A 520 22.15 -5.79 -9.59
C ALA A 520 22.83 -4.41 -9.59
N GLN A 521 24.16 -4.41 -9.55
CA GLN A 521 24.90 -3.15 -9.60
C GLN A 521 24.69 -2.43 -10.92
N GLN A 522 24.53 -1.11 -10.86
CA GLN A 522 24.30 -0.30 -12.05
C GLN A 522 24.59 1.16 -11.76
N SER A 523 24.58 1.95 -12.81
CA SER A 523 24.67 3.41 -12.71
C SER A 523 23.25 3.98 -12.76
N VAL A 524 23.02 5.09 -12.05
CA VAL A 524 21.75 5.83 -12.12
C VAL A 524 22.00 7.34 -12.25
N ALA A 525 21.04 8.04 -12.88
CA ALA A 525 21.08 9.48 -13.13
C ALA A 525 20.02 10.17 -12.29
N ILE A 526 20.43 11.15 -11.46
CA ILE A 526 19.52 11.87 -10.57
C ILE A 526 19.46 13.33 -10.98
N ASN A 527 18.24 13.87 -11.13
CA ASN A 527 18.06 15.25 -11.53
C ASN A 527 18.05 16.15 -10.31
N MET A 528 19.17 16.84 -10.09
CA MET A 528 19.29 17.76 -8.96
C MET A 528 18.60 19.10 -9.21
N GLY A 529 18.27 19.38 -10.46
CA GLY A 529 17.61 20.64 -10.84
C GLY A 529 18.55 21.59 -11.56
N ARG A 530 17.97 22.50 -12.35
CA ARG A 530 18.75 23.50 -13.11
C ARG A 530 19.53 24.48 -12.24
N ALA A 531 19.12 24.66 -10.97
CA ALA A 531 19.90 25.51 -10.05
C ALA A 531 21.20 24.85 -9.61
N HIS A 532 21.43 23.59 -10.00
CA HIS A 532 22.54 22.79 -9.48
C HIS A 532 23.40 22.13 -10.56
N ALA A 533 23.60 22.85 -11.66
CA ALA A 533 24.53 22.45 -12.72
C ALA A 533 25.99 22.65 -12.28
N ASN A 534 26.88 21.75 -12.71
CA ASN A 534 28.34 21.86 -12.46
C ASN A 534 28.63 22.13 -11.00
N GLN A 535 28.05 21.31 -10.12
CA GLN A 535 28.12 21.54 -8.69
C GLN A 535 28.61 20.30 -7.97
N GLN A 536 29.48 20.52 -6.97
CA GLN A 536 30.01 19.43 -6.16
C GLN A 536 29.02 19.03 -5.07
N TYR A 537 28.84 17.71 -4.90
CA TYR A 537 27.96 17.13 -3.90
C TYR A 537 28.74 16.20 -2.98
N ARG A 538 28.43 16.25 -1.68
CA ARG A 538 29.07 15.38 -0.70
C ARG A 538 28.28 14.09 -0.44
N ASN A 539 29.02 13.01 -0.26
CA ASN A 539 28.49 11.72 0.02
C ASN A 539 28.22 11.63 1.52
N LEU A 540 27.07 12.19 1.93
CA LEU A 540 26.65 12.24 3.32
C LEU A 540 26.52 10.84 3.92
N ILE A 541 25.80 9.96 3.22
CA ILE A 541 25.61 8.56 3.65
C ILE A 541 25.65 7.65 2.41
N ASP A 542 26.44 6.58 2.48
CA ASP A 542 26.45 5.54 1.44
C ASP A 542 26.42 4.20 2.15
N THR A 543 26.03 3.15 1.41
CA THR A 543 25.94 1.80 1.96
C THR A 543 27.23 1.01 1.71
N THR A 544 27.61 0.17 2.67
CA THR A 544 28.75 -0.76 2.59
C THR A 544 28.28 -2.19 2.87
N GLU A 545 29.17 -3.17 2.64
CA GLU A 545 28.81 -4.57 2.84
C GLU A 545 28.31 -4.85 4.25
N ASN A 546 28.93 -4.21 5.24
CA ASN A 546 28.60 -4.41 6.65
C ASN A 546 27.69 -3.33 7.25
N GLY A 547 27.59 -2.15 6.64
CA GLY A 547 26.75 -1.10 7.20
C GLY A 547 26.59 0.15 6.38
N LEU A 548 26.71 1.31 7.03
CA LEU A 548 26.74 2.61 6.39
C LEU A 548 28.12 3.24 6.57
N THR A 549 28.49 4.15 5.68
CA THR A 549 29.69 4.98 5.85
C THR A 549 29.28 6.43 5.73
N TYR A 550 29.92 7.28 6.53
CA TYR A 550 29.67 8.73 6.54
C TYR A 550 30.84 9.52 5.95
N ASP A 551 31.84 8.82 5.42
CA ASP A 551 32.94 9.48 4.71
C ASP A 551 33.41 8.69 3.48
N ALA A 552 32.48 8.02 2.81
CA ALA A 552 32.78 7.28 1.55
C ALA A 552 33.92 6.25 1.69
N ASP A 553 33.90 5.52 2.81
CA ASP A 553 34.88 4.46 3.07
C ASP A 553 34.31 3.11 2.62
N ASN A 554 34.90 2.55 1.58
CA ASN A 554 34.57 1.20 1.11
C ASN A 554 33.10 1.09 0.63
N SER A 555 32.63 2.17 -0.01
CA SER A 555 31.33 2.22 -0.66
C SER A 555 31.55 2.28 -2.17
N GLU A 556 30.47 2.28 -2.95
CA GLU A 556 30.57 2.33 -4.41
C GLU A 556 30.94 3.70 -4.99
N ASN A 557 30.74 4.77 -4.23
CA ASN A 557 30.97 6.14 -4.70
C ASN A 557 31.94 6.84 -3.78
N PRO A 558 32.72 7.82 -4.32
CA PRO A 558 33.70 8.56 -3.53
C PRO A 558 33.07 9.66 -2.68
N ALA A 559 33.90 10.44 -1.99
CA ALA A 559 33.40 11.43 -1.02
C ALA A 559 32.73 12.64 -1.70
N ILE A 560 33.16 12.94 -2.92
CA ILE A 560 32.56 14.00 -3.71
C ILE A 560 32.27 13.50 -5.13
N LEU A 561 31.10 13.87 -5.66
CA LEU A 561 30.80 13.76 -7.10
C LEU A 561 30.24 15.10 -7.54
N THR A 562 30.33 15.36 -8.84
CA THR A 562 30.00 16.64 -9.43
C THR A 562 28.91 16.43 -10.47
N THR A 563 27.91 17.32 -10.50
CA THR A 563 26.84 17.22 -11.50
C THR A 563 27.34 17.70 -12.87
N ASP A 564 26.70 17.26 -13.95
CA ASP A 564 27.01 17.77 -15.31
C ASP A 564 26.41 19.18 -15.55
N SER A 565 26.44 19.65 -16.79
CA SER A 565 25.97 21.01 -17.13
C SER A 565 24.46 21.20 -17.10
N ASN A 566 23.71 20.08 -17.00
CA ASN A 566 22.25 20.08 -16.84
C ASN A 566 21.75 19.89 -15.42
N GLY A 567 22.65 19.61 -14.48
CA GLY A 567 22.26 19.34 -13.09
C GLY A 567 22.03 17.87 -12.80
N ILE A 568 22.51 16.98 -13.66
CA ILE A 568 22.35 15.54 -13.45
C ILE A 568 23.52 15.03 -12.62
N LEU A 569 23.23 14.22 -11.59
CA LEU A 569 24.25 13.56 -10.78
C LEU A 569 24.27 12.07 -11.10
N LYS A 570 25.44 11.54 -11.43
CA LYS A 570 25.62 10.16 -11.83
C LYS A 570 26.21 9.34 -10.69
N VAL A 571 25.57 8.22 -10.35
CA VAL A 571 25.86 7.49 -9.12
C VAL A 571 25.80 5.99 -9.36
N THR A 572 26.66 5.24 -8.67
CA THR A 572 26.65 3.78 -8.71
C THR A 572 25.93 3.17 -7.50
N VAL A 573 25.09 2.16 -7.76
CA VAL A 573 24.25 1.54 -6.72
C VAL A 573 24.14 0.02 -6.90
N LYS A 574 23.83 -0.68 -5.82
CA LYS A 574 23.55 -2.13 -5.84
C LYS A 574 22.86 -2.54 -4.55
N GLY A 575 22.37 -3.78 -4.54
CA GLY A 575 21.72 -4.35 -3.36
C GLY A 575 22.69 -4.80 -2.28
N TYR A 576 22.38 -4.49 -1.02
CA TYR A 576 23.15 -4.95 0.15
C TYR A 576 22.22 -5.60 1.17
N SER A 577 22.81 -6.40 2.06
CA SER A 577 22.09 -7.03 3.17
C SER A 577 22.95 -6.98 4.44
N ASN A 578 22.66 -6.02 5.31
CA ASN A 578 23.37 -5.83 6.57
C ASN A 578 22.38 -5.30 7.64
N PRO A 579 22.82 -5.18 8.91
CA PRO A 579 21.84 -4.73 9.93
C PRO A 579 21.15 -3.36 9.70
N TYR A 580 21.81 -2.48 8.95
CA TYR A 580 21.33 -1.13 8.66
C TYR A 580 20.52 -1.00 7.36
N VAL A 581 20.83 -1.84 6.36
CA VAL A 581 20.26 -1.71 5.00
C VAL A 581 19.95 -3.09 4.39
N SER A 582 18.71 -3.24 3.93
CA SER A 582 18.27 -4.36 3.10
C SER A 582 17.74 -3.78 1.80
N GLY A 583 18.65 -3.60 0.85
CA GLY A 583 18.40 -2.85 -0.37
C GLY A 583 19.54 -1.87 -0.60
N TYR A 584 19.23 -0.58 -0.64
CA TYR A 584 20.24 0.46 -0.75
C TYR A 584 19.78 1.76 -0.09
N LEU A 585 20.73 2.46 0.53
CA LEU A 585 20.54 3.83 1.03
C LEU A 585 21.74 4.71 0.63
N GLY A 586 21.45 5.82 -0.05
CA GLY A 586 22.44 6.84 -0.42
C GLY A 586 21.86 8.23 -0.18
N VAL A 587 22.67 9.15 0.35
CA VAL A 587 22.24 10.54 0.53
C VAL A 587 23.32 11.51 0.07
N TRP A 588 22.94 12.48 -0.77
CA TRP A 588 23.85 13.49 -1.32
C TRP A 588 23.37 14.90 -0.99
N VAL A 589 24.29 15.75 -0.53
CA VAL A 589 23.99 17.18 -0.24
C VAL A 589 25.10 18.04 -0.84
N PRO A 590 24.80 19.30 -1.19
CA PRO A 590 25.84 20.21 -1.70
C PRO A 590 27.02 20.39 -0.74
N VAL A 591 28.24 20.46 -1.26
CA VAL A 591 29.41 20.77 -0.40
C VAL A 591 29.32 22.26 -0.07
N ILE A 592 29.56 22.58 1.20
CA ILE A 592 29.56 23.96 1.67
C ILE A 592 30.78 24.14 2.59
N SER A 593 31.17 25.38 2.89
CA SER A 593 32.29 25.64 3.80
C SER A 593 31.88 25.91 5.26
N GLY A 594 30.76 26.62 5.46
CA GLY A 594 30.38 27.09 6.79
C GLY A 594 29.09 26.49 7.28
N ASP A 595 28.49 27.17 8.26
CA ASP A 595 27.17 26.81 8.75
C ASP A 595 26.10 27.33 7.81
N GLN A 596 24.99 26.61 7.76
CA GLN A 596 23.87 26.99 6.93
C GLN A 596 22.59 26.52 7.58
N ASP A 597 21.55 27.32 7.45
CA ASP A 597 20.26 27.03 8.03
C ASP A 597 19.24 27.54 7.03
N VAL A 598 18.40 26.62 6.53
CA VAL A 598 17.45 26.98 5.49
C VAL A 598 16.05 27.17 6.04
N THR A 599 15.88 27.34 7.36
CA THR A 599 14.53 27.49 7.89
C THR A 599 13.88 28.72 7.26
N THR A 600 12.64 28.59 6.83
CA THR A 600 11.86 29.71 6.33
C THR A 600 11.01 30.25 7.51
N ASN A 601 10.99 31.57 7.69
CA ASN A 601 10.22 32.22 8.76
C ASN A 601 8.77 32.35 8.34
N ALA A 602 7.87 32.16 9.30
CA ALA A 602 6.43 32.26 9.09
C ALA A 602 5.96 33.65 8.64
N SER A 603 6.70 34.69 9.03
CA SER A 603 6.41 36.06 8.56
C SER A 603 6.53 36.22 7.04
N ASP A 604 7.29 35.33 6.39
CA ASP A 604 7.54 35.36 4.94
C ASP A 604 6.63 34.47 4.09
N VAL A 605 5.68 33.77 4.71
CA VAL A 605 4.75 32.91 3.94
C VAL A 605 3.39 33.60 3.83
N VAL A 606 2.54 33.04 2.97
CA VAL A 606 1.20 33.58 2.75
C VAL A 606 0.32 33.32 3.97
N ALA A 607 -0.28 34.37 4.53
CA ALA A 607 -1.28 34.26 5.57
C ALA A 607 -2.63 34.10 4.90
N ASN A 608 -3.50 33.30 5.50
CA ASN A 608 -4.85 33.11 5.01
C ASN A 608 -5.75 33.27 6.21
N LYS A 609 -6.66 34.24 6.14
CA LYS A 609 -7.55 34.57 7.27
C LYS A 609 -8.38 33.35 7.75
N GLU A 610 -8.67 32.42 6.84
CA GLU A 610 -9.49 31.25 7.16
C GLU A 610 -8.72 30.00 7.61
N LYS A 611 -7.39 30.10 7.66
CA LYS A 611 -6.54 29.00 8.08
C LYS A 611 -5.73 29.31 9.34
N THR A 612 -5.51 28.27 10.13
CA THR A 612 -4.63 28.35 11.27
C THR A 612 -3.32 27.70 10.78
N PHE A 613 -3.30 26.38 10.65
CA PHE A 613 -2.11 25.73 10.06
C PHE A 613 -2.17 25.66 8.54
N GLU A 614 -1.05 25.98 7.92
CA GLU A 614 -0.89 25.89 6.46
C GLU A 614 0.37 25.10 6.17
N SER A 615 0.28 24.17 5.22
CA SER A 615 1.42 23.35 4.83
C SER A 615 2.28 24.10 3.82
N ASN A 616 3.31 24.78 4.33
CA ASN A 616 4.22 25.56 3.50
C ASN A 616 5.64 25.45 4.02
N ALA A 617 6.57 26.22 3.45
CA ALA A 617 7.99 26.10 3.79
C ALA A 617 8.26 26.44 5.26
N ALA A 618 7.46 27.33 5.84
CA ALA A 618 7.63 27.71 7.24
C ALA A 618 7.27 26.58 8.18
N LEU A 619 6.14 25.93 7.93
CA LEU A 619 5.69 24.81 8.77
C LEU A 619 6.60 23.60 8.59
N ASP A 620 6.99 23.36 7.34
CA ASP A 620 7.98 22.33 7.00
C ASP A 620 9.32 22.45 7.74
N SER A 621 9.70 23.67 8.10
CA SER A 621 10.92 23.90 8.90
C SER A 621 10.88 23.34 10.34
N HIS A 622 9.69 22.94 10.81
CA HIS A 622 9.55 22.35 12.15
C HIS A 622 9.88 20.84 12.15
N MET A 623 10.34 20.37 13.30
CA MET A 623 10.53 18.94 13.54
C MET A 623 10.16 18.61 14.99
N ILE A 624 9.32 17.58 15.16
CA ILE A 624 8.83 17.17 16.46
C ILE A 624 9.70 16.04 17.02
N TYR A 625 9.90 16.02 18.35
CA TYR A 625 10.61 14.93 19.03
C TYR A 625 9.76 14.34 20.13
N GLU A 626 9.48 13.03 20.03
CA GLU A 626 8.75 12.31 21.06
C GLU A 626 9.74 11.92 22.17
N ASP A 627 9.59 12.50 23.36
CA ASP A 627 10.63 12.39 24.38
C ASP A 627 10.58 11.14 25.26
N PHE A 628 9.68 10.19 24.99
CA PHE A 628 9.47 9.07 25.92
C PHE A 628 9.15 7.74 25.25
N SER A 629 9.26 6.69 26.07
CA SER A 629 8.81 5.34 25.76
C SER A 629 7.95 4.82 26.90
N LEU A 630 7.03 3.91 26.58
CA LEU A 630 6.23 3.21 27.59
C LEU A 630 7.11 2.37 28.49
N PHE A 631 8.23 1.88 27.94
CA PHE A 631 9.16 0.97 28.60
C PHE A 631 10.36 1.69 29.23
N GLN A 632 10.30 3.02 29.28
CA GLN A 632 11.24 3.82 30.06
C GLN A 632 11.16 3.37 31.53
N PRO A 633 12.31 3.10 32.17
CA PRO A 633 12.29 2.60 33.53
C PRO A 633 12.11 3.71 34.55
N GLU A 634 11.72 3.31 35.76
CA GLU A 634 11.65 4.23 36.90
C GLU A 634 13.08 4.72 37.17
N PRO A 635 13.25 6.02 37.43
CA PRO A 635 14.61 6.52 37.67
C PRO A 635 15.21 5.94 38.94
N THR A 636 16.55 5.81 38.97
CA THR A 636 17.28 5.32 40.14
C THR A 636 17.84 6.45 41.04
N SER A 637 17.85 7.69 40.53
CA SER A 637 18.25 8.85 41.31
C SER A 637 17.49 10.10 40.86
N VAL A 638 17.65 11.18 41.62
CA VAL A 638 17.13 12.49 41.21
C VAL A 638 17.81 12.94 39.90
N GLU A 639 19.12 12.72 39.79
CA GLU A 639 19.88 13.08 38.59
C GLU A 639 19.36 12.38 37.30
N ASN A 640 18.83 11.16 37.45
CA ASN A 640 18.28 10.38 36.31
C ASN A 640 16.78 10.58 36.02
N HIS A 641 16.09 11.44 36.78
CA HIS A 641 14.75 11.91 36.41
C HIS A 641 14.84 12.43 34.97
N ALA A 642 13.94 11.99 34.09
CA ALA A 642 14.00 12.41 32.71
C ALA A 642 14.07 13.94 32.63
N TYR A 643 13.26 14.64 33.42
CA TYR A 643 13.21 16.11 33.37
C TYR A 643 14.58 16.77 33.56
N ASN A 644 15.41 16.23 34.45
CA ASN A 644 16.74 16.80 34.71
C ASN A 644 17.75 16.45 33.59
N VAL A 645 17.69 15.20 33.12
CA VAL A 645 18.54 14.80 32.01
C VAL A 645 18.20 15.64 30.76
N ILE A 646 16.92 15.84 30.53
CA ILE A 646 16.45 16.66 29.40
C ILE A 646 16.97 18.10 29.49
N ALA A 647 16.83 18.74 30.65
CA ALA A 647 17.26 20.14 30.86
C ALA A 647 18.74 20.31 30.61
N LYS A 648 19.52 19.38 31.17
CA LYS A 648 20.95 19.30 30.95
C LYS A 648 21.35 19.23 29.45
N ASN A 649 20.55 18.52 28.64
CA ASN A 649 20.84 18.32 27.20
C ASN A 649 20.03 19.22 26.25
N ALA A 650 19.57 20.37 26.74
CA ALA A 650 18.75 21.28 25.91
C ALA A 650 19.43 21.68 24.60
N SER A 651 20.72 22.01 24.68
CA SER A 651 21.51 22.40 23.51
C SER A 651 21.64 21.31 22.47
N LEU A 652 21.73 20.07 22.92
CA LEU A 652 21.79 18.92 22.00
C LEU A 652 20.56 18.88 21.08
N PHE A 653 19.36 19.04 21.66
CA PHE A 653 18.10 18.99 20.88
C PHE A 653 18.01 20.12 19.84
N SER A 654 18.45 21.31 20.22
CA SER A 654 18.59 22.44 19.29
C SER A 654 19.59 22.14 18.16
N ASP A 655 20.76 21.58 18.51
CA ASP A 655 21.77 21.19 17.49
C ASP A 655 21.25 20.15 16.48
N LEU A 656 20.35 19.28 16.93
CA LEU A 656 19.73 18.27 16.06
C LEU A 656 18.57 18.82 15.23
N GLY A 657 18.26 20.11 15.35
CA GLY A 657 17.19 20.73 14.57
C GLY A 657 15.79 20.45 15.09
N ILE A 658 15.66 19.94 16.32
CA ILE A 658 14.34 19.76 16.93
C ILE A 658 13.82 21.15 17.29
N THR A 659 12.59 21.45 16.87
CA THR A 659 11.93 22.73 17.11
C THR A 659 10.74 22.63 18.08
N ASP A 660 10.14 21.45 18.18
CA ASP A 660 8.95 21.19 18.99
C ASP A 660 9.12 19.90 19.79
N PHE A 661 9.16 20.04 21.11
CA PHE A 661 9.47 18.95 22.04
C PHE A 661 8.15 18.40 22.61
N TRP A 662 7.81 17.16 22.25
CA TRP A 662 6.60 16.47 22.75
C TRP A 662 6.94 15.78 24.06
N MET A 663 6.38 16.32 25.15
CA MET A 663 6.60 15.77 26.49
C MET A 663 5.53 14.77 26.85
N ALA A 664 5.94 13.73 27.53
CA ALA A 664 5.04 12.65 27.95
C ALA A 664 3.88 13.20 28.77
N PRO A 665 2.74 12.47 28.82
CA PRO A 665 1.71 12.91 29.75
C PRO A 665 2.30 12.95 31.15
N ALA A 666 2.25 14.13 31.78
CA ALA A 666 3.00 14.39 33.01
C ALA A 666 2.19 14.15 34.30
N TYR A 667 1.01 13.57 34.18
CA TYR A 667 0.01 13.53 35.26
C TYR A 667 0.41 12.41 36.24
N THR A 668 -0.07 12.51 37.48
CA THR A 668 0.20 11.49 38.51
C THR A 668 -0.28 10.13 38.02
N PRO A 669 0.63 9.15 37.94
CA PRO A 669 0.24 7.85 37.39
C PRO A 669 -0.45 6.96 38.41
N PHE A 670 -1.39 6.16 37.93
CA PHE A 670 -1.93 5.05 38.72
C PHE A 670 -0.79 4.06 38.97
N GLY A 671 -0.46 3.86 40.24
CA GLY A 671 0.71 3.08 40.66
C GLY A 671 0.75 1.64 40.16
N ARG A 672 -0.43 1.03 40.05
CA ARG A 672 -0.60 -0.35 39.57
C ARG A 672 -0.74 -0.45 38.03
N SER A 673 -0.67 0.67 37.31
CA SER A 673 -0.77 0.64 35.85
C SER A 673 0.38 -0.13 35.24
N ARG A 674 0.16 -0.63 34.04
CA ARG A 674 1.12 -1.48 33.37
C ARG A 674 2.48 -0.82 33.17
N TYR A 675 2.48 0.44 32.74
CA TYR A 675 3.71 1.15 32.39
C TYR A 675 4.07 2.38 33.26
N ASN A 676 3.13 2.89 34.06
CA ASN A 676 3.38 4.11 34.86
C ASN A 676 3.78 5.33 34.00
N GLU A 677 3.21 5.39 32.78
CA GLU A 677 3.61 6.36 31.75
C GLU A 677 2.87 7.72 31.81
N GLY A 678 1.67 7.77 32.39
CA GLY A 678 0.89 9.01 32.44
C GLY A 678 -0.47 9.02 31.75
N TYR A 679 -0.71 8.13 30.78
CA TYR A 679 -2.07 8.00 30.19
C TYR A 679 -3.06 7.36 31.18
N SER A 680 -2.57 6.48 32.05
CA SER A 680 -3.38 5.94 33.17
C SER A 680 -3.15 6.81 34.41
N MET A 681 -3.89 7.91 34.52
CA MET A 681 -3.66 8.88 35.59
C MET A 681 -4.84 8.96 36.57
N THR A 682 -4.51 9.30 37.82
CA THR A 682 -5.48 9.54 38.90
C THR A 682 -5.69 11.03 39.21
N ASP A 683 -4.76 11.90 38.78
CA ASP A 683 -4.85 13.32 39.05
C ASP A 683 -4.31 14.11 37.83
N ARG A 684 -5.20 14.85 37.16
CA ARG A 684 -4.89 15.61 35.94
C ARG A 684 -4.10 16.90 36.17
N TYR A 685 -4.05 17.37 37.42
CA TYR A 685 -3.38 18.64 37.75
C TYR A 685 -2.10 18.49 38.59
N ASN A 686 -1.96 17.39 39.33
CA ASN A 686 -0.71 17.11 40.05
C ASN A 686 0.26 16.45 39.05
N LEU A 687 1.29 17.18 38.64
CA LEU A 687 2.35 16.65 37.77
C LEU A 687 3.60 16.23 38.55
N GLY A 688 3.41 15.80 39.80
CA GLY A 688 4.48 15.28 40.63
C GLY A 688 5.05 16.33 41.58
N THR A 689 5.49 15.87 42.74
CA THR A 689 6.14 16.69 43.77
C THR A 689 7.54 16.12 44.01
N THR A 690 8.32 16.83 44.82
CA THR A 690 9.67 16.41 45.21
C THR A 690 9.62 15.10 46.00
N ALA A 691 8.69 15.02 46.95
CA ALA A 691 8.48 13.80 47.74
C ALA A 691 7.88 12.66 46.90
N ASN A 692 6.97 12.99 46.00
CA ASN A 692 6.26 11.99 45.16
C ASN A 692 6.37 12.28 43.67
N PRO A 693 7.55 12.05 43.10
CA PRO A 693 7.68 12.32 41.66
C PRO A 693 6.91 11.30 40.79
N THR A 694 6.48 11.74 39.62
CA THR A 694 5.96 10.83 38.58
C THR A 694 7.18 10.06 38.05
N LYS A 695 7.00 9.22 37.05
CA LYS A 695 8.15 8.56 36.44
C LYS A 695 9.21 9.57 35.98
N TYR A 696 8.79 10.72 35.45
CA TYR A 696 9.66 11.68 34.77
C TYR A 696 10.30 12.68 35.73
N GLY A 697 9.64 12.91 36.86
CA GLY A 697 10.18 13.81 37.92
C GLY A 697 9.07 14.56 38.64
N SER A 698 9.44 15.73 39.17
CA SER A 698 8.53 16.60 39.90
C SER A 698 8.02 17.72 38.99
N GLY A 699 6.98 18.40 39.47
CA GLY A 699 6.43 19.55 38.78
C GLY A 699 7.39 20.72 38.66
N GLU A 700 8.18 20.93 39.72
CA GLU A 700 9.14 22.02 39.80
C GLU A 700 10.27 21.79 38.79
N GLU A 701 10.74 20.56 38.69
CA GLU A 701 11.69 20.13 37.65
C GLU A 701 11.12 20.31 36.23
N LEU A 702 9.87 19.89 36.03
CA LEU A 702 9.18 20.04 34.73
C LEU A 702 9.21 21.49 34.24
N ALA A 703 8.84 22.41 35.14
CA ALA A 703 8.86 23.84 34.80
C ALA A 703 10.25 24.34 34.43
N ASN A 704 11.28 23.87 35.13
CA ASN A 704 12.68 24.26 34.86
C ASN A 704 13.13 23.66 33.52
N THR A 705 12.72 22.43 33.25
CA THR A 705 13.01 21.77 31.99
C THR A 705 12.39 22.51 30.80
N ILE A 706 11.13 22.94 30.92
CA ILE A 706 10.46 23.68 29.86
C ILE A 706 11.19 24.99 29.60
N ALA A 707 11.56 25.69 30.68
CA ALA A 707 12.34 26.93 30.60
C ALA A 707 13.67 26.73 29.88
N ALA A 708 14.38 25.65 30.21
CA ALA A 708 15.66 25.34 29.59
C ALA A 708 15.50 25.04 28.08
N LEU A 709 14.44 24.31 27.72
CA LEU A 709 14.11 24.08 26.31
C LEU A 709 13.76 25.38 25.58
N HIS A 710 13.03 26.28 26.25
CA HIS A 710 12.72 27.60 25.69
C HIS A 710 13.99 28.41 25.48
N LYS A 711 14.91 28.34 26.44
CA LYS A 711 16.17 29.09 26.34
C LYS A 711 17.00 28.63 25.13
N ALA A 712 16.95 27.33 24.84
CA ALA A 712 17.63 26.77 23.67
C ALA A 712 16.91 27.02 22.33
N GLY A 713 15.72 27.63 22.36
CA GLY A 713 15.01 28.05 21.15
C GLY A 713 13.83 27.15 20.75
N LEU A 714 13.55 26.11 21.53
CA LEU A 714 12.47 25.18 21.21
C LEU A 714 11.14 25.63 21.80
N LYS A 715 10.05 25.13 21.19
CA LYS A 715 8.71 25.17 21.81
C LYS A 715 8.35 23.79 22.32
N VAL A 716 7.47 23.72 23.32
CA VAL A 716 7.21 22.48 24.06
C VAL A 716 5.72 22.18 24.11
N GLN A 717 5.33 20.97 23.73
CA GLN A 717 3.94 20.56 23.78
C GLN A 717 3.72 19.53 24.89
N GLU A 718 2.54 19.57 25.49
CA GLU A 718 2.14 18.54 26.45
C GLU A 718 1.17 17.59 25.79
N ASP A 719 1.33 16.31 26.11
CA ASP A 719 0.40 15.26 25.71
C ASP A 719 -0.85 15.46 26.56
N ILE A 720 -1.89 16.02 25.96
CA ILE A 720 -3.17 16.23 26.67
C ILE A 720 -4.14 15.05 26.40
N VAL A 721 -4.73 14.54 27.48
CA VAL A 721 -5.41 13.23 27.49
C VAL A 721 -6.83 13.39 28.01
N MET A 722 -7.75 13.75 27.10
CA MET A 722 -9.18 13.91 27.43
C MET A 722 -10.02 12.61 27.42
N ASN A 723 -9.49 11.49 26.92
CA ASN A 723 -10.34 10.35 26.64
C ASN A 723 -10.78 9.58 27.87
N GLN A 724 -9.81 9.25 28.73
CA GLN A 724 -10.03 8.38 29.88
C GLN A 724 -9.21 8.79 31.09
N MET A 725 -9.69 8.40 32.28
CA MET A 725 -8.86 8.33 33.47
C MET A 725 -8.86 6.88 33.95
N ILE A 726 -7.79 6.48 34.63
CA ILE A 726 -7.65 5.11 35.15
C ILE A 726 -7.01 5.15 36.52
N GLY A 727 -7.64 4.43 37.46
CA GLY A 727 -7.14 4.24 38.81
C GLY A 727 -7.93 4.92 39.92
N PHE A 728 -9.20 5.26 39.67
CA PHE A 728 -10.03 5.86 40.72
C PHE A 728 -10.10 4.92 41.93
N SER A 729 -9.99 5.50 43.12
CA SER A 729 -10.02 4.71 44.35
C SER A 729 -11.44 4.58 44.90
N GLY A 730 -12.39 5.40 44.42
CA GLY A 730 -13.78 5.40 44.92
C GLY A 730 -14.77 4.57 44.09
N GLN A 731 -15.43 3.60 44.73
CA GLN A 731 -16.48 2.81 44.07
C GLN A 731 -17.84 3.51 44.12
N GLU A 732 -18.61 3.32 43.06
CA GLU A 732 -19.96 3.89 42.92
C GLU A 732 -20.87 2.79 42.36
N ALA A 733 -22.14 2.79 42.77
CA ALA A 733 -23.13 1.85 42.20
C ALA A 733 -23.66 2.44 40.89
N VAL A 734 -23.31 1.85 39.76
CA VAL A 734 -23.76 2.32 38.45
C VAL A 734 -24.61 1.26 37.79
N THR A 735 -25.51 1.67 36.90
CA THR A 735 -26.34 0.73 36.15
C THR A 735 -25.69 0.57 34.78
N VAL A 736 -25.42 -0.67 34.37
CA VAL A 736 -24.57 -0.94 33.22
C VAL A 736 -25.07 -2.03 32.26
N THR A 737 -24.50 -1.97 31.05
CA THR A 737 -24.82 -2.90 29.96
C THR A 737 -23.54 -3.31 29.25
N ARG A 738 -23.46 -4.58 28.87
CA ARG A 738 -22.27 -5.15 28.24
C ARG A 738 -22.23 -4.73 26.77
N THR A 739 -21.16 -4.01 26.39
CA THR A 739 -21.06 -3.47 25.02
C THR A 739 -19.71 -3.67 24.32
N ASN A 740 -19.72 -3.45 23.01
CA ASN A 740 -18.51 -3.29 22.22
C ASN A 740 -17.97 -1.85 22.37
N ASN A 741 -16.96 -1.49 21.58
CA ASN A 741 -16.31 -0.18 21.71
C ASN A 741 -17.12 1.03 21.21
N ARG A 742 -18.26 0.76 20.57
CA ARG A 742 -19.22 1.81 20.24
C ARG A 742 -20.42 1.93 21.21
N GLY A 743 -20.40 1.18 22.32
CA GLY A 743 -21.50 1.23 23.30
C GLY A 743 -22.77 0.52 22.82
N MET A 744 -22.64 -0.37 21.85
CA MET A 744 -23.75 -1.20 21.39
C MET A 744 -23.67 -2.51 22.13
N GLN A 745 -24.81 -2.96 22.65
CA GLN A 745 -24.88 -4.20 23.39
C GLN A 745 -24.45 -5.38 22.52
N ILE A 746 -23.66 -6.28 23.11
CA ILE A 746 -23.23 -7.52 22.46
C ILE A 746 -23.44 -8.74 23.37
N HIS A 747 -23.39 -9.93 22.73
CA HIS A 747 -23.28 -11.20 23.42
C HIS A 747 -21.84 -11.71 23.34
N VAL A 748 -21.44 -12.49 24.34
CA VAL A 748 -20.14 -13.18 24.38
C VAL A 748 -20.41 -14.65 24.68
N ASN A 749 -20.11 -15.52 23.72
CA ASN A 749 -20.47 -16.95 23.81
C ASN A 749 -21.97 -17.16 24.18
N GLY A 750 -22.85 -16.38 23.56
CA GLY A 750 -24.30 -16.51 23.77
C GLY A 750 -24.89 -15.84 25.00
N GLN A 751 -24.06 -15.27 25.87
CA GLN A 751 -24.49 -14.61 27.09
C GLN A 751 -24.24 -13.11 27.04
N THR A 752 -24.97 -12.39 27.89
CA THR A 752 -24.92 -10.93 27.96
C THR A 752 -25.54 -10.43 29.27
N TYR A 753 -25.45 -9.12 29.52
CA TYR A 753 -26.19 -8.48 30.62
C TYR A 753 -26.52 -7.05 30.28
N ALA A 754 -27.62 -6.56 30.83
CA ALA A 754 -28.09 -5.21 30.59
C ALA A 754 -28.81 -4.61 31.82
N ASN A 755 -28.59 -3.31 32.05
CA ASN A 755 -29.23 -2.60 33.16
C ASN A 755 -28.97 -3.28 34.52
N GLN A 756 -27.70 -3.61 34.78
CA GLN A 756 -27.31 -4.28 36.04
C GLN A 756 -26.51 -3.34 36.94
N ILE A 757 -26.79 -3.37 38.23
CA ILE A 757 -25.97 -2.62 39.18
C ILE A 757 -24.58 -3.24 39.30
N TYR A 758 -23.56 -2.42 39.08
CA TYR A 758 -22.16 -2.80 39.04
C TYR A 758 -21.38 -1.82 39.92
N PHE A 759 -20.50 -2.33 40.78
CA PHE A 759 -19.78 -1.47 41.72
C PHE A 759 -18.44 -0.98 41.12
N ALA A 760 -18.52 -0.16 40.09
CA ALA A 760 -17.33 0.30 39.37
C ALA A 760 -16.54 1.35 40.15
N TYR A 761 -15.21 1.31 40.00
CA TYR A 761 -14.36 2.40 40.43
C TYR A 761 -14.54 3.55 39.46
N THR A 762 -15.10 4.66 39.96
CA THR A 762 -15.45 5.83 39.17
C THR A 762 -15.09 7.20 39.78
N THR A 763 -14.80 7.25 41.08
CA THR A 763 -14.82 8.50 41.82
C THR A 763 -13.43 8.84 42.35
N GLY A 764 -13.01 10.09 42.13
CA GLY A 764 -11.70 10.56 42.54
C GLY A 764 -11.24 11.76 41.74
N GLY A 765 -9.94 11.87 41.56
CA GLY A 765 -9.34 13.03 40.90
C GLY A 765 -8.20 13.64 41.67
N GLY A 766 -8.11 13.31 42.97
CA GLY A 766 -7.02 13.79 43.81
C GLY A 766 -7.21 15.21 44.27
N ASN A 767 -6.25 15.68 45.05
CA ASN A 767 -6.25 17.07 45.50
C ASN A 767 -6.04 18.07 44.37
N GLY A 768 -5.41 17.63 43.27
CA GLY A 768 -5.24 18.49 42.07
C GLY A 768 -6.57 18.90 41.46
N GLN A 769 -7.47 17.94 41.30
CA GLN A 769 -8.82 18.24 40.84
C GLN A 769 -9.59 19.08 41.84
N GLU A 770 -9.42 18.78 43.12
CA GLU A 770 -10.12 19.55 44.16
C GLU A 770 -9.73 21.01 44.07
N THR A 771 -8.44 21.30 44.00
CA THR A 771 -7.90 22.67 44.02
C THR A 771 -8.08 23.43 42.70
N TYR A 772 -7.77 22.76 41.58
CA TYR A 772 -7.65 23.42 40.29
C TYR A 772 -8.83 23.25 39.33
N GLY A 773 -9.68 22.24 39.58
CA GLY A 773 -10.84 21.98 38.76
C GLY A 773 -11.75 23.20 38.68
N GLY A 774 -11.90 23.74 37.47
CA GLY A 774 -12.73 24.92 37.26
C GLY A 774 -12.23 26.24 37.81
N LYS A 775 -11.02 26.28 38.37
CA LYS A 775 -10.49 27.45 39.10
C LYS A 775 -10.38 28.69 38.22
N TYR A 776 -10.04 28.47 36.96
CA TYR A 776 -9.79 29.56 36.00
C TYR A 776 -11.01 29.94 35.14
N LEU A 777 -12.16 29.28 35.35
CA LEU A 777 -13.35 29.53 34.51
C LEU A 777 -13.88 30.97 34.58
N ALA A 778 -13.90 31.56 35.78
CA ALA A 778 -14.38 32.93 35.95
C ALA A 778 -13.58 33.93 35.13
N GLU A 779 -12.27 33.82 35.19
CA GLU A 779 -11.36 34.68 34.41
C GLU A 779 -11.43 34.42 32.90
N LEU A 780 -11.56 33.15 32.49
CA LEU A 780 -11.74 32.83 31.07
C LEU A 780 -13.04 33.40 30.53
N GLN A 781 -14.09 33.39 31.34
CA GLN A 781 -15.35 34.01 30.95
C GLN A 781 -15.23 35.53 30.82
N LYS A 782 -14.51 36.14 31.76
CA LYS A 782 -14.26 37.63 31.78
C LYS A 782 -13.46 38.11 30.57
N ASN A 783 -12.40 37.36 30.24
CA ASN A 783 -11.49 37.71 29.14
C ASN A 783 -11.99 37.23 27.77
N TYR A 784 -12.61 36.05 27.72
CA TYR A 784 -13.02 35.44 26.44
C TYR A 784 -14.44 34.90 26.51
N PRO A 785 -15.44 35.80 26.65
CA PRO A 785 -16.82 35.34 26.87
C PRO A 785 -17.36 34.41 25.77
N ASP A 786 -16.87 34.60 24.54
CA ASP A 786 -17.23 33.74 23.41
C ASP A 786 -17.09 32.21 23.64
N LEU A 787 -16.15 31.80 24.49
CA LEU A 787 -15.97 30.37 24.81
C LEU A 787 -17.22 29.71 25.41
N PHE A 788 -18.02 30.49 26.15
CA PHE A 788 -19.20 30.00 26.80
C PHE A 788 -20.49 30.54 26.19
N THR A 789 -20.43 31.15 25.00
CA THR A 789 -21.62 31.43 24.19
C THR A 789 -21.66 30.69 22.84
N THR A 790 -20.52 30.17 22.39
CA THR A 790 -20.47 29.41 21.15
C THR A 790 -21.09 28.04 21.34
N LYS A 791 -22.17 27.79 20.60
CA LYS A 791 -22.86 26.52 20.65
C LYS A 791 -22.02 25.45 19.97
N ALA A 792 -21.70 24.39 20.68
CA ALA A 792 -20.97 23.25 20.13
C ALA A 792 -21.82 22.50 19.11
N ILE A 793 -21.14 21.84 18.18
CA ILE A 793 -21.81 21.09 17.10
C ILE A 793 -22.64 19.89 17.65
N SER A 794 -22.00 18.98 18.37
CA SER A 794 -22.64 17.73 18.77
C SER A 794 -23.87 17.94 19.66
N THR A 795 -23.85 18.96 20.52
CA THR A 795 -24.96 19.24 21.47
C THR A 795 -25.85 20.43 21.17
N GLY A 796 -25.34 21.41 20.41
CA GLY A 796 -26.07 22.65 20.15
C GLY A 796 -26.08 23.58 21.34
N VAL A 797 -25.21 23.35 22.33
CA VAL A 797 -25.13 24.22 23.50
C VAL A 797 -23.68 24.55 23.82
N ALA A 798 -23.49 25.72 24.42
CA ALA A 798 -22.15 26.17 24.79
C ALA A 798 -21.66 25.39 26.01
N PRO A 799 -20.32 25.25 26.14
CA PRO A 799 -19.73 24.77 27.39
C PRO A 799 -20.20 25.61 28.58
N ASP A 800 -20.34 24.98 29.73
CA ASP A 800 -21.06 25.53 30.89
C ASP A 800 -20.06 25.74 32.03
N PRO A 801 -19.63 26.99 32.24
CA PRO A 801 -18.67 27.28 33.29
C PRO A 801 -19.26 27.48 34.70
N THR A 802 -20.57 27.34 34.87
CA THR A 802 -21.20 27.62 36.17
C THR A 802 -21.08 26.46 37.18
N VAL A 803 -20.61 25.30 36.74
CA VAL A 803 -20.35 24.17 37.63
C VAL A 803 -18.87 23.81 37.53
N ARG A 804 -18.23 23.60 38.67
CA ARG A 804 -16.81 23.22 38.73
C ARG A 804 -16.66 21.74 39.03
N ILE A 805 -15.84 21.04 38.24
CA ILE A 805 -15.54 19.63 38.51
C ILE A 805 -14.38 19.53 39.52
N ASN A 806 -14.72 19.42 40.81
CA ASN A 806 -13.72 19.18 41.87
C ASN A 806 -13.40 17.69 42.05
N LYS A 807 -14.30 16.84 41.59
CA LYS A 807 -14.21 15.41 41.79
C LYS A 807 -14.93 14.70 40.63
N TRP A 808 -14.27 13.72 40.03
CA TRP A 808 -14.89 12.93 38.96
C TRP A 808 -15.82 11.90 39.59
N SER A 809 -16.94 11.63 38.93
CA SER A 809 -17.81 10.49 39.23
C SER A 809 -18.50 10.04 37.94
N ALA A 810 -19.36 9.00 38.03
CA ALA A 810 -19.94 8.34 36.86
C ALA A 810 -20.81 9.24 36.00
N LYS A 811 -21.44 10.24 36.62
CA LYS A 811 -22.26 11.19 35.86
C LYS A 811 -21.51 11.95 34.75
N TYR A 812 -20.18 12.00 34.84
CA TYR A 812 -19.32 12.62 33.83
C TYR A 812 -18.60 11.60 32.94
N GLN A 813 -19.06 10.35 32.94
CA GLN A 813 -18.39 9.23 32.29
C GLN A 813 -19.37 8.45 31.40
N ASN A 814 -18.89 8.04 30.21
CA ASN A 814 -19.66 7.21 29.27
C ASN A 814 -19.72 5.73 29.68
N GLY A 815 -18.64 5.25 30.28
CA GLY A 815 -18.59 3.89 30.83
C GLY A 815 -17.16 3.52 31.12
N THR A 816 -16.89 2.22 31.17
CA THR A 816 -15.56 1.72 31.48
C THR A 816 -15.28 0.41 30.78
N SER A 817 -14.00 0.17 30.51
CA SER A 817 -13.54 -1.18 30.22
C SER A 817 -13.73 -2.05 31.44
N LEU A 818 -13.81 -3.36 31.24
CA LEU A 818 -14.16 -4.30 32.31
C LEU A 818 -13.16 -4.22 33.46
N GLN A 819 -13.64 -4.07 34.70
CA GLN A 819 -12.74 -3.75 35.84
C GLN A 819 -12.28 -4.95 36.65
N ASN A 820 -12.59 -6.14 36.17
CA ASN A 820 -12.21 -7.41 36.81
C ASN A 820 -12.71 -7.57 38.27
N ILE A 821 -13.93 -7.10 38.54
CA ILE A 821 -14.55 -7.26 39.87
C ILE A 821 -15.71 -8.26 39.93
N GLY A 822 -16.47 -8.41 38.83
CA GLY A 822 -17.64 -9.30 38.80
C GLY A 822 -18.95 -8.54 38.72
N ILE A 823 -19.90 -9.09 37.96
CA ILE A 823 -21.20 -8.46 37.73
C ILE A 823 -22.24 -8.85 38.80
N GLY A 824 -21.90 -9.79 39.68
CA GLY A 824 -22.85 -10.32 40.70
C GLY A 824 -22.55 -9.91 42.15
N LEU A 825 -21.68 -8.93 42.37
CA LEU A 825 -21.37 -8.47 43.74
C LEU A 825 -22.58 -7.91 44.48
N ALA A 826 -23.48 -7.26 43.73
CA ALA A 826 -24.65 -6.59 44.30
C ALA A 826 -25.63 -7.58 44.93
N VAL A 827 -25.91 -7.39 46.21
CA VAL A 827 -26.76 -8.31 46.97
C VAL A 827 -28.21 -8.17 46.54
N LYS A 828 -28.77 -9.27 46.06
CA LYS A 828 -30.20 -9.40 45.79
C LYS A 828 -30.82 -10.38 46.79
N LEU A 829 -32.06 -10.12 47.19
CA LEU A 829 -32.79 -11.05 48.06
C LEU A 829 -33.32 -12.19 47.19
N ALA A 830 -33.93 -13.19 47.84
CA ALA A 830 -34.47 -14.35 47.14
C ALA A 830 -35.44 -13.96 46.01
N ASN A 831 -36.36 -13.04 46.31
CA ASN A 831 -37.31 -12.53 45.29
C ASN A 831 -36.71 -11.70 44.14
N GLY A 832 -35.42 -11.37 44.22
CA GLY A 832 -34.75 -10.59 43.15
C GLY A 832 -34.60 -9.11 43.46
N ASP A 833 -35.26 -8.62 44.51
CA ASP A 833 -35.11 -7.21 44.91
C ASP A 833 -33.67 -6.93 45.34
N TYR A 834 -33.14 -5.77 44.96
CA TYR A 834 -31.86 -5.32 45.50
C TYR A 834 -32.00 -5.02 47.00
N ALA A 835 -31.04 -5.52 47.77
CA ALA A 835 -30.90 -5.10 49.16
C ALA A 835 -30.53 -3.63 49.18
N TYR A 836 -30.99 -2.91 50.21
CA TYR A 836 -30.76 -1.47 50.31
C TYR A 836 -30.74 -1.01 51.76
N LEU A 837 -29.82 -0.09 52.04
CA LEU A 837 -29.70 0.52 53.36
C LEU A 837 -30.07 1.99 53.23
N ASN A 838 -31.24 2.33 53.76
CA ASN A 838 -31.70 3.71 53.81
C ASN A 838 -30.97 4.45 54.94
N SER A 839 -29.97 5.25 54.59
CA SER A 839 -29.19 5.99 55.56
C SER A 839 -28.58 7.21 54.90
N GLY A 840 -28.55 8.31 55.64
CA GLY A 840 -27.88 9.53 55.19
C GLY A 840 -28.52 10.05 53.92
N ASP A 841 -27.72 10.15 52.86
CA ASP A 841 -28.16 10.64 51.56
C ASP A 841 -28.78 9.54 50.68
N ASN A 842 -28.79 8.29 51.15
CA ASN A 842 -29.31 7.17 50.37
C ASN A 842 -30.79 6.91 50.71
N LYS A 843 -31.70 7.57 49.98
CA LYS A 843 -33.14 7.52 50.23
C LYS A 843 -33.98 6.85 49.12
N ALA A 844 -33.33 6.08 48.25
CA ALA A 844 -33.98 5.55 47.03
C ALA A 844 -35.07 4.53 47.33
N PHE A 845 -34.83 3.68 48.31
CA PHE A 845 -35.82 2.69 48.77
C PHE A 845 -35.80 2.67 50.30
N ASN A 846 -36.78 1.98 50.87
CA ASN A 846 -36.77 1.68 52.30
C ASN A 846 -35.73 0.64 52.56
N THR A 847 -35.18 0.65 53.77
CA THR A 847 -34.20 -0.35 54.15
C THR A 847 -34.80 -1.74 53.91
N LEU A 848 -34.07 -2.57 53.16
CA LEU A 848 -34.45 -3.96 52.95
C LEU A 848 -33.18 -4.79 52.98
N LEU A 849 -33.07 -5.69 53.96
CA LEU A 849 -31.85 -6.49 54.15
C LEU A 849 -32.18 -7.98 54.12
N PRO A 850 -31.17 -8.84 53.84
CA PRO A 850 -31.40 -10.30 53.91
C PRO A 850 -31.79 -10.76 55.31
N THR A 851 -32.64 -11.78 55.38
CA THR A 851 -33.19 -12.25 56.65
C THR A 851 -32.13 -12.82 57.61
N ALA A 852 -31.04 -13.35 57.08
CA ALA A 852 -29.95 -13.89 57.90
C ALA A 852 -29.29 -12.84 58.84
N ILE A 853 -29.34 -11.57 58.43
CA ILE A 853 -28.81 -10.45 59.22
C ILE A 853 -29.94 -9.51 59.64
N SER A 854 -31.12 -10.13 59.84
CA SER A 854 -32.44 -9.50 60.02
C SER A 854 -32.63 -8.17 59.29
N MET B 1 44.93 -14.11 -68.71
CA MET B 1 45.79 -14.92 -67.80
C MET B 1 45.51 -16.43 -67.94
N GLY B 2 46.48 -17.28 -67.63
CA GLY B 2 46.23 -18.72 -67.40
C GLY B 2 45.45 -18.95 -66.09
N PRO B 3 44.91 -20.16 -65.90
CA PRO B 3 44.13 -20.41 -64.68
C PRO B 3 44.99 -20.42 -63.39
N GLY B 4 44.35 -20.12 -62.26
CA GLY B 4 45.07 -20.05 -60.98
C GLY B 4 44.23 -19.50 -59.86
N THR B 5 44.90 -19.17 -58.75
CA THR B 5 44.26 -18.66 -57.54
C THR B 5 43.55 -17.33 -57.69
N TRP B 6 43.92 -16.54 -58.70
CA TRP B 6 43.21 -15.28 -58.98
C TRP B 6 41.71 -15.44 -59.24
N GLU B 7 41.27 -16.65 -59.59
CA GLU B 7 39.87 -16.95 -59.82
C GLU B 7 39.03 -17.00 -58.51
N ASN B 8 39.68 -16.86 -57.35
CA ASN B 8 39.02 -16.59 -56.10
C ASN B 8 38.38 -15.21 -56.10
N MET B 9 38.79 -14.31 -57.00
CA MET B 9 38.17 -13.00 -57.14
C MET B 9 36.68 -13.15 -57.38
N ALA B 10 35.91 -12.16 -56.95
CA ALA B 10 34.49 -12.11 -57.28
C ALA B 10 34.30 -12.10 -58.80
N PHE B 11 33.29 -12.82 -59.27
CA PHE B 11 32.92 -12.87 -60.68
C PHE B 11 32.62 -11.49 -61.23
N ALA B 12 32.00 -10.66 -60.42
CA ALA B 12 31.77 -9.26 -60.77
C ALA B 12 31.60 -8.43 -59.49
N GLN B 13 31.93 -7.14 -59.59
CA GLN B 13 31.85 -6.22 -58.44
C GLN B 13 30.48 -5.54 -58.37
N ASP B 14 29.43 -6.34 -58.24
CA ASP B 14 28.07 -5.84 -58.08
C ASP B 14 27.17 -6.88 -57.43
N SER B 15 25.93 -6.50 -57.18
CA SER B 15 24.96 -7.36 -56.48
C SER B 15 24.62 -8.72 -57.12
N SER B 16 24.87 -8.85 -58.42
CA SER B 16 24.73 -10.14 -59.11
C SER B 16 25.78 -11.18 -58.74
N ALA B 17 26.93 -10.76 -58.18
CA ALA B 17 27.96 -11.73 -57.69
C ALA B 17 28.44 -11.56 -56.24
N ILE B 18 28.01 -10.50 -55.55
CA ILE B 18 28.37 -10.29 -54.15
C ILE B 18 27.13 -9.85 -53.37
N ASN B 19 26.71 -10.65 -52.39
CA ASN B 19 25.65 -10.23 -51.49
C ASN B 19 26.17 -9.13 -50.61
N ASN B 20 25.28 -8.22 -50.28
CA ASN B 20 25.64 -7.02 -49.54
C ASN B 20 24.39 -6.39 -48.96
N ILE B 21 24.60 -5.61 -47.91
CA ILE B 21 23.51 -4.97 -47.18
C ILE B 21 23.82 -3.48 -47.18
N ASP B 22 23.07 -2.73 -48.00
CA ASP B 22 23.36 -1.31 -48.30
C ASP B 22 24.82 -1.02 -48.67
N GLY B 23 25.43 -1.96 -49.39
CA GLY B 23 26.83 -1.85 -49.79
C GLY B 23 27.86 -2.46 -48.85
N TYR B 24 27.48 -2.74 -47.60
CA TYR B 24 28.36 -3.39 -46.61
C TYR B 24 28.30 -4.91 -46.78
N LEU B 25 29.38 -5.59 -46.40
CA LEU B 25 29.48 -7.05 -46.48
C LEU B 25 29.31 -7.71 -45.10
N SER B 26 28.69 -8.89 -45.08
CA SER B 26 28.52 -9.69 -43.85
C SER B 26 29.30 -10.99 -43.97
N TYR B 27 30.06 -11.34 -42.93
CA TYR B 27 30.87 -12.56 -42.95
C TYR B 27 30.06 -13.84 -43.17
N THR B 28 28.79 -13.87 -42.73
CA THR B 28 27.94 -15.05 -42.95
C THR B 28 27.28 -15.12 -44.36
N ASP B 29 27.40 -14.06 -45.17
CA ASP B 29 26.88 -14.06 -46.55
C ASP B 29 27.81 -14.80 -47.52
N TRP B 30 27.31 -14.96 -48.74
CA TRP B 30 27.93 -15.77 -49.79
C TRP B 30 28.26 -14.86 -50.99
N TYR B 31 29.13 -15.34 -51.85
CA TYR B 31 29.45 -14.64 -53.10
C TYR B 31 29.72 -15.66 -54.23
N ARG B 32 29.70 -15.17 -55.45
CA ARG B 32 30.04 -15.97 -56.64
C ARG B 32 31.50 -15.67 -57.06
N PRO B 33 32.45 -16.58 -56.78
CA PRO B 33 33.82 -16.37 -57.31
C PRO B 33 33.88 -16.61 -58.81
N TYR B 34 34.95 -16.16 -59.46
CA TYR B 34 35.13 -16.39 -60.91
C TYR B 34 35.28 -17.88 -61.22
N GLY B 35 36.10 -18.57 -60.43
CA GLY B 35 36.26 -20.03 -60.58
C GLY B 35 36.58 -20.72 -59.27
N THR B 36 36.61 -22.05 -59.33
CA THR B 36 36.94 -22.90 -58.16
C THR B 36 37.80 -24.07 -58.57
N SER B 37 38.49 -24.66 -57.60
CA SER B 37 39.35 -25.82 -57.83
C SER B 37 39.33 -26.84 -56.70
N GLN B 38 39.47 -28.12 -57.04
CA GLN B 38 39.57 -29.21 -56.07
C GLN B 38 41.01 -29.61 -55.75
N ASP B 39 42.00 -29.16 -56.52
CA ASP B 39 43.43 -29.53 -56.30
C ASP B 39 44.47 -28.40 -56.46
N GLY B 40 44.04 -27.18 -56.78
CA GLY B 40 44.96 -26.10 -57.14
C GLY B 40 45.63 -26.14 -58.50
N LYS B 41 45.31 -27.16 -59.29
CA LYS B 41 45.91 -27.39 -60.60
C LYS B 41 44.90 -27.13 -61.72
N THR B 42 43.71 -27.73 -61.62
CA THR B 42 42.66 -27.52 -62.63
C THR B 42 41.53 -26.65 -62.03
N TRP B 43 41.18 -25.58 -62.74
CA TRP B 43 40.24 -24.56 -62.28
C TRP B 43 39.06 -24.54 -63.23
N TYR B 44 37.87 -24.49 -62.66
CA TYR B 44 36.62 -24.48 -63.43
C TYR B 44 35.92 -23.17 -63.23
N LYS B 45 35.50 -22.55 -64.33
CA LYS B 45 34.61 -21.37 -64.25
C LYS B 45 33.29 -21.71 -63.54
N THR B 46 32.70 -20.67 -62.99
CA THR B 46 31.60 -20.77 -62.10
C THR B 46 30.35 -20.47 -62.97
N THR B 47 29.26 -21.23 -62.78
CA THR B 47 27.95 -20.83 -63.30
C THR B 47 27.29 -19.88 -62.30
N ALA B 48 26.19 -19.26 -62.74
CA ALA B 48 25.42 -18.33 -61.91
C ALA B 48 24.83 -18.96 -60.65
N MET B 49 24.80 -20.30 -60.59
CA MET B 49 24.35 -21.05 -59.42
C MET B 49 25.46 -21.46 -58.44
N ASP B 50 26.73 -21.26 -58.81
CA ASP B 50 27.86 -21.73 -58.00
C ASP B 50 28.32 -20.62 -57.05
N TRP B 51 27.63 -20.47 -55.91
CA TRP B 51 27.99 -19.48 -54.87
C TRP B 51 28.69 -20.18 -53.72
N ARG B 52 29.52 -19.42 -53.00
CA ARG B 52 30.33 -19.94 -51.89
C ARG B 52 30.29 -19.00 -50.68
N PRO B 53 30.38 -19.54 -49.45
CA PRO B 53 30.38 -18.70 -48.25
C PRO B 53 31.67 -17.87 -48.14
N LEU B 54 31.52 -16.62 -47.71
CA LEU B 54 32.65 -15.72 -47.51
C LEU B 54 33.63 -16.24 -46.46
N LEU B 55 33.13 -16.98 -45.47
CA LEU B 55 34.01 -17.57 -44.43
C LEU B 55 34.98 -18.66 -44.90
N MET B 56 34.89 -19.09 -46.16
CA MET B 56 35.96 -19.88 -46.80
C MET B 56 37.16 -19.04 -47.23
N TYR B 57 36.93 -17.74 -47.47
CA TYR B 57 37.92 -16.82 -48.06
C TYR B 57 38.37 -15.65 -47.17
N ILE B 58 37.48 -15.15 -46.29
CA ILE B 58 37.78 -14.00 -45.41
C ILE B 58 37.28 -14.21 -43.97
N TRP B 59 37.93 -13.51 -43.03
CA TRP B 59 37.65 -13.61 -41.60
C TRP B 59 37.98 -12.27 -40.92
N PRO B 60 37.34 -11.97 -39.77
CA PRO B 60 37.64 -10.70 -39.07
C PRO B 60 39.03 -10.63 -38.42
N SER B 61 39.68 -11.78 -38.23
CA SER B 61 41.03 -11.82 -37.64
C SER B 61 41.72 -13.15 -37.93
N LYS B 62 43.04 -13.17 -37.72
CA LYS B 62 43.84 -14.38 -37.74
C LYS B 62 43.32 -15.45 -36.78
N ASP B 63 42.87 -15.02 -35.60
CA ASP B 63 42.27 -15.89 -34.60
C ASP B 63 41.10 -16.69 -35.20
N VAL B 64 40.14 -15.97 -35.79
CA VAL B 64 38.93 -16.59 -36.36
C VAL B 64 39.27 -17.47 -37.60
N GLN B 65 40.22 -17.03 -38.42
CA GLN B 65 40.74 -17.84 -39.54
C GLN B 65 41.28 -19.17 -39.03
N ALA B 66 42.05 -19.14 -37.95
CA ALA B 66 42.58 -20.36 -37.34
C ALA B 66 41.48 -21.26 -36.80
N GLN B 67 40.49 -20.70 -36.08
CA GLN B 67 39.32 -21.47 -35.62
C GLN B 67 38.56 -22.13 -36.76
N PHE B 68 38.43 -21.42 -37.88
CA PHE B 68 37.71 -21.94 -39.05
C PHE B 68 38.39 -23.19 -39.62
N ILE B 69 39.69 -23.08 -39.86
CA ILE B 69 40.50 -24.18 -40.38
C ILE B 69 40.42 -25.38 -39.41
N LYS B 70 40.59 -25.09 -38.12
CA LYS B 70 40.49 -26.09 -37.05
C LYS B 70 39.14 -26.80 -37.00
N TYR B 71 38.06 -26.01 -36.97
CA TYR B 71 36.69 -26.51 -36.94
C TYR B 71 36.35 -27.41 -38.15
N PHE B 72 36.69 -26.94 -39.36
CA PHE B 72 36.36 -27.70 -40.58
C PHE B 72 37.14 -29.02 -40.67
N VAL B 73 38.43 -28.99 -40.30
CA VAL B 73 39.23 -30.22 -40.29
C VAL B 73 38.67 -31.26 -39.28
N ASN B 74 38.13 -30.79 -38.15
CA ASN B 74 37.49 -31.67 -37.16
C ASN B 74 36.02 -32.08 -37.45
N ASN B 75 35.42 -31.55 -38.51
CA ASN B 75 34.01 -31.82 -38.85
C ASN B 75 33.83 -32.20 -40.34
N GLY B 76 34.66 -33.12 -40.81
CA GLY B 76 34.47 -33.76 -42.10
C GLY B 76 35.32 -33.26 -43.25
N TYR B 77 36.29 -32.38 -43.00
CA TYR B 77 37.13 -31.83 -44.08
C TYR B 77 38.62 -32.13 -43.84
N GLU B 78 38.89 -33.37 -43.46
CA GLU B 78 40.24 -33.86 -43.20
C GLU B 78 40.81 -34.49 -44.45
N ASN B 79 42.05 -34.15 -44.78
CA ASN B 79 42.77 -34.76 -45.89
C ASN B 79 44.29 -34.64 -45.70
N ALA B 80 44.92 -35.77 -45.37
CA ALA B 80 46.37 -35.88 -45.17
C ALA B 80 47.22 -35.42 -46.37
N ASN B 81 46.71 -35.65 -47.59
CA ASN B 81 47.42 -35.27 -48.82
C ASN B 81 47.51 -33.74 -49.05
N TYR B 82 46.66 -32.95 -48.37
CA TYR B 82 46.70 -31.48 -48.45
C TYR B 82 47.14 -30.81 -47.13
N GLY B 83 47.89 -31.56 -46.32
CA GLY B 83 48.45 -31.07 -45.06
C GLY B 83 47.46 -30.70 -43.98
N LEU B 84 46.26 -31.28 -44.04
CA LEU B 84 45.16 -30.93 -43.14
C LEU B 84 44.62 -32.16 -42.42
N THR B 85 45.27 -32.49 -41.31
CA THR B 85 44.84 -33.55 -40.40
C THR B 85 44.51 -32.92 -39.06
N LYS B 86 43.97 -33.73 -38.15
CA LYS B 86 43.67 -33.26 -36.79
C LYS B 86 44.94 -32.90 -36.03
N ASP B 87 46.01 -33.64 -36.29
CA ASP B 87 47.33 -33.30 -35.76
C ASP B 87 47.85 -31.98 -36.30
N THR B 88 47.90 -31.84 -37.63
CA THR B 88 48.49 -30.62 -38.24
C THR B 88 47.77 -29.31 -37.87
N VAL B 89 46.53 -29.43 -37.44
CA VAL B 89 45.69 -28.29 -37.10
C VAL B 89 45.53 -28.09 -35.58
N ALA B 90 45.91 -29.08 -34.76
CA ALA B 90 45.65 -29.05 -33.30
C ALA B 90 46.21 -27.84 -32.58
N ASN B 91 47.36 -27.32 -33.05
CA ASN B 91 48.06 -26.23 -32.35
C ASN B 91 47.94 -24.85 -33.00
N ILE B 92 47.32 -24.74 -34.18
CA ILE B 92 47.24 -23.43 -34.85
C ILE B 92 46.35 -22.48 -34.07
N ASN B 93 46.66 -21.18 -34.18
CA ASN B 93 45.99 -20.13 -33.40
C ASN B 93 46.29 -18.78 -34.05
N LYS B 94 45.91 -17.69 -33.38
CA LYS B 94 46.18 -16.33 -33.88
C LYS B 94 47.66 -16.01 -34.14
N ASP B 95 48.57 -16.67 -33.44
CA ASP B 95 50.01 -16.43 -33.58
C ASP B 95 50.71 -17.33 -34.60
N THR B 96 49.98 -18.23 -35.23
CA THR B 96 50.55 -19.03 -36.31
C THR B 96 50.95 -18.10 -37.45
N ASN B 97 52.08 -18.37 -38.06
CA ASN B 97 52.60 -17.59 -39.19
C ASN B 97 51.52 -17.29 -40.25
N THR B 98 51.54 -16.07 -40.80
CA THR B 98 50.55 -15.64 -41.79
C THR B 98 50.56 -16.47 -43.09
N THR B 99 51.75 -16.78 -43.61
CA THR B 99 51.81 -17.50 -44.88
C THR B 99 51.36 -18.97 -44.75
N VAL B 100 51.53 -19.59 -43.57
CA VAL B 100 51.08 -20.99 -43.37
C VAL B 100 49.56 -21.04 -43.15
N LEU B 101 49.03 -20.05 -42.42
CA LEU B 101 47.55 -19.90 -42.30
C LEU B 101 46.90 -19.72 -43.67
N ALA B 102 47.45 -18.85 -44.52
CA ALA B 102 46.89 -18.60 -45.85
C ALA B 102 46.97 -19.85 -46.74
N ASN B 103 48.07 -20.60 -46.58
CA ASN B 103 48.28 -21.84 -47.30
C ASN B 103 47.27 -22.92 -46.81
N MET B 104 47.16 -23.12 -45.51
CA MET B 104 46.20 -24.05 -44.95
C MET B 104 44.78 -23.73 -45.42
N ALA B 105 44.40 -22.45 -45.35
CA ALA B 105 43.09 -21.99 -45.84
C ALA B 105 42.87 -22.28 -47.34
N GLN B 106 43.88 -22.02 -48.17
CA GLN B 106 43.78 -22.32 -49.61
C GLN B 106 43.62 -23.84 -49.87
N ASN B 107 44.41 -24.65 -49.17
CA ASN B 107 44.32 -26.11 -49.27
C ASN B 107 42.97 -26.64 -48.75
N LEU B 108 42.47 -26.01 -47.70
CA LEU B 108 41.18 -26.36 -47.17
C LEU B 108 40.07 -26.09 -48.20
N ARG B 109 40.15 -24.98 -48.92
CA ARG B 109 39.18 -24.69 -49.97
C ARG B 109 39.13 -25.78 -51.02
N TYR B 110 40.30 -26.33 -51.36
CA TYR B 110 40.38 -27.47 -52.25
C TYR B 110 39.66 -28.68 -51.64
N VAL B 111 39.92 -28.94 -50.36
CA VAL B 111 39.28 -30.05 -49.64
C VAL B 111 37.75 -29.84 -49.53
N ILE B 112 37.31 -28.59 -49.40
CA ILE B 112 35.88 -28.26 -49.38
C ILE B 112 35.23 -28.50 -50.73
N GLU B 113 35.90 -28.05 -51.80
CA GLU B 113 35.42 -28.28 -53.15
C GLU B 113 35.26 -29.76 -53.49
N GLN B 114 36.12 -30.61 -52.92
CA GLN B 114 36.02 -32.07 -53.05
C GLN B 114 34.77 -32.58 -52.34
N SER B 115 34.46 -32.01 -51.18
CA SER B 115 33.25 -32.35 -50.43
C SER B 115 31.96 -31.94 -51.16
N ILE B 116 31.95 -30.72 -51.70
CA ILE B 116 30.85 -30.22 -52.55
C ILE B 116 30.59 -31.19 -53.71
N ALA B 117 31.67 -31.60 -54.40
CA ALA B 117 31.61 -32.56 -55.49
C ALA B 117 30.98 -33.89 -55.04
N ALA B 118 31.53 -34.46 -53.98
CA ALA B 118 31.04 -35.72 -53.43
C ALA B 118 29.56 -35.64 -53.03
N ASN B 119 29.15 -34.54 -52.40
CA ASN B 119 27.75 -34.36 -51.98
C ASN B 119 26.85 -33.70 -53.03
N LYS B 120 27.37 -33.40 -54.23
CA LYS B 120 26.57 -32.83 -55.32
C LYS B 120 25.77 -31.58 -54.92
N GLY B 121 26.41 -30.68 -54.17
CA GLY B 121 25.74 -29.49 -53.65
C GLY B 121 26.40 -28.92 -52.41
N THR B 122 25.96 -27.73 -52.03
CA THR B 122 26.55 -26.94 -50.95
C THR B 122 25.71 -26.97 -49.65
N SER B 123 24.84 -27.96 -49.55
CA SER B 123 23.83 -28.04 -48.49
C SER B 123 24.47 -28.34 -47.12
N LYS B 124 25.33 -29.37 -47.10
CA LYS B 124 26.13 -29.68 -45.91
C LYS B 124 27.06 -28.52 -45.54
N LEU B 125 27.78 -27.99 -46.54
CA LEU B 125 28.65 -26.83 -46.35
C LEU B 125 27.93 -25.68 -45.67
N ALA B 126 26.74 -25.35 -46.18
CA ALA B 126 25.92 -24.29 -45.59
C ALA B 126 25.63 -24.53 -44.11
N ASN B 127 25.30 -25.77 -43.75
CA ASN B 127 25.04 -26.12 -42.34
C ASN B 127 26.31 -26.06 -41.48
N ASP B 128 27.44 -26.50 -42.04
CA ASP B 128 28.73 -26.42 -41.35
C ASP B 128 29.18 -24.96 -41.11
N ILE B 129 28.95 -24.09 -42.09
CA ILE B 129 29.24 -22.66 -41.93
C ILE B 129 28.37 -22.04 -40.81
N ASN B 130 27.09 -22.38 -40.78
CA ASN B 130 26.18 -21.87 -39.72
C ASN B 130 26.57 -22.41 -38.35
N SER B 131 26.92 -23.70 -38.28
CA SER B 131 27.42 -24.32 -37.06
C SER B 131 28.74 -23.70 -36.59
N PHE B 132 29.68 -23.45 -37.51
CA PHE B 132 30.92 -22.75 -37.17
C PHE B 132 30.66 -21.34 -36.64
N ALA B 133 29.84 -20.57 -37.36
CA ALA B 133 29.59 -19.16 -37.00
C ALA B 133 29.01 -19.00 -35.59
N ALA B 134 28.13 -19.92 -35.22
CA ALA B 134 27.53 -19.95 -33.89
C ALA B 134 28.56 -20.12 -32.75
N THR B 135 29.77 -20.64 -33.06
CA THR B 135 30.83 -20.76 -32.04
C THR B 135 31.74 -19.53 -31.93
N VAL B 136 31.50 -18.48 -32.73
CA VAL B 136 32.38 -17.29 -32.75
C VAL B 136 31.60 -16.11 -32.18
N PRO B 137 32.01 -15.58 -31.01
CA PRO B 137 31.24 -14.51 -30.35
C PRO B 137 30.87 -13.32 -31.24
N GLU B 138 31.84 -12.80 -32.00
CA GLU B 138 31.58 -11.63 -32.85
C GLU B 138 30.61 -11.93 -34.02
N LEU B 139 30.43 -13.20 -34.38
CA LEU B 139 29.52 -13.61 -35.44
C LEU B 139 28.25 -14.26 -34.91
N SER B 140 27.93 -14.01 -33.64
CA SER B 140 26.77 -14.61 -32.99
C SER B 140 26.29 -13.74 -31.80
N ALA B 141 25.21 -14.16 -31.16
CA ALA B 141 24.48 -13.32 -30.17
C ALA B 141 25.30 -12.71 -29.04
N SER B 142 26.22 -13.50 -28.47
CA SER B 142 26.88 -13.08 -27.21
C SER B 142 27.65 -11.74 -27.31
N SER B 143 28.16 -11.40 -28.49
CA SER B 143 28.86 -10.11 -28.65
C SER B 143 27.95 -8.87 -28.57
N GLU B 144 26.63 -9.07 -28.63
CA GLU B 144 25.66 -7.99 -28.45
C GLU B 144 25.60 -7.47 -27.00
N LEU B 145 26.11 -8.29 -26.06
CA LEU B 145 26.27 -7.93 -24.64
C LEU B 145 24.91 -7.85 -23.90
N SER B 146 24.25 -9.00 -23.80
CA SER B 146 23.02 -9.12 -23.00
C SER B 146 23.29 -8.97 -21.51
N LEU B 147 22.35 -8.34 -20.81
CA LEU B 147 22.39 -8.33 -19.33
C LEU B 147 22.32 -9.73 -18.74
N GLN B 148 21.80 -10.70 -19.50
CA GLN B 148 21.70 -12.10 -19.04
C GLN B 148 23.04 -12.74 -18.67
N SER B 149 24.16 -12.20 -19.17
CA SER B 149 25.51 -12.71 -18.86
C SER B 149 26.15 -12.14 -17.58
N MET B 150 25.41 -11.28 -16.89
CA MET B 150 25.88 -10.66 -15.65
C MET B 150 26.00 -11.68 -14.54
N PRO B 151 26.90 -11.44 -13.56
CA PRO B 151 27.16 -12.41 -12.49
C PRO B 151 25.89 -12.74 -11.69
N ASN B 152 25.62 -14.03 -11.50
CA ASN B 152 24.44 -14.51 -10.77
C ASN B 152 23.18 -13.75 -11.24
N TYR B 153 22.98 -13.66 -12.56
CA TYR B 153 21.83 -12.93 -13.11
C TYR B 153 20.51 -13.55 -12.67
N ARG B 154 19.54 -12.67 -12.39
CA ARG B 154 18.21 -13.06 -11.95
C ARG B 154 17.24 -12.74 -13.09
N PRO B 155 16.62 -13.78 -13.68
CA PRO B 155 15.71 -13.50 -14.80
C PRO B 155 14.48 -12.72 -14.35
N ASP B 156 13.95 -11.90 -15.26
CA ASP B 156 12.82 -11.04 -14.97
C ASP B 156 11.54 -11.73 -15.46
N LYS B 157 10.54 -11.78 -14.58
CA LYS B 157 9.25 -12.42 -14.85
C LYS B 157 8.44 -11.78 -16.00
N SER B 158 8.78 -10.56 -16.38
CA SER B 158 8.15 -9.91 -17.54
C SER B 158 8.39 -10.64 -18.86
N GLY B 159 9.48 -11.41 -18.94
CA GLY B 159 9.82 -12.12 -20.15
C GLY B 159 10.49 -11.25 -21.22
N THR B 160 10.78 -9.99 -20.88
CA THR B 160 11.61 -9.11 -21.73
C THR B 160 12.75 -8.63 -20.89
N ILE B 161 13.78 -8.12 -21.53
CA ILE B 161 14.96 -7.60 -20.84
C ILE B 161 15.09 -6.14 -21.25
N ASP B 162 14.69 -5.25 -20.34
CA ASP B 162 14.51 -3.82 -20.63
C ASP B 162 15.78 -3.18 -21.16
N SER B 163 16.90 -3.48 -20.52
CA SER B 163 18.21 -2.93 -20.84
C SER B 163 18.97 -3.64 -21.97
N ASP B 164 18.34 -4.58 -22.68
CA ASP B 164 18.95 -5.22 -23.88
C ASP B 164 18.48 -4.48 -25.12
N GLN B 165 19.08 -3.31 -25.36
CA GLN B 165 18.71 -2.41 -26.43
C GLN B 165 19.92 -1.86 -27.18
N VAL B 166 19.60 -1.38 -28.37
CA VAL B 166 20.49 -0.63 -29.19
C VAL B 166 19.70 0.53 -29.79
N ILE B 167 20.31 1.72 -29.88
CA ILE B 167 19.68 2.88 -30.59
C ILE B 167 20.26 3.03 -32.00
N PHE B 168 19.45 3.57 -32.91
CA PHE B 168 19.93 3.92 -34.23
C PHE B 168 20.32 5.39 -34.16
N VAL B 169 21.58 5.66 -34.53
CA VAL B 169 22.14 7.02 -34.51
C VAL B 169 22.49 7.46 -35.91
N ASN B 170 22.68 8.77 -36.07
CA ASN B 170 23.05 9.33 -37.36
C ASN B 170 24.49 8.99 -37.69
N ASN B 171 24.75 8.79 -38.98
CA ASN B 171 26.11 8.56 -39.43
C ASN B 171 26.23 8.90 -40.92
N ASN B 172 26.61 10.14 -41.19
CA ASN B 172 26.92 10.59 -42.55
C ASN B 172 28.43 10.86 -42.75
N SER B 173 29.26 10.02 -42.14
CA SER B 173 30.71 10.18 -42.19
C SER B 173 31.27 9.83 -43.57
N LYS B 174 32.40 10.45 -43.89
CA LYS B 174 33.19 10.13 -45.08
C LYS B 174 34.44 9.32 -44.74
N ASP B 175 34.67 9.07 -43.45
CA ASP B 175 35.78 8.26 -42.95
C ASP B 175 35.40 6.79 -43.13
N PRO B 176 36.21 6.01 -43.89
CA PRO B 176 35.87 4.60 -44.07
C PRO B 176 35.90 3.73 -42.78
N ARG B 177 36.63 4.16 -41.74
CA ARG B 177 36.62 3.48 -40.44
C ARG B 177 35.28 3.59 -39.71
N LYS B 178 34.55 4.68 -39.95
CA LYS B 178 33.23 4.90 -39.37
C LYS B 178 32.06 4.43 -40.24
N GLY B 179 32.26 4.34 -41.54
CA GLY B 179 31.17 3.96 -42.43
C GLY B 179 30.15 5.07 -42.58
N ASN B 180 29.02 4.73 -43.19
CA ASN B 180 28.00 5.71 -43.59
C ASN B 180 26.67 4.99 -43.77
N THR B 181 25.66 5.42 -43.02
CA THR B 181 24.32 4.83 -43.12
C THR B 181 23.31 5.97 -43.22
N SER B 182 23.60 6.94 -44.08
CA SER B 182 22.90 8.25 -44.03
C SER B 182 21.43 8.15 -44.42
N TYR B 183 21.09 7.19 -45.25
CA TYR B 183 19.70 6.80 -45.55
C TYR B 183 18.83 6.50 -44.30
N ALA B 184 19.47 6.12 -43.18
CA ALA B 184 18.81 5.90 -41.89
C ALA B 184 18.95 7.06 -40.90
N ASP B 185 19.51 8.20 -41.34
CA ASP B 185 19.58 9.41 -40.50
C ASP B 185 18.19 9.97 -40.23
N SER B 186 18.12 10.78 -39.17
CA SER B 186 16.89 11.43 -38.81
C SER B 186 17.21 12.75 -38.09
N ASN B 187 16.38 13.74 -38.38
CA ASN B 187 16.28 14.99 -37.62
C ASN B 187 15.39 14.89 -36.35
N TYR B 188 14.79 13.72 -36.08
CA TYR B 188 13.89 13.55 -34.92
C TYR B 188 14.48 12.54 -33.94
N ARG B 189 13.86 11.36 -33.78
CA ARG B 189 14.19 10.47 -32.65
C ARG B 189 14.26 11.22 -31.29
N LEU B 190 13.26 12.06 -31.02
CA LEU B 190 13.11 12.62 -29.67
C LEU B 190 12.64 11.48 -28.78
N MET B 191 13.54 10.97 -27.95
CA MET B 191 13.23 9.81 -27.07
C MET B 191 12.82 10.25 -25.67
N ASN B 192 11.96 9.46 -25.05
CA ASN B 192 11.48 9.65 -23.65
C ASN B 192 10.66 10.92 -23.48
N ARG B 193 9.95 11.35 -24.52
CA ARG B 193 8.98 12.42 -24.40
C ARG B 193 7.64 11.81 -23.97
N THR B 194 7.72 11.14 -22.82
CA THR B 194 6.72 10.23 -22.35
C THR B 194 6.05 10.87 -21.13
N ILE B 195 4.73 10.73 -21.09
CA ILE B 195 3.88 11.25 -20.00
C ILE B 195 4.15 12.75 -19.77
N ASN B 196 4.56 13.15 -18.58
CA ASN B 196 4.74 14.55 -18.28
C ASN B 196 6.05 15.11 -18.87
N ASN B 197 6.92 14.25 -19.41
CA ASN B 197 8.11 14.73 -20.08
C ASN B 197 7.91 15.01 -21.57
N GLN B 198 6.66 15.16 -22.00
CA GLN B 198 6.33 15.49 -23.40
C GLN B 198 7.14 16.65 -23.97
N ALA B 199 7.25 17.73 -23.20
CA ALA B 199 7.99 18.93 -23.62
C ALA B 199 9.50 18.88 -23.30
N GLY B 200 9.99 17.75 -22.79
CA GLY B 200 11.41 17.59 -22.46
C GLY B 200 11.87 18.34 -21.23
N ASN B 201 10.96 18.75 -20.35
CA ASN B 201 11.31 19.54 -19.17
C ASN B 201 10.68 19.09 -17.84
N ASN B 202 10.23 17.84 -17.75
CA ASN B 202 9.70 17.31 -16.51
C ASN B 202 9.79 15.79 -16.59
N ASN B 203 10.91 15.26 -16.12
CA ASN B 203 11.13 13.81 -16.07
C ASN B 203 10.76 13.19 -14.72
N SER B 204 9.75 13.74 -14.03
CA SER B 204 9.35 13.19 -12.73
C SER B 204 8.79 11.75 -12.84
N ASP B 205 8.33 11.33 -14.04
CA ASP B 205 7.89 9.95 -14.28
C ASP B 205 9.03 8.99 -14.67
N ASN B 206 10.08 9.51 -15.30
CA ASN B 206 11.16 8.67 -15.83
C ASN B 206 10.70 7.42 -16.60
N SER B 207 9.70 7.60 -17.47
CA SER B 207 9.06 6.48 -18.18
C SER B 207 9.83 6.21 -19.48
N PRO B 208 10.26 4.95 -19.70
CA PRO B 208 11.24 4.67 -20.76
C PRO B 208 10.66 4.61 -22.19
N GLU B 209 11.46 5.01 -23.16
CA GLU B 209 11.09 4.93 -24.58
C GLU B 209 11.07 3.48 -25.09
N LEU B 210 12.00 2.67 -24.58
CA LEU B 210 12.19 1.33 -25.15
C LEU B 210 11.61 0.24 -24.26
N LEU B 211 10.88 -0.69 -24.86
CA LEU B 211 10.41 -1.91 -24.23
C LEU B 211 11.04 -3.14 -24.93
N VAL B 212 10.54 -3.50 -26.10
CA VAL B 212 11.03 -4.66 -26.85
C VAL B 212 10.68 -4.43 -28.32
N GLY B 213 11.45 -5.06 -29.21
CA GLY B 213 11.16 -5.02 -30.65
C GLY B 213 11.82 -3.85 -31.34
N ASN B 214 11.36 -3.54 -32.56
CA ASN B 214 11.82 -2.35 -33.26
C ASN B 214 10.96 -1.20 -32.78
N ASP B 215 11.59 -0.26 -32.07
CA ASP B 215 10.85 0.87 -31.48
C ASP B 215 10.54 1.93 -32.53
N ILE B 216 9.25 2.24 -32.72
CA ILE B 216 8.85 3.24 -33.71
C ILE B 216 9.11 4.66 -33.20
N ASP B 217 9.66 5.53 -34.07
CA ASP B 217 9.87 6.93 -33.71
C ASP B 217 8.58 7.76 -33.82
N ASN B 218 7.78 7.76 -32.74
CA ASN B 218 6.53 8.53 -32.71
C ASN B 218 6.69 10.06 -32.51
N SER B 219 7.93 10.55 -32.43
CA SER B 219 8.25 11.98 -32.60
C SER B 219 8.39 12.45 -34.07
N ASN B 220 8.58 11.52 -35.00
CA ASN B 220 8.70 11.87 -36.44
C ASN B 220 7.34 12.35 -36.97
N PRO B 221 7.27 13.59 -37.49
CA PRO B 221 5.99 14.12 -37.98
C PRO B 221 5.31 13.30 -39.07
N VAL B 222 6.10 12.60 -39.91
CA VAL B 222 5.52 11.70 -40.91
C VAL B 222 4.90 10.46 -40.23
N VAL B 223 5.58 9.91 -39.23
CA VAL B 223 5.00 8.82 -38.45
C VAL B 223 3.69 9.25 -37.73
N GLN B 224 3.67 10.47 -37.20
CA GLN B 224 2.48 10.95 -36.48
C GLN B 224 1.29 11.08 -37.43
N ALA B 225 1.53 11.49 -38.68
CA ALA B 225 0.49 11.54 -39.70
C ALA B 225 -0.01 10.12 -40.03
N GLU B 226 0.93 9.18 -40.18
CA GLU B 226 0.59 7.78 -40.43
C GLU B 226 -0.26 7.13 -39.30
N ASN B 227 -0.01 7.50 -38.04
CA ASN B 227 -0.85 7.01 -36.93
C ASN B 227 -2.30 7.48 -37.06
N LEU B 228 -2.48 8.71 -37.56
CA LEU B 228 -3.83 9.24 -37.81
C LEU B 228 -4.51 8.48 -38.92
N ASN B 229 -3.75 8.13 -39.96
CA ASN B 229 -4.23 7.28 -41.03
C ASN B 229 -4.73 5.94 -40.51
N TRP B 230 -3.91 5.31 -39.66
CA TRP B 230 -4.14 3.97 -39.10
C TRP B 230 -5.37 3.95 -38.17
N GLU B 231 -5.51 5.01 -37.38
CA GLU B 231 -6.67 5.22 -36.51
C GLU B 231 -7.96 5.37 -37.31
N TYR B 232 -7.94 6.25 -38.31
CA TYR B 232 -9.07 6.42 -39.24
C TYR B 232 -9.46 5.10 -39.89
N PHE B 233 -8.46 4.32 -40.30
CA PHE B 233 -8.69 2.99 -40.90
C PHE B 233 -9.49 2.07 -39.98
N LEU B 234 -9.00 1.89 -38.75
CA LEU B 234 -9.59 0.98 -37.77
C LEU B 234 -11.00 1.41 -37.33
N LEU B 235 -11.20 2.72 -37.25
CA LEU B 235 -12.51 3.31 -36.93
C LEU B 235 -13.54 3.13 -38.03
N ASN B 236 -13.10 2.80 -39.26
CA ASN B 236 -13.99 2.53 -40.37
C ASN B 236 -13.71 1.18 -41.04
N TYR B 237 -13.15 0.23 -40.28
CA TYR B 237 -12.55 -0.99 -40.88
C TYR B 237 -13.45 -1.68 -41.91
N GLY B 238 -14.61 -2.11 -41.45
CA GLY B 238 -15.53 -2.90 -42.26
C GLY B 238 -15.95 -2.21 -43.55
N LYS B 239 -16.30 -0.92 -43.47
CA LYS B 239 -16.71 -0.24 -44.71
C LYS B 239 -15.57 0.12 -45.64
N LEU B 240 -14.37 0.35 -45.10
CA LEU B 240 -13.20 0.58 -45.96
C LEU B 240 -12.72 -0.70 -46.65
N MET B 241 -12.97 -1.87 -46.05
CA MET B 241 -12.59 -3.14 -46.66
C MET B 241 -13.68 -3.76 -47.55
N GLY B 242 -14.87 -3.17 -47.57
CA GLY B 242 -16.05 -3.78 -48.18
C GLY B 242 -16.50 -5.06 -47.46
N TYR B 243 -16.26 -5.15 -46.17
CA TYR B 243 -16.74 -6.27 -45.35
C TYR B 243 -18.03 -5.79 -44.69
N ASN B 244 -18.45 -6.39 -43.59
CA ASN B 244 -19.69 -5.97 -42.95
C ASN B 244 -19.64 -4.46 -42.71
N PRO B 245 -20.61 -3.69 -43.24
CA PRO B 245 -20.51 -2.22 -43.14
C PRO B 245 -20.75 -1.66 -41.73
N ASP B 246 -21.23 -2.46 -40.81
CA ASP B 246 -21.28 -2.08 -39.39
C ASP B 246 -20.08 -2.65 -38.61
N GLY B 247 -19.08 -3.19 -39.32
CA GLY B 247 -17.91 -3.81 -38.67
C GLY B 247 -16.74 -2.85 -38.47
N ASN B 248 -17.00 -1.78 -37.72
CA ASN B 248 -16.07 -0.67 -37.53
C ASN B 248 -15.80 -0.52 -36.02
N PHE B 249 -14.53 -0.36 -35.62
CA PHE B 249 -14.20 -0.14 -34.20
C PHE B 249 -14.69 1.24 -33.75
N ASP B 250 -15.09 1.32 -32.48
CA ASP B 250 -15.65 2.55 -31.91
C ASP B 250 -14.60 3.39 -31.18
N GLY B 251 -13.47 2.79 -30.81
CA GLY B 251 -12.46 3.44 -29.98
C GLY B 251 -11.26 2.52 -29.76
N PHE B 252 -10.36 2.91 -28.86
CA PHE B 252 -9.06 2.24 -28.71
C PHE B 252 -8.66 1.92 -27.28
N ARG B 253 -8.10 0.73 -27.10
CA ARG B 253 -7.25 0.45 -25.96
C ARG B 253 -5.83 0.78 -26.42
N VAL B 254 -5.20 1.79 -25.80
CA VAL B 254 -3.90 2.29 -26.30
C VAL B 254 -2.72 1.56 -25.63
N ASP B 255 -2.08 0.68 -26.40
CA ASP B 255 -0.93 -0.10 -25.93
C ASP B 255 0.29 0.79 -25.67
N ALA B 256 0.95 0.52 -24.54
CA ALA B 256 2.21 1.15 -24.18
C ALA B 256 2.15 2.67 -24.22
N ALA B 257 1.04 3.23 -23.73
CA ALA B 257 0.85 4.71 -23.67
C ALA B 257 1.96 5.47 -22.92
N ASP B 258 2.64 4.81 -21.99
CA ASP B 258 3.72 5.42 -21.21
C ASP B 258 5.08 5.40 -21.94
N ASN B 259 5.17 4.74 -23.10
CA ASN B 259 6.44 4.46 -23.76
C ASN B 259 6.52 5.00 -25.19
N ILE B 260 5.63 5.92 -25.54
CA ILE B 260 5.59 6.53 -26.87
C ILE B 260 5.48 8.05 -26.68
N ASP B 261 5.98 8.82 -27.64
CA ASP B 261 5.86 10.28 -27.61
C ASP B 261 4.38 10.66 -27.33
N ALA B 262 4.16 11.38 -26.23
CA ALA B 262 2.79 11.76 -25.79
C ALA B 262 2.02 12.60 -26.82
N ASP B 263 2.70 13.23 -27.77
CA ASP B 263 2.05 13.87 -28.93
C ASP B 263 0.95 13.00 -29.55
N VAL B 264 1.20 11.70 -29.68
CA VAL B 264 0.25 10.80 -30.36
C VAL B 264 -1.08 10.64 -29.59
N LEU B 265 -1.01 10.79 -28.27
CA LEU B 265 -2.22 10.78 -27.44
C LEU B 265 -3.07 12.04 -27.65
N ASP B 266 -2.41 13.20 -27.77
CA ASP B 266 -3.10 14.47 -28.11
C ASP B 266 -3.76 14.36 -29.46
N GLN B 267 -3.04 13.76 -30.40
CA GLN B 267 -3.43 13.71 -31.81
C GLN B 267 -4.59 12.74 -32.02
N MET B 268 -4.53 11.58 -31.36
CA MET B 268 -5.66 10.63 -31.40
C MET B 268 -6.93 11.28 -30.89
N GLY B 269 -6.84 11.98 -29.75
CA GLY B 269 -7.99 12.67 -29.17
C GLY B 269 -8.56 13.75 -30.08
N GLN B 270 -7.66 14.49 -30.75
CA GLN B 270 -8.05 15.53 -31.69
C GLN B 270 -8.82 14.94 -32.88
N LEU B 271 -8.29 13.89 -33.47
CA LEU B 271 -8.95 13.18 -34.57
C LEU B 271 -10.36 12.72 -34.18
N MET B 272 -10.45 12.02 -33.05
CA MET B 272 -11.75 11.52 -32.62
C MET B 272 -12.76 12.61 -32.28
N ASN B 273 -12.30 13.76 -31.80
CA ASN B 273 -13.19 14.90 -31.62
C ASN B 273 -13.60 15.56 -32.96
N ASP B 274 -12.65 15.66 -33.90
CA ASP B 274 -12.98 16.10 -35.25
C ASP B 274 -14.03 15.23 -35.94
N MET B 275 -13.92 13.90 -35.79
CA MET B 275 -14.85 12.96 -36.43
C MET B 275 -16.19 12.80 -35.71
N TYR B 276 -16.16 12.76 -34.37
CA TYR B 276 -17.33 12.37 -33.58
C TYR B 276 -17.84 13.40 -32.55
N HIS B 277 -17.13 14.52 -32.39
CA HIS B 277 -17.58 15.63 -31.55
C HIS B 277 -17.77 15.17 -30.11
N THR B 278 -16.70 14.58 -29.59
CA THR B 278 -16.65 13.97 -28.28
C THR B 278 -16.50 14.99 -27.13
N LYS B 279 -15.72 16.06 -27.38
CA LYS B 279 -15.42 17.06 -26.37
C LYS B 279 -16.66 17.89 -26.02
N GLY B 280 -16.98 17.98 -24.73
CA GLY B 280 -18.18 18.67 -24.31
C GLY B 280 -19.48 17.92 -24.57
N ASN B 281 -19.39 16.66 -25.04
CA ASN B 281 -20.56 15.88 -25.43
C ASN B 281 -20.43 14.44 -24.86
N PRO B 282 -20.78 14.23 -23.58
CA PRO B 282 -20.59 12.91 -22.96
C PRO B 282 -21.17 11.71 -23.74
N GLN B 283 -22.32 11.88 -24.42
CA GLN B 283 -22.91 10.80 -25.21
C GLN B 283 -21.99 10.39 -26.35
N ASN B 284 -21.40 11.38 -27.05
CA ASN B 284 -20.45 11.08 -28.13
C ASN B 284 -19.13 10.55 -27.59
N ALA B 285 -18.64 11.12 -26.48
CA ALA B 285 -17.37 10.66 -25.90
C ALA B 285 -17.46 9.22 -25.41
N ASN B 286 -18.56 8.91 -24.72
CA ASN B 286 -18.74 7.60 -24.12
C ASN B 286 -19.03 6.51 -25.18
N ASP B 287 -19.72 6.86 -26.27
CA ASP B 287 -19.85 5.96 -27.41
C ASP B 287 -18.53 5.60 -28.07
N HIS B 288 -17.51 6.46 -27.93
CA HIS B 288 -16.20 6.20 -28.47
C HIS B 288 -15.15 6.10 -27.37
N LEU B 289 -15.46 5.23 -26.40
CA LEU B 289 -14.62 5.02 -25.23
C LEU B 289 -13.21 4.61 -25.65
N SER B 290 -12.20 5.31 -25.11
CA SER B 290 -10.80 4.95 -25.30
C SER B 290 -10.07 5.02 -23.97
N TYR B 291 -9.08 4.13 -23.79
CA TYR B 291 -8.41 3.96 -22.50
C TYR B 291 -6.96 3.53 -22.70
N ASN B 292 -6.07 4.17 -21.94
CA ASN B 292 -4.62 4.03 -22.12
C ASN B 292 -4.04 3.05 -21.13
N GLU B 293 -3.25 2.11 -21.63
CA GLU B 293 -2.54 1.18 -20.77
C GLU B 293 -1.32 1.86 -20.19
N GLY B 294 -1.20 1.81 -18.87
CA GLY B 294 0.01 2.29 -18.21
C GLY B 294 0.06 2.02 -16.72
N TYR B 295 1.30 1.93 -16.24
CA TYR B 295 1.60 1.62 -14.85
C TYR B 295 2.30 2.81 -14.16
N HIS B 296 2.21 4.01 -14.74
CA HIS B 296 2.78 5.22 -14.11
C HIS B 296 1.67 6.15 -13.64
N SER B 297 1.55 6.35 -12.32
CA SER B 297 0.48 7.21 -11.74
C SER B 297 0.50 8.66 -12.23
N GLY B 298 1.65 9.16 -12.67
CA GLY B 298 1.76 10.52 -13.24
C GLY B 298 0.96 10.78 -14.50
N ALA B 299 0.55 9.72 -15.20
CA ALA B 299 -0.39 9.85 -16.31
C ALA B 299 -1.78 10.39 -15.92
N ALA B 300 -2.20 10.20 -14.67
CA ALA B 300 -3.48 10.77 -14.22
C ALA B 300 -3.47 12.30 -14.38
N GLN B 301 -2.45 12.92 -13.80
CA GLN B 301 -2.24 14.38 -13.88
C GLN B 301 -2.13 14.83 -15.36
N MET B 302 -1.31 14.14 -16.14
CA MET B 302 -1.20 14.45 -17.57
C MET B 302 -2.58 14.52 -18.23
N LEU B 303 -3.36 13.45 -18.07
CA LEU B 303 -4.69 13.35 -18.68
C LEU B 303 -5.68 14.39 -18.17
N ASN B 304 -5.68 14.68 -16.88
CA ASN B 304 -6.51 15.79 -16.33
C ASN B 304 -6.19 17.16 -16.96
N GLU B 305 -4.88 17.47 -17.08
CA GLU B 305 -4.45 18.71 -17.71
C GLU B 305 -4.88 18.81 -19.17
N LYS B 306 -4.95 17.66 -19.85
CA LYS B 306 -5.40 17.58 -21.25
C LYS B 306 -6.91 17.49 -21.46
N GLY B 307 -7.71 17.56 -20.39
CA GLY B 307 -9.16 17.40 -20.50
C GLY B 307 -9.64 15.97 -20.71
N ASN B 308 -8.79 15.01 -20.37
CA ASN B 308 -9.10 13.58 -20.34
C ASN B 308 -9.55 13.01 -21.69
N PRO B 309 -8.65 12.99 -22.68
CA PRO B 309 -8.99 12.44 -23.98
C PRO B 309 -9.07 10.89 -23.99
N GLN B 310 -8.42 10.25 -23.02
CA GLN B 310 -8.54 8.81 -22.78
C GLN B 310 -8.62 8.55 -21.28
N LEU B 311 -9.08 7.36 -20.89
CA LEU B 311 -9.09 6.97 -19.47
C LEU B 311 -7.69 6.63 -18.97
N TYR B 312 -7.44 7.01 -17.73
CA TYR B 312 -6.21 6.67 -17.02
C TYR B 312 -6.33 5.24 -16.48
N MET B 313 -5.27 4.44 -16.60
CA MET B 313 -5.29 3.09 -16.02
C MET B 313 -4.89 3.11 -14.55
N ASP B 314 -5.85 2.83 -13.66
CA ASP B 314 -5.62 2.81 -12.21
C ASP B 314 -4.89 1.56 -11.73
N SER B 315 -3.59 1.45 -12.06
CA SER B 315 -2.80 0.28 -11.62
C SER B 315 -2.63 0.18 -10.09
N GLY B 316 -2.65 1.32 -9.40
CA GLY B 316 -2.56 1.36 -7.94
C GLY B 316 -3.59 0.44 -7.28
N GLU B 317 -4.81 0.46 -7.82
CA GLU B 317 -5.91 -0.39 -7.38
C GLU B 317 -5.58 -1.86 -7.54
N PHE B 318 -5.02 -2.23 -8.69
CA PHE B 318 -4.63 -3.62 -8.92
C PHE B 318 -3.61 -4.08 -7.87
N TYR B 319 -2.55 -3.29 -7.65
CA TYR B 319 -1.53 -3.65 -6.64
C TYR B 319 -2.11 -3.68 -5.20
N THR B 320 -2.98 -2.74 -4.88
CA THR B 320 -3.67 -2.70 -3.57
C THR B 320 -4.54 -3.97 -3.37
N LEU B 321 -5.33 -4.33 -4.38
CA LEU B 321 -6.10 -5.56 -4.33
C LEU B 321 -5.21 -6.81 -4.10
N GLU B 322 -4.08 -6.89 -4.79
CA GLU B 322 -3.19 -8.03 -4.64
C GLU B 322 -2.44 -8.05 -3.31
N ASN B 323 -1.98 -6.88 -2.86
CA ASN B 323 -1.26 -6.78 -1.59
C ASN B 323 -2.18 -6.98 -0.38
N VAL B 324 -3.44 -6.58 -0.49
CA VAL B 324 -4.39 -6.68 0.63
C VAL B 324 -5.07 -8.05 0.69
N LEU B 325 -5.57 -8.54 -0.46
CA LEU B 325 -6.36 -9.77 -0.54
C LEU B 325 -5.66 -10.99 -1.15
N GLY B 326 -4.71 -10.76 -2.06
CA GLY B 326 -4.16 -11.83 -2.91
C GLY B 326 -2.98 -12.62 -2.38
N ARG B 327 -2.23 -12.09 -1.43
CA ARG B 327 -1.08 -12.80 -0.90
C ARG B 327 -1.48 -13.92 0.05
N ALA B 328 -0.57 -14.88 0.22
CA ALA B 328 -0.71 -15.91 1.25
C ALA B 328 -0.48 -15.29 2.63
N ASN B 329 0.61 -14.52 2.77
CA ASN B 329 1.02 -13.89 4.02
C ASN B 329 1.41 -12.43 3.83
N ASN B 330 1.63 -11.73 4.94
CA ASN B 330 2.01 -10.32 4.95
C ASN B 330 1.06 -9.49 4.10
N ARG B 331 -0.23 -9.71 4.33
CA ARG B 331 -1.28 -8.93 3.69
C ARG B 331 -1.29 -7.52 4.27
N ASP B 332 -1.39 -6.51 3.39
CA ASP B 332 -1.59 -5.14 3.85
C ASP B 332 -2.98 -5.02 4.46
N ASN B 333 -3.19 -3.96 5.22
CA ASN B 333 -4.45 -3.78 5.96
C ASN B 333 -5.63 -3.57 5.01
N ILE B 334 -6.79 -4.07 5.44
CA ILE B 334 -8.03 -3.96 4.68
C ILE B 334 -8.39 -2.51 4.31
N GLY B 335 -8.07 -1.57 5.20
CA GLY B 335 -8.27 -0.15 4.95
C GLY B 335 -7.55 0.44 3.75
N ASN B 336 -6.50 -0.21 3.23
CA ASN B 336 -5.83 0.24 1.98
C ASN B 336 -6.74 0.26 0.75
N LEU B 337 -7.76 -0.61 0.74
CA LEU B 337 -8.83 -0.57 -0.26
C LEU B 337 -9.59 0.76 -0.30
N ILE B 338 -9.62 1.49 0.82
CA ILE B 338 -10.27 2.78 0.89
C ILE B 338 -9.41 3.89 0.23
N THR B 339 -8.10 3.90 0.51
CA THR B 339 -7.23 5.04 0.22
C THR B 339 -6.24 4.85 -0.95
N ASN B 340 -5.81 3.62 -1.24
CA ASN B 340 -4.67 3.40 -2.18
C ASN B 340 -5.12 3.07 -3.59
N SER B 341 -5.72 4.09 -4.18
CA SER B 341 -6.27 4.08 -5.52
C SER B 341 -6.20 5.53 -6.00
N ILE B 342 -6.32 5.76 -7.29
CA ILE B 342 -6.44 7.12 -7.81
C ILE B 342 -7.71 7.85 -7.28
N VAL B 343 -8.70 7.08 -6.79
CA VAL B 343 -9.89 7.65 -6.10
C VAL B 343 -9.97 7.16 -4.65
N ASN B 344 -10.07 8.10 -3.72
CA ASN B 344 -10.38 7.78 -2.33
C ASN B 344 -11.92 7.52 -2.20
N ARG B 345 -12.28 6.37 -1.64
CA ARG B 345 -13.69 5.90 -1.61
C ARG B 345 -14.23 5.80 -0.20
N GLN B 346 -13.67 6.61 0.70
CA GLN B 346 -14.17 6.67 2.06
C GLN B 346 -15.62 7.12 2.05
N ASN B 347 -15.87 8.25 1.41
CA ASN B 347 -17.22 8.79 1.29
C ASN B 347 -17.29 9.58 -0.01
N ASP B 348 -17.41 8.82 -1.10
CA ASP B 348 -17.37 9.35 -2.45
C ASP B 348 -18.81 9.67 -2.84
N THR B 349 -19.17 10.95 -2.76
CA THR B 349 -20.56 11.40 -2.95
C THR B 349 -20.74 12.57 -3.92
N THR B 350 -19.80 12.75 -4.84
CA THR B 350 -19.87 13.81 -5.85
C THR B 350 -19.60 13.17 -7.21
N GLU B 351 -19.84 13.92 -8.28
CA GLU B 351 -19.54 13.46 -9.64
C GLU B 351 -18.71 14.53 -10.37
N ASN B 352 -18.10 14.10 -11.48
CA ASN B 352 -17.18 14.93 -12.29
C ASN B 352 -15.97 15.47 -11.56
N GLU B 353 -15.54 14.80 -10.49
CA GLU B 353 -14.37 15.22 -9.71
C GLU B 353 -13.19 14.28 -9.86
N ALA B 354 -13.47 12.99 -9.90
CA ALA B 354 -12.42 11.98 -9.91
C ALA B 354 -11.79 11.90 -11.29
N THR B 355 -10.55 11.44 -11.34
CA THR B 355 -9.84 11.23 -12.59
C THR B 355 -10.52 10.08 -13.36
N PRO B 356 -11.08 10.36 -14.55
CA PRO B 356 -11.69 9.25 -15.29
C PRO B 356 -10.70 8.13 -15.48
N ASN B 357 -11.08 6.92 -15.08
CA ASN B 357 -10.15 5.82 -15.06
C ASN B 357 -10.78 4.46 -15.33
N TRP B 358 -9.91 3.50 -15.66
CA TRP B 358 -10.25 2.09 -15.76
C TRP B 358 -9.38 1.27 -14.81
N SER B 359 -9.97 0.22 -14.25
CA SER B 359 -9.34 -0.57 -13.18
C SER B 359 -9.55 -2.03 -13.50
N PHE B 360 -8.73 -2.89 -12.88
CA PHE B 360 -8.75 -4.33 -13.16
C PHE B 360 -8.27 -5.19 -11.98
N VAL B 361 -8.77 -6.42 -11.94
CA VAL B 361 -8.24 -7.50 -11.08
C VAL B 361 -7.10 -8.27 -11.78
N THR B 362 -7.22 -8.49 -13.10
CA THR B 362 -6.24 -9.23 -13.86
C THR B 362 -6.21 -8.66 -15.28
N ASN B 363 -5.04 -8.73 -15.91
CA ASN B 363 -4.95 -8.59 -17.35
C ASN B 363 -3.96 -9.61 -17.93
N HIS B 364 -3.92 -9.72 -19.25
CA HIS B 364 -3.06 -10.70 -19.93
C HIS B 364 -1.59 -10.69 -19.49
N ASP B 365 -1.02 -9.51 -19.23
CA ASP B 365 0.37 -9.39 -18.77
C ASP B 365 0.57 -9.88 -17.34
N GLN B 366 -0.40 -9.63 -16.46
CA GLN B 366 -0.26 -10.04 -15.06
C GLN B 366 -0.31 -11.54 -14.90
N ARG B 367 -1.17 -12.20 -15.68
CA ARG B 367 -1.16 -13.67 -15.74
C ARG B 367 0.18 -14.19 -16.25
N LYS B 368 0.73 -13.54 -17.29
CA LYS B 368 2.06 -13.88 -17.84
C LYS B 368 3.16 -13.81 -16.79
N ASN B 369 3.19 -12.73 -16.00
CA ASN B 369 4.20 -12.55 -14.92
C ASN B 369 4.21 -13.73 -13.96
N LEU B 370 3.02 -14.21 -13.61
CA LEU B 370 2.85 -15.37 -12.75
C LEU B 370 3.35 -16.64 -13.42
N ILE B 371 2.95 -16.87 -14.67
CA ILE B 371 3.41 -18.04 -15.43
C ILE B 371 4.93 -18.03 -15.63
N ASN B 372 5.50 -16.87 -15.96
CA ASN B 372 6.96 -16.78 -16.13
C ASN B 372 7.71 -16.98 -14.80
N ARG B 373 7.22 -16.44 -13.69
CA ARG B 373 7.80 -16.77 -12.40
C ARG B 373 7.88 -18.27 -12.19
N LEU B 374 6.79 -18.95 -12.47
CA LEU B 374 6.71 -20.40 -12.34
C LEU B 374 7.71 -21.11 -13.26
N ILE B 375 7.86 -20.61 -14.48
CA ILE B 375 8.87 -21.15 -15.40
C ILE B 375 10.29 -21.00 -14.84
N ILE B 376 10.60 -19.83 -14.28
CA ILE B 376 11.93 -19.53 -13.72
C ILE B 376 12.19 -20.44 -12.52
N LYS B 377 11.20 -20.56 -11.62
CA LYS B 377 11.29 -21.47 -10.50
C LYS B 377 11.55 -22.90 -10.94
N ASP B 378 10.79 -23.36 -11.94
CA ASP B 378 10.88 -24.74 -12.42
C ASP B 378 12.18 -25.07 -13.18
N HIS B 379 12.90 -24.06 -13.65
CA HIS B 379 14.10 -24.28 -14.47
C HIS B 379 15.13 -23.19 -14.16
N SER B 380 15.44 -23.05 -12.88
CA SER B 380 16.36 -21.99 -12.43
C SER B 380 17.80 -22.25 -12.95
N ASN B 381 18.08 -23.52 -13.28
CA ASN B 381 19.39 -23.97 -13.79
C ASN B 381 19.60 -23.73 -15.31
N ILE B 382 18.70 -23.01 -15.98
CA ILE B 382 18.80 -22.76 -17.43
C ILE B 382 19.15 -21.30 -17.71
N PRO B 383 20.41 -21.06 -18.17
CA PRO B 383 20.81 -19.67 -18.45
C PRO B 383 20.07 -19.17 -19.69
N ASP B 384 19.56 -17.94 -19.63
CA ASP B 384 18.76 -17.26 -20.69
C ASP B 384 17.31 -17.76 -20.82
N ILE B 385 16.72 -18.32 -19.76
CA ILE B 385 15.37 -18.88 -19.82
C ILE B 385 14.23 -17.97 -20.32
N MET B 386 14.31 -16.65 -20.08
CA MET B 386 13.30 -15.71 -20.62
C MET B 386 13.69 -15.12 -21.98
N GLY B 387 14.92 -15.35 -22.42
CA GLY B 387 15.34 -15.04 -23.80
C GLY B 387 15.36 -16.25 -24.71
N SER B 388 16.52 -16.49 -25.33
CA SER B 388 16.64 -17.48 -26.42
C SER B 388 16.50 -18.93 -25.99
N ALA B 389 16.67 -19.22 -24.69
CA ALA B 389 16.46 -20.59 -24.17
C ALA B 389 15.02 -20.89 -23.68
N TYR B 390 14.09 -19.93 -23.88
CA TYR B 390 12.66 -20.13 -23.56
C TYR B 390 12.10 -21.25 -24.42
N LYS B 391 11.28 -22.11 -23.83
CA LYS B 391 10.64 -23.19 -24.57
C LYS B 391 9.19 -23.28 -24.16
N VAL B 392 8.30 -23.44 -25.15
CA VAL B 392 6.87 -23.60 -24.92
C VAL B 392 6.52 -24.77 -23.98
N GLU B 393 7.30 -25.85 -24.00
CA GLU B 393 7.10 -26.96 -23.04
C GLU B 393 7.20 -26.48 -21.55
N TYR B 394 8.01 -25.47 -21.26
CA TYR B 394 8.08 -24.90 -19.90
C TYR B 394 6.77 -24.19 -19.53
N ALA B 395 6.19 -23.48 -20.49
CA ALA B 395 4.88 -22.85 -20.30
C ALA B 395 3.76 -23.87 -20.00
N ASN B 396 3.71 -24.94 -20.80
CA ASN B 396 2.73 -26.03 -20.61
C ASN B 396 2.84 -26.65 -19.22
N GLN B 397 4.06 -26.93 -18.78
CA GLN B 397 4.31 -27.43 -17.44
C GLN B 397 3.81 -26.41 -16.39
N ALA B 398 4.13 -25.13 -16.57
CA ALA B 398 3.65 -24.08 -15.65
C ALA B 398 2.12 -23.99 -15.59
N TRP B 399 1.47 -24.12 -16.74
CA TRP B 399 0.01 -24.07 -16.77
C TRP B 399 -0.67 -25.22 -16.03
N GLN B 400 -0.17 -26.43 -16.24
CA GLN B 400 -0.59 -27.58 -15.46
C GLN B 400 -0.41 -27.32 -13.96
N GLU B 401 0.73 -26.74 -13.57
CA GLU B 401 0.99 -26.41 -12.15
C GLU B 401 0.06 -25.31 -11.63
N PHE B 402 -0.23 -24.32 -12.48
CA PHE B 402 -1.13 -23.21 -12.13
C PHE B 402 -2.59 -23.66 -11.92
N TYR B 403 -3.14 -24.43 -12.86
CA TYR B 403 -4.54 -24.90 -12.75
C TYR B 403 -4.76 -25.71 -11.47
N ALA B 404 -3.78 -26.54 -11.17
CA ALA B 404 -3.79 -27.35 -9.93
C ALA B 404 -3.75 -26.44 -8.70
N ASP B 405 -2.83 -25.49 -8.69
CA ASP B 405 -2.64 -24.60 -7.55
C ASP B 405 -3.83 -23.63 -7.36
N GLN B 406 -4.41 -23.16 -8.46
CA GLN B 406 -5.60 -22.30 -8.44
C GLN B 406 -6.80 -22.93 -7.69
N GLU B 407 -6.90 -24.26 -7.69
CA GLU B 407 -7.97 -24.99 -6.97
C GLU B 407 -7.74 -25.21 -5.48
N LYS B 408 -6.51 -25.03 -5.01
CA LYS B 408 -6.16 -25.29 -3.61
C LYS B 408 -6.67 -24.22 -2.66
N THR B 409 -6.76 -24.58 -1.38
CA THR B 409 -6.99 -23.61 -0.32
C THR B 409 -5.69 -22.85 -0.05
N ASN B 410 -4.60 -23.59 0.21
CA ASN B 410 -3.28 -22.99 0.44
C ASN B 410 -2.50 -22.84 -0.87
N LYS B 411 -2.93 -21.85 -1.64
CA LYS B 411 -2.32 -21.56 -2.93
C LYS B 411 -0.85 -21.13 -2.75
N GLN B 412 0.04 -21.70 -3.54
CA GLN B 412 1.47 -21.30 -3.62
C GLN B 412 1.81 -20.25 -4.67
N TYR B 413 0.98 -20.09 -5.70
CA TYR B 413 1.30 -19.22 -6.84
C TYR B 413 0.14 -18.33 -7.23
N ALA B 414 -1.04 -18.92 -7.41
CA ALA B 414 -2.22 -18.17 -7.82
C ALA B 414 -2.71 -17.25 -6.71
N GLN B 415 -3.56 -16.30 -7.10
CA GLN B 415 -4.07 -15.29 -6.19
C GLN B 415 -5.10 -15.84 -5.21
N TYR B 416 -5.02 -15.37 -3.96
CA TYR B 416 -6.07 -15.61 -2.98
C TYR B 416 -7.21 -14.63 -3.26
N ASN B 417 -8.41 -14.99 -2.78
CA ASN B 417 -9.57 -14.08 -2.73
C ASN B 417 -9.98 -13.45 -4.05
N VAL B 418 -9.91 -14.20 -5.15
CA VAL B 418 -10.24 -13.63 -6.47
C VAL B 418 -11.68 -13.12 -6.51
N PRO B 419 -12.67 -13.89 -5.99
CA PRO B 419 -14.04 -13.38 -5.95
C PRO B 419 -14.22 -12.04 -5.21
N ALA B 420 -13.53 -11.89 -4.07
CA ALA B 420 -13.62 -10.66 -3.27
C ALA B 420 -12.90 -9.48 -3.95
N GLN B 421 -11.81 -9.76 -4.66
CA GLN B 421 -11.15 -8.74 -5.48
C GLN B 421 -12.10 -8.18 -6.54
N TYR B 422 -12.84 -9.08 -7.18
CA TYR B 422 -13.89 -8.70 -8.13
C TYR B 422 -15.11 -8.01 -7.48
N ALA B 423 -15.51 -8.46 -6.29
CA ALA B 423 -16.63 -7.84 -5.59
C ALA B 423 -16.37 -6.37 -5.30
N ILE B 424 -15.14 -6.06 -4.91
CA ILE B 424 -14.68 -4.67 -4.72
C ILE B 424 -14.61 -3.90 -6.07
N LEU B 425 -13.96 -4.51 -7.06
CA LEU B 425 -13.82 -3.89 -8.38
C LEU B 425 -15.14 -3.48 -9.00
N LEU B 426 -16.11 -4.40 -8.95
CA LEU B 426 -17.41 -4.23 -9.61
C LEU B 426 -18.44 -3.40 -8.84
N SER B 427 -18.18 -3.15 -7.56
CA SER B 427 -18.98 -2.20 -6.74
C SER B 427 -18.36 -0.80 -6.64
N ASN B 428 -17.08 -0.62 -6.98
CA ASN B 428 -16.43 0.71 -6.85
C ASN B 428 -17.09 1.77 -7.72
N LYS B 429 -17.23 2.97 -7.16
CA LYS B 429 -17.68 4.16 -7.88
C LYS B 429 -16.48 4.84 -8.56
N ASP B 430 -16.76 5.70 -9.53
CA ASP B 430 -15.72 6.46 -10.21
C ASP B 430 -14.63 5.55 -10.83
N THR B 431 -15.09 4.58 -11.63
CA THR B 431 -14.21 3.74 -12.45
C THR B 431 -15.00 2.99 -13.50
N VAL B 432 -14.31 2.63 -14.58
CA VAL B 432 -14.83 1.64 -15.54
C VAL B 432 -14.03 0.37 -15.27
N PRO B 433 -14.66 -0.64 -14.64
CA PRO B 433 -13.90 -1.84 -14.33
C PRO B 433 -13.72 -2.71 -15.58
N GLN B 434 -12.62 -3.47 -15.58
CA GLN B 434 -12.22 -4.32 -16.68
C GLN B 434 -12.08 -5.77 -16.19
N VAL B 435 -12.93 -6.64 -16.73
CA VAL B 435 -12.93 -8.08 -16.41
C VAL B 435 -11.99 -8.79 -17.41
N TYR B 436 -11.28 -9.81 -16.93
CA TYR B 436 -10.29 -10.57 -17.75
C TYR B 436 -10.89 -11.90 -18.24
N TYR B 437 -10.76 -12.16 -19.53
CA TYR B 437 -11.17 -13.44 -20.17
C TYR B 437 -10.76 -14.66 -19.35
N GLY B 438 -9.52 -14.68 -18.90
CA GLY B 438 -8.96 -15.81 -18.16
C GLY B 438 -9.41 -16.04 -16.73
N ASP B 439 -10.21 -15.13 -16.18
CA ASP B 439 -10.86 -15.33 -14.88
C ASP B 439 -12.25 -15.92 -15.04
N LEU B 440 -12.83 -15.82 -16.24
CA LEU B 440 -14.09 -16.47 -16.56
C LEU B 440 -13.90 -17.84 -17.21
N TYR B 441 -12.80 -18.01 -17.95
CA TYR B 441 -12.56 -19.25 -18.72
C TYR B 441 -11.13 -19.75 -18.54
N ASN B 442 -10.94 -21.08 -18.66
CA ASN B 442 -9.59 -21.65 -18.70
C ASN B 442 -8.91 -21.25 -20.00
N GLU B 443 -7.99 -20.30 -19.88
CA GLU B 443 -7.53 -19.53 -21.02
C GLU B 443 -6.65 -20.27 -22.01
N THR B 444 -6.10 -21.42 -21.63
CA THR B 444 -5.29 -22.25 -22.56
C THR B 444 -6.08 -23.31 -23.36
N ALA B 445 -7.35 -23.53 -23.02
CA ALA B 445 -8.23 -24.37 -23.82
C ALA B 445 -8.76 -23.61 -25.02
N GLN B 446 -9.44 -24.31 -25.94
CA GLN B 446 -10.06 -23.66 -27.11
C GLN B 446 -11.04 -22.62 -26.60
N TYR B 447 -11.25 -21.57 -27.40
CA TYR B 447 -11.86 -20.33 -26.93
C TYR B 447 -13.26 -20.54 -26.34
N MET B 448 -13.39 -20.23 -25.05
CA MET B 448 -14.65 -20.32 -24.30
C MET B 448 -15.16 -21.74 -24.05
N GLN B 449 -14.33 -22.77 -24.26
CA GLN B 449 -14.79 -24.15 -24.11
C GLN B 449 -14.86 -24.64 -22.67
N GLU B 450 -13.97 -24.14 -21.81
CA GLU B 450 -13.94 -24.52 -20.38
C GLU B 450 -14.08 -23.33 -19.44
N LYS B 451 -15.13 -23.32 -18.60
CA LYS B 451 -15.29 -22.28 -17.61
C LYS B 451 -14.26 -22.43 -16.49
N SER B 452 -13.77 -21.29 -15.98
CA SER B 452 -12.90 -21.24 -14.80
C SER B 452 -13.74 -21.51 -13.55
N ILE B 453 -13.06 -21.95 -12.49
CA ILE B 453 -13.72 -22.10 -11.17
C ILE B 453 -14.30 -20.80 -10.65
N TYR B 454 -13.79 -19.65 -11.06
CA TYR B 454 -14.35 -18.37 -10.63
C TYR B 454 -15.49 -17.83 -11.53
N TYR B 455 -15.87 -18.57 -12.59
CA TYR B 455 -16.95 -18.14 -13.50
C TYR B 455 -18.24 -17.78 -12.76
N ASP B 456 -18.70 -18.67 -11.89
CA ASP B 456 -19.98 -18.45 -11.20
C ASP B 456 -19.95 -17.22 -10.32
N ALA B 457 -18.92 -17.10 -9.51
CA ALA B 457 -18.80 -15.96 -8.60
C ALA B 457 -18.72 -14.63 -9.35
N ILE B 458 -17.86 -14.55 -10.36
CA ILE B 458 -17.63 -13.29 -11.09
C ILE B 458 -18.86 -12.89 -11.90
N THR B 459 -19.46 -13.84 -12.63
CA THR B 459 -20.68 -13.58 -13.43
C THR B 459 -21.87 -13.18 -12.58
N THR B 460 -21.97 -13.76 -11.37
CA THR B 460 -22.98 -13.33 -10.41
C THR B 460 -22.75 -11.86 -10.08
N LEU B 461 -21.51 -11.50 -9.79
CA LEU B 461 -21.19 -10.08 -9.48
C LEU B 461 -21.44 -9.13 -10.67
N MET B 462 -21.13 -9.58 -11.87
CA MET B 462 -21.36 -8.80 -13.09
C MET B 462 -22.85 -8.48 -13.33
N ARG B 463 -23.72 -9.48 -13.25
CA ARG B 463 -25.15 -9.26 -13.46
C ARG B 463 -25.77 -8.35 -12.41
N ALA B 464 -25.37 -8.58 -11.17
CA ALA B 464 -25.85 -7.74 -10.04
C ALA B 464 -25.40 -6.29 -10.21
N ARG B 465 -24.21 -6.06 -10.76
CA ARG B 465 -23.71 -4.68 -11.00
C ARG B 465 -24.68 -3.88 -11.85
N LYS B 466 -25.03 -4.44 -13.01
CA LYS B 466 -25.99 -3.82 -13.95
C LYS B 466 -27.35 -3.58 -13.30
N GLN B 467 -27.78 -4.53 -12.47
CA GLN B 467 -29.06 -4.43 -11.78
C GLN B 467 -29.08 -3.41 -10.63
N PHE B 468 -27.97 -3.29 -9.89
CA PHE B 468 -28.00 -2.63 -8.56
C PHE B 468 -27.01 -1.48 -8.29
N VAL B 469 -25.86 -1.46 -8.97
CA VAL B 469 -24.73 -0.64 -8.55
C VAL B 469 -24.81 0.78 -9.13
N SER B 470 -25.11 1.74 -8.24
CA SER B 470 -25.22 3.16 -8.58
C SER B 470 -25.29 3.99 -7.29
N GLY B 471 -25.17 5.31 -7.42
CA GLY B 471 -25.20 6.23 -6.27
C GLY B 471 -23.88 6.44 -5.57
N GLY B 472 -23.94 7.11 -4.42
CA GLY B 472 -22.74 7.38 -3.60
C GLY B 472 -22.12 6.12 -3.05
N GLN B 473 -20.85 6.23 -2.63
CA GLN B 473 -20.14 5.12 -2.03
C GLN B 473 -19.53 5.53 -0.70
N THR B 474 -19.70 4.66 0.30
CA THR B 474 -18.98 4.75 1.56
C THR B 474 -18.29 3.43 1.89
N MET B 475 -16.99 3.50 2.20
CA MET B 475 -16.20 2.36 2.68
C MET B 475 -15.74 2.62 4.10
N THR B 476 -15.99 1.65 4.98
CA THR B 476 -15.77 1.81 6.44
C THR B 476 -15.21 0.53 7.01
N LYS B 477 -14.18 0.63 7.82
CA LYS B 477 -13.73 -0.53 8.61
C LYS B 477 -14.71 -0.84 9.75
N LEU B 478 -15.18 -2.09 9.77
CA LEU B 478 -16.05 -2.62 10.82
C LEU B 478 -15.23 -3.21 11.96
N ASN B 479 -14.06 -3.75 11.63
CA ASN B 479 -13.01 -4.07 12.60
C ASN B 479 -11.68 -3.90 11.90
N ASN B 480 -10.57 -4.26 12.55
CA ASN B 480 -9.26 -3.96 11.99
C ASN B 480 -8.95 -4.65 10.65
N ASN B 481 -9.64 -5.75 10.36
CA ASN B 481 -9.38 -6.58 9.19
C ASN B 481 -10.58 -6.82 8.26
N LEU B 482 -11.70 -6.13 8.52
CA LEU B 482 -12.95 -6.31 7.77
C LEU B 482 -13.56 -4.96 7.43
N LEU B 483 -14.08 -4.85 6.21
CA LEU B 483 -14.66 -3.60 5.71
C LEU B 483 -16.01 -3.81 5.01
N ALA B 484 -16.83 -2.76 5.01
CA ALA B 484 -18.08 -2.74 4.27
C ALA B 484 -18.00 -1.61 3.25
N SER B 485 -18.21 -1.98 1.99
CA SER B 485 -18.28 -1.04 0.88
C SER B 485 -19.73 -1.02 0.46
N VAL B 486 -20.35 0.16 0.57
CA VAL B 486 -21.76 0.34 0.33
C VAL B 486 -21.98 1.34 -0.77
N ARG B 487 -22.85 0.97 -1.72
CA ARG B 487 -23.43 1.89 -2.71
C ARG B 487 -24.90 2.13 -2.37
N TYR B 488 -25.32 3.39 -2.42
CA TYR B 488 -26.63 3.82 -1.92
C TYR B 488 -27.79 3.67 -2.91
N GLY B 489 -27.50 3.52 -4.21
CA GLY B 489 -28.54 3.29 -5.22
C GLY B 489 -28.65 4.42 -6.24
N LYS B 490 -29.29 4.16 -7.37
CA LYS B 490 -29.47 5.18 -8.39
C LYS B 490 -30.26 6.38 -7.86
N GLY B 491 -29.72 7.56 -8.10
CA GLY B 491 -30.28 8.80 -7.56
C GLY B 491 -30.25 8.93 -6.04
N VAL B 492 -29.39 8.17 -5.36
CA VAL B 492 -29.16 8.30 -3.92
C VAL B 492 -27.72 8.76 -3.73
N VAL B 493 -27.54 10.05 -3.39
CA VAL B 493 -26.19 10.65 -3.39
C VAL B 493 -25.33 10.23 -2.20
N ASP B 494 -25.95 10.04 -1.04
CA ASP B 494 -25.22 9.69 0.21
C ASP B 494 -26.12 8.99 1.25
N ALA B 495 -25.56 8.68 2.43
CA ALA B 495 -26.30 7.96 3.48
C ALA B 495 -27.55 8.69 4.01
N ASN B 496 -27.59 10.00 3.82
CA ASN B 496 -28.70 10.86 4.27
C ASN B 496 -29.76 11.16 3.20
N SER B 497 -29.54 10.77 1.95
CA SER B 497 -30.52 11.03 0.88
C SER B 497 -31.73 10.09 0.93
N ASN B 498 -32.89 10.63 0.55
CA ASN B 498 -34.13 9.84 0.34
C ASN B 498 -34.19 9.09 -0.98
N GLY B 499 -33.46 9.58 -1.97
CA GLY B 499 -33.55 9.01 -3.32
C GLY B 499 -34.40 9.86 -4.21
N THR B 500 -33.91 10.12 -5.40
CA THR B 500 -34.55 11.00 -6.35
C THR B 500 -35.07 10.29 -7.61
N ASP B 501 -34.83 9.00 -7.72
CA ASP B 501 -35.11 8.24 -8.93
C ASP B 501 -36.12 7.16 -8.60
N LYS B 502 -36.89 6.71 -9.60
CA LYS B 502 -37.87 5.65 -9.37
C LYS B 502 -37.21 4.32 -8.98
N LEU B 503 -35.91 4.16 -9.31
CA LEU B 503 -35.16 2.96 -8.92
C LEU B 503 -34.30 3.14 -7.65
N SER B 504 -34.35 4.31 -7.01
CA SER B 504 -33.60 4.56 -5.76
C SER B 504 -33.83 3.50 -4.70
N ARG B 505 -35.10 3.32 -4.35
CA ARG B 505 -35.47 2.39 -3.27
C ARG B 505 -34.89 0.99 -3.49
N THR B 506 -34.93 0.49 -4.72
CA THR B 506 -34.63 -0.92 -4.97
C THR B 506 -33.23 -1.17 -5.57
N SER B 507 -32.35 -0.17 -5.51
CA SER B 507 -30.96 -0.34 -5.95
C SER B 507 -29.98 -0.04 -4.80
N GLY B 508 -28.68 -0.19 -5.07
CA GLY B 508 -27.63 -0.15 -4.05
C GLY B 508 -27.10 -1.54 -3.77
N MET B 509 -26.05 -1.60 -2.97
CA MET B 509 -25.38 -2.87 -2.67
C MET B 509 -24.48 -2.71 -1.45
N ALA B 510 -24.28 -3.81 -0.71
CA ALA B 510 -23.27 -3.87 0.33
C ALA B 510 -22.36 -5.06 0.06
N VAL B 511 -21.05 -4.78 0.03
CA VAL B 511 -20.01 -5.76 -0.11
C VAL B 511 -19.19 -5.79 1.18
N LEU B 512 -19.13 -6.96 1.82
CA LEU B 512 -18.32 -7.15 3.02
C LEU B 512 -17.12 -7.99 2.65
N VAL B 513 -15.92 -7.45 2.91
CA VAL B 513 -14.68 -8.15 2.68
C VAL B 513 -13.73 -8.08 3.87
N GLY B 514 -13.27 -9.24 4.31
CA GLY B 514 -12.19 -9.39 5.28
C GLY B 514 -11.08 -10.26 4.73
N ASN B 515 -9.86 -10.04 5.24
CA ASN B 515 -8.63 -10.72 4.79
C ASN B 515 -7.91 -11.47 5.92
N ASP B 516 -8.61 -11.71 7.03
CA ASP B 516 -8.09 -12.52 8.13
C ASP B 516 -8.93 -13.81 8.22
N SER B 517 -8.31 -14.92 7.80
CA SER B 517 -8.96 -16.22 7.80
C SER B 517 -9.24 -16.77 9.21
N ASN B 518 -8.60 -16.20 10.25
CA ASN B 518 -8.87 -16.57 11.64
C ASN B 518 -9.76 -15.57 12.39
N MET B 519 -10.41 -14.65 11.68
CA MET B 519 -11.28 -13.66 12.31
C MET B 519 -12.38 -14.33 13.17
N ALA B 520 -12.53 -13.87 14.42
CA ALA B 520 -13.53 -14.38 15.35
C ALA B 520 -14.93 -14.05 14.86
N GLN B 521 -15.87 -14.99 15.05
CA GLN B 521 -17.25 -14.76 14.68
C GLN B 521 -17.85 -13.61 15.49
N GLN B 522 -18.63 -12.77 14.84
CA GLN B 522 -19.25 -11.62 15.47
C GLN B 522 -20.37 -11.10 14.60
N SER B 523 -21.14 -10.19 15.18
CA SER B 523 -22.16 -9.44 14.46
C SER B 523 -21.57 -8.10 14.00
N VAL B 524 -22.01 -7.61 12.85
CA VAL B 524 -21.63 -6.27 12.34
C VAL B 524 -22.85 -5.52 11.84
N ALA B 525 -22.78 -4.18 11.90
CA ALA B 525 -23.85 -3.27 11.51
C ALA B 525 -23.42 -2.51 10.27
N ILE B 526 -24.22 -2.59 9.21
CA ILE B 526 -23.90 -1.93 7.93
C ILE B 526 -24.95 -0.86 7.64
N ASN B 527 -24.50 0.34 7.33
CA ASN B 527 -25.40 1.46 7.04
C ASN B 527 -25.76 1.46 5.55
N MET B 528 -26.97 0.97 5.25
CA MET B 528 -27.47 0.93 3.89
C MET B 528 -27.94 2.28 3.38
N GLY B 529 -28.17 3.24 4.29
CA GLY B 529 -28.65 4.57 3.95
C GLY B 529 -30.10 4.79 4.35
N ARG B 530 -30.47 6.06 4.53
CA ARG B 530 -31.86 6.45 4.90
C ARG B 530 -32.90 6.09 3.87
N ALA B 531 -32.50 5.91 2.60
CA ALA B 531 -33.44 5.47 1.58
C ALA B 531 -33.83 4.00 1.72
N HIS B 532 -33.19 3.29 2.65
CA HIS B 532 -33.31 1.84 2.75
C HIS B 532 -33.70 1.32 4.13
N ALA B 533 -34.57 2.08 4.81
CA ALA B 533 -35.13 1.68 6.11
C ALA B 533 -36.22 0.61 5.91
N ASN B 534 -36.32 -0.33 6.86
CA ASN B 534 -37.34 -1.39 6.85
C ASN B 534 -37.44 -2.08 5.49
N GLN B 535 -36.30 -2.52 4.98
CA GLN B 535 -36.21 -3.06 3.64
C GLN B 535 -35.56 -4.44 3.62
N GLN B 536 -36.13 -5.35 2.82
CA GLN B 536 -35.62 -6.71 2.69
C GLN B 536 -34.44 -6.75 1.73
N TYR B 537 -33.39 -7.47 2.12
CA TYR B 537 -32.18 -7.63 1.32
C TYR B 537 -31.90 -9.10 1.10
N ARG B 538 -31.46 -9.43 -0.12
CA ARG B 538 -31.13 -10.79 -0.50
C ARG B 538 -29.64 -11.10 -0.29
N ASN B 539 -29.38 -12.31 0.19
CA ASN B 539 -28.05 -12.83 0.40
C ASN B 539 -27.49 -13.34 -0.93
N LEU B 540 -26.99 -12.41 -1.74
CA LEU B 540 -26.47 -12.71 -3.10
C LEU B 540 -25.31 -13.69 -3.04
N ILE B 541 -24.34 -13.41 -2.17
CA ILE B 541 -23.17 -14.27 -1.96
C ILE B 541 -22.84 -14.28 -0.46
N ASP B 542 -22.63 -15.46 0.11
CA ASP B 542 -22.12 -15.63 1.47
C ASP B 542 -21.03 -16.69 1.42
N THR B 543 -20.19 -16.71 2.46
CA THR B 543 -19.08 -17.67 2.56
C THR B 543 -19.50 -18.91 3.38
N THR B 544 -19.00 -20.08 2.99
CA THR B 544 -19.19 -21.35 3.68
C THR B 544 -17.83 -21.98 3.96
N GLU B 545 -17.83 -23.06 4.75
CA GLU B 545 -16.56 -23.72 5.12
C GLU B 545 -15.75 -24.13 3.90
N ASN B 546 -16.43 -24.62 2.86
CA ASN B 546 -15.77 -25.13 1.66
C ASN B 546 -15.76 -24.15 0.48
N GLY B 547 -16.63 -23.15 0.47
CA GLY B 547 -16.66 -22.20 -0.64
C GLY B 547 -17.58 -21.02 -0.49
N LEU B 548 -18.32 -20.72 -1.55
CA LEU B 548 -19.34 -19.69 -1.56
C LEU B 548 -20.71 -20.34 -1.75
N THR B 549 -21.77 -19.67 -1.29
CA THR B 549 -23.14 -20.10 -1.58
C THR B 549 -23.87 -18.91 -2.19
N TYR B 550 -24.75 -19.22 -3.13
CA TYR B 550 -25.57 -18.21 -3.82
C TYR B 550 -27.04 -18.31 -3.43
N ASP B 551 -27.39 -19.17 -2.47
CA ASP B 551 -28.74 -19.26 -1.95
C ASP B 551 -28.76 -19.50 -0.44
N ALA B 552 -27.80 -18.94 0.28
CA ALA B 552 -27.74 -19.03 1.76
C ALA B 552 -27.80 -20.47 2.28
N ASP B 553 -27.07 -21.38 1.62
CA ASP B 553 -26.96 -22.78 2.02
C ASP B 553 -25.73 -22.95 2.93
N ASN B 554 -25.98 -23.25 4.21
CA ASN B 554 -24.91 -23.58 5.16
C ASN B 554 -23.90 -22.41 5.36
N SER B 555 -24.44 -21.19 5.36
CA SER B 555 -23.69 -19.98 5.67
C SER B 555 -24.20 -19.44 7.01
N GLU B 556 -23.58 -18.36 7.48
CA GLU B 556 -23.96 -17.77 8.77
C GLU B 556 -25.27 -16.98 8.74
N ASN B 557 -25.72 -16.55 7.56
CA ASN B 557 -26.91 -15.70 7.41
C ASN B 557 -27.90 -16.36 6.47
N PRO B 558 -29.21 -16.08 6.65
CA PRO B 558 -30.26 -16.71 5.85
C PRO B 558 -30.41 -15.99 4.50
N ALA B 559 -31.39 -16.41 3.70
CA ALA B 559 -31.54 -15.92 2.32
C ALA B 559 -32.04 -14.47 2.26
N ILE B 560 -32.78 -14.06 3.28
CA ILE B 560 -33.24 -12.67 3.40
C ILE B 560 -32.96 -12.13 4.80
N LEU B 561 -32.48 -10.89 4.89
CA LEU B 561 -32.46 -10.12 6.15
C LEU B 561 -33.06 -8.76 5.85
N THR B 562 -33.55 -8.11 6.90
CA THR B 562 -34.32 -6.87 6.79
C THR B 562 -33.61 -5.79 7.58
N THR B 563 -33.52 -4.59 7.03
CA THR B 563 -32.91 -3.46 7.76
C THR B 563 -33.86 -2.94 8.84
N ASP B 564 -33.32 -2.28 9.85
CA ASP B 564 -34.13 -1.59 10.87
C ASP B 564 -34.71 -0.26 10.36
N SER B 565 -35.31 0.54 11.24
CA SER B 565 -35.98 1.80 10.84
C SER B 565 -35.02 2.93 10.44
N ASN B 566 -33.74 2.76 10.72
CA ASN B 566 -32.69 3.70 10.35
C ASN B 566 -31.92 3.31 9.08
N GLY B 567 -32.18 2.12 8.53
CA GLY B 567 -31.45 1.61 7.36
C GLY B 567 -30.21 0.79 7.72
N ILE B 568 -30.11 0.33 8.95
CA ILE B 568 -28.98 -0.50 9.37
C ILE B 568 -29.29 -1.97 9.09
N LEU B 569 -28.34 -2.68 8.49
CA LEU B 569 -28.43 -4.12 8.26
C LEU B 569 -27.49 -4.84 9.21
N LYS B 570 -28.02 -5.83 9.94
CA LYS B 570 -27.27 -6.58 10.93
C LYS B 570 -26.90 -7.95 10.39
N VAL B 571 -25.62 -8.30 10.45
CA VAL B 571 -25.07 -9.47 9.73
C VAL B 571 -24.07 -10.19 10.61
N THR B 572 -24.04 -11.51 10.50
CA THR B 572 -23.03 -12.34 11.18
C THR B 572 -21.87 -12.73 10.24
N VAL B 573 -20.63 -12.63 10.74
CA VAL B 573 -19.42 -12.87 9.97
C VAL B 573 -18.35 -13.59 10.77
N LYS B 574 -17.43 -14.26 10.08
CA LYS B 574 -16.26 -14.89 10.68
C LYS B 574 -15.23 -15.20 9.61
N GLY B 575 -14.03 -15.58 10.06
CA GLY B 575 -12.96 -15.99 9.15
C GLY B 575 -13.14 -17.40 8.58
N TYR B 576 -12.89 -17.56 7.27
CA TYR B 576 -12.88 -18.88 6.59
C TYR B 576 -11.58 -19.07 5.81
N SER B 577 -11.27 -20.33 5.50
CA SER B 577 -10.13 -20.69 4.66
C SER B 577 -10.52 -21.79 3.69
N ASN B 578 -10.80 -21.41 2.43
CA ASN B 578 -11.18 -22.33 1.39
C ASN B 578 -10.65 -21.81 0.03
N PRO B 579 -10.82 -22.58 -1.07
CA PRO B 579 -10.20 -22.10 -2.32
C PRO B 579 -10.67 -20.72 -2.83
N TYR B 580 -11.89 -20.35 -2.45
CA TYR B 580 -12.55 -19.13 -2.90
C TYR B 580 -12.33 -17.93 -1.99
N VAL B 581 -12.17 -18.17 -0.68
CA VAL B 581 -12.12 -17.13 0.36
C VAL B 581 -11.05 -17.46 1.43
N SER B 582 -10.16 -16.50 1.66
CA SER B 582 -9.27 -16.48 2.81
C SER B 582 -9.55 -15.22 3.60
N GLY B 583 -10.49 -15.33 4.52
CA GLY B 583 -11.06 -14.18 5.23
C GLY B 583 -12.56 -14.30 5.21
N TYR B 584 -13.24 -13.31 4.60
CA TYR B 584 -14.70 -13.35 4.44
C TYR B 584 -15.13 -12.58 3.21
N LEU B 585 -16.15 -13.11 2.52
CA LEU B 585 -16.88 -12.39 1.46
C LEU B 585 -18.40 -12.52 1.67
N GLY B 586 -19.08 -11.38 1.74
CA GLY B 586 -20.55 -11.30 1.79
C GLY B 586 -21.05 -10.21 0.85
N VAL B 587 -22.15 -10.47 0.13
CA VAL B 587 -22.77 -9.43 -0.72
C VAL B 587 -24.27 -9.42 -0.56
N TRP B 588 -24.83 -8.22 -0.32
CA TRP B 588 -26.27 -8.03 -0.11
C TRP B 588 -26.83 -7.04 -1.12
N VAL B 589 -27.98 -7.38 -1.73
CA VAL B 589 -28.69 -6.47 -2.63
C VAL B 589 -30.17 -6.47 -2.28
N PRO B 590 -30.91 -5.39 -2.61
CA PRO B 590 -32.35 -5.34 -2.34
C PRO B 590 -33.12 -6.48 -3.04
N VAL B 591 -34.15 -7.03 -2.38
CA VAL B 591 -35.02 -8.02 -3.05
C VAL B 591 -35.91 -7.24 -4.00
N ILE B 592 -36.05 -7.77 -5.20
CA ILE B 592 -36.89 -7.18 -6.24
C ILE B 592 -37.69 -8.33 -6.87
N SER B 593 -38.79 -8.01 -7.55
CA SER B 593 -39.61 -9.03 -8.23
C SER B 593 -39.27 -9.22 -9.72
N GLY B 594 -38.92 -8.14 -10.41
CA GLY B 594 -38.69 -8.20 -11.87
C GLY B 594 -37.27 -7.90 -12.30
N ASP B 595 -37.10 -7.53 -13.56
CA ASP B 595 -35.82 -7.04 -14.09
C ASP B 595 -35.61 -5.59 -13.68
N GLN B 596 -34.34 -5.22 -13.56
CA GLN B 596 -33.97 -3.87 -13.22
C GLN B 596 -32.63 -3.56 -13.87
N ASP B 597 -32.47 -2.32 -14.30
CA ASP B 597 -31.24 -1.85 -14.93
C ASP B 597 -31.06 -0.42 -14.46
N VAL B 598 -29.95 -0.16 -13.78
CA VAL B 598 -29.71 1.15 -13.19
C VAL B 598 -28.73 2.01 -14.02
N THR B 599 -28.48 1.65 -15.28
CA THR B 599 -27.53 2.44 -16.08
C THR B 599 -28.04 3.88 -16.18
N THR B 600 -27.15 4.85 -15.98
CA THR B 600 -27.47 6.27 -16.16
C THR B 600 -27.04 6.66 -17.59
N ASN B 601 -27.91 7.38 -18.30
CA ASN B 601 -27.65 7.84 -19.68
C ASN B 601 -26.76 9.09 -19.65
N ALA B 602 -25.81 9.17 -20.58
CA ALA B 602 -24.90 10.31 -20.71
C ALA B 602 -25.62 11.64 -20.99
N SER B 603 -26.78 11.57 -21.66
CA SER B 603 -27.61 12.76 -21.88
C SER B 603 -28.12 13.42 -20.59
N ASP B 604 -28.16 12.66 -19.50
CA ASP B 604 -28.62 13.13 -18.20
C ASP B 604 -27.52 13.61 -17.22
N VAL B 605 -26.24 13.61 -17.64
CA VAL B 605 -25.15 14.09 -16.77
C VAL B 605 -24.67 15.46 -17.23
N VAL B 606 -23.85 16.10 -16.39
CA VAL B 606 -23.33 17.43 -16.67
C VAL B 606 -22.30 17.35 -17.79
N ALA B 607 -22.51 18.12 -18.86
CA ALA B 607 -21.49 18.31 -19.90
C ALA B 607 -20.56 19.42 -19.47
N ASN B 608 -19.28 19.28 -19.80
CA ASN B 608 -18.28 20.31 -19.54
C ASN B 608 -17.50 20.53 -20.82
N LYS B 609 -17.51 21.75 -21.34
CA LYS B 609 -16.88 22.06 -22.63
C LYS B 609 -15.39 21.70 -22.68
N GLU B 610 -14.73 21.74 -21.54
CA GLU B 610 -13.30 21.48 -21.48
C GLU B 610 -12.93 20.02 -21.21
N LYS B 611 -13.92 19.14 -21.06
CA LYS B 611 -13.69 17.73 -20.77
C LYS B 611 -14.24 16.82 -21.88
N THR B 612 -13.55 15.72 -22.09
CA THR B 612 -14.01 14.66 -22.98
C THR B 612 -14.58 13.58 -22.06
N PHE B 613 -13.72 12.86 -21.35
CA PHE B 613 -14.21 11.94 -20.32
C PHE B 613 -14.41 12.63 -18.97
N GLU B 614 -15.53 12.30 -18.34
CA GLU B 614 -15.86 12.75 -16.99
C GLU B 614 -16.28 11.56 -16.15
N SER B 615 -15.76 11.49 -14.93
CA SER B 615 -16.05 10.41 -14.01
C SER B 615 -17.38 10.68 -13.29
N ASN B 616 -18.46 10.16 -13.85
CA ASN B 616 -19.81 10.34 -13.28
C ASN B 616 -20.63 9.06 -13.42
N ALA B 617 -21.92 9.12 -13.10
CA ALA B 617 -22.76 7.94 -13.10
C ALA B 617 -22.92 7.30 -14.49
N ALA B 618 -22.87 8.13 -15.53
CA ALA B 618 -22.98 7.63 -16.90
C ALA B 618 -21.75 6.84 -17.34
N LEU B 619 -20.55 7.36 -17.04
CA LEU B 619 -19.31 6.64 -17.36
C LEU B 619 -19.16 5.40 -16.50
N ASP B 620 -19.54 5.52 -15.22
CA ASP B 620 -19.57 4.38 -14.29
C ASP B 620 -20.46 3.20 -14.74
N SER B 621 -21.50 3.48 -15.51
CA SER B 621 -22.36 2.44 -16.06
C SER B 621 -21.66 1.53 -17.07
N HIS B 622 -20.47 1.90 -17.54
CA HIS B 622 -19.71 1.09 -18.50
C HIS B 622 -18.90 -0.01 -17.78
N MET B 623 -18.68 -1.11 -18.50
CA MET B 623 -17.79 -2.18 -18.04
C MET B 623 -17.02 -2.73 -19.23
N ILE B 624 -15.71 -2.84 -19.10
CA ILE B 624 -14.83 -3.31 -20.17
C ILE B 624 -14.57 -4.81 -20.01
N TYR B 625 -14.48 -5.52 -21.13
CA TYR B 625 -14.09 -6.94 -21.12
C TYR B 625 -12.88 -7.19 -22.01
N GLU B 626 -11.81 -7.72 -21.41
CA GLU B 626 -10.59 -8.07 -22.13
C GLU B 626 -10.82 -9.44 -22.76
N ASP B 627 -10.87 -9.52 -24.09
CA ASP B 627 -11.34 -10.76 -24.76
C ASP B 627 -10.28 -11.84 -25.02
N PHE B 628 -9.05 -11.64 -24.53
CA PHE B 628 -7.98 -12.56 -24.89
C PHE B 628 -6.97 -12.82 -23.79
N SER B 629 -6.19 -13.87 -24.04
CA SER B 629 -5.01 -14.23 -23.26
C SER B 629 -3.83 -14.42 -24.20
N LEU B 630 -2.61 -14.20 -23.71
CA LEU B 630 -1.39 -14.48 -24.45
C LEU B 630 -1.26 -15.97 -24.72
N PHE B 631 -1.81 -16.78 -23.80
CA PHE B 631 -1.73 -18.24 -23.81
C PHE B 631 -2.95 -18.92 -24.45
N GLN B 632 -3.82 -18.13 -25.07
CA GLN B 632 -4.88 -18.63 -25.93
C GLN B 632 -4.24 -19.47 -27.05
N PRO B 633 -4.74 -20.71 -27.28
CA PRO B 633 -4.13 -21.59 -28.29
C PRO B 633 -4.58 -21.26 -29.70
N GLU B 634 -3.81 -21.74 -30.68
CA GLU B 634 -4.18 -21.64 -32.08
C GLU B 634 -5.46 -22.45 -32.27
N PRO B 635 -6.44 -21.90 -33.02
CA PRO B 635 -7.69 -22.65 -33.21
C PRO B 635 -7.47 -23.95 -33.98
N THR B 636 -8.30 -24.94 -33.69
CA THR B 636 -8.27 -26.24 -34.40
C THR B 636 -9.23 -26.31 -35.60
N SER B 637 -10.20 -25.39 -35.68
CA SER B 637 -11.15 -25.33 -36.79
C SER B 637 -11.59 -23.89 -37.06
N VAL B 638 -12.31 -23.69 -38.14
CA VAL B 638 -12.95 -22.40 -38.42
C VAL B 638 -13.96 -22.04 -37.33
N GLU B 639 -14.75 -23.02 -36.88
CA GLU B 639 -15.73 -22.82 -35.84
C GLU B 639 -15.12 -22.33 -34.49
N ASN B 640 -13.88 -22.73 -34.20
CA ASN B 640 -13.17 -22.31 -32.98
C ASN B 640 -12.33 -21.04 -33.07
N HIS B 641 -12.32 -20.37 -34.24
CA HIS B 641 -11.74 -19.02 -34.39
C HIS B 641 -12.42 -18.16 -33.34
N ALA B 642 -11.63 -17.42 -32.54
CA ALA B 642 -12.22 -16.62 -31.47
C ALA B 642 -13.33 -15.74 -32.04
N TYR B 643 -13.10 -15.13 -33.20
CA TYR B 643 -14.09 -14.22 -33.80
C TYR B 643 -15.49 -14.86 -33.97
N ASN B 644 -15.55 -16.13 -34.37
CA ASN B 644 -16.82 -16.83 -34.59
C ASN B 644 -17.48 -17.23 -33.27
N VAL B 645 -16.67 -17.74 -32.33
CA VAL B 645 -17.16 -18.06 -31.01
C VAL B 645 -17.72 -16.79 -30.33
N ILE B 646 -17.00 -15.68 -30.45
CA ILE B 646 -17.44 -14.40 -29.91
C ILE B 646 -18.78 -13.94 -30.50
N ALA B 647 -18.90 -13.97 -31.84
CA ALA B 647 -20.15 -13.53 -32.53
C ALA B 647 -21.35 -14.34 -32.07
N LYS B 648 -21.15 -15.65 -32.01
CA LYS B 648 -22.16 -16.59 -31.52
C LYS B 648 -22.67 -16.25 -30.10
N ASN B 649 -21.76 -15.78 -29.23
CA ASN B 649 -22.08 -15.48 -27.83
C ASN B 649 -22.33 -13.98 -27.53
N ALA B 650 -22.71 -13.21 -28.54
CA ALA B 650 -22.91 -11.77 -28.38
C ALA B 650 -23.89 -11.42 -27.27
N SER B 651 -25.00 -12.13 -27.24
CA SER B 651 -26.04 -11.95 -26.21
C SER B 651 -25.57 -12.24 -24.80
N LEU B 652 -24.68 -13.23 -24.65
CA LEU B 652 -24.13 -13.56 -23.34
C LEU B 652 -23.40 -12.35 -22.73
N PHE B 653 -22.54 -11.68 -23.53
CA PHE B 653 -21.78 -10.50 -23.06
C PHE B 653 -22.67 -9.33 -22.65
N SER B 654 -23.71 -9.08 -23.44
CA SER B 654 -24.75 -8.14 -23.05
C SER B 654 -25.47 -8.55 -21.74
N ASP B 655 -25.84 -9.82 -21.60
CA ASP B 655 -26.48 -10.35 -20.37
C ASP B 655 -25.61 -10.15 -19.13
N LEU B 656 -24.29 -10.22 -19.30
CA LEU B 656 -23.33 -9.99 -18.22
C LEU B 656 -23.06 -8.50 -17.93
N GLY B 657 -23.70 -7.59 -18.66
CA GLY B 657 -23.53 -6.17 -18.46
C GLY B 657 -22.24 -5.58 -19.03
N ILE B 658 -21.56 -6.33 -19.90
CA ILE B 658 -20.40 -5.78 -20.64
C ILE B 658 -20.95 -4.75 -21.65
N THR B 659 -20.36 -3.56 -21.64
CA THR B 659 -20.71 -2.47 -22.56
C THR B 659 -19.61 -2.13 -23.59
N ASP B 660 -18.36 -2.46 -23.28
CA ASP B 660 -17.20 -2.12 -24.12
C ASP B 660 -16.29 -3.33 -24.23
N PHE B 661 -16.16 -3.85 -25.45
CA PHE B 661 -15.46 -5.10 -25.73
C PHE B 661 -14.05 -4.77 -26.24
N TRP B 662 -13.03 -5.10 -25.45
CA TRP B 662 -11.63 -4.90 -25.83
C TRP B 662 -11.15 -6.11 -26.64
N MET B 663 -10.91 -5.87 -27.93
CA MET B 663 -10.45 -6.92 -28.86
C MET B 663 -8.94 -6.92 -28.97
N ALA B 664 -8.38 -8.13 -29.06
CA ALA B 664 -6.94 -8.33 -29.10
C ALA B 664 -6.35 -7.58 -30.29
N PRO B 665 -5.05 -7.27 -30.23
CA PRO B 665 -4.46 -6.65 -31.45
C PRO B 665 -4.63 -7.64 -32.58
N ALA B 666 -5.29 -7.20 -33.65
CA ALA B 666 -5.79 -8.07 -34.72
C ALA B 666 -4.83 -8.22 -35.90
N TYR B 667 -3.61 -7.70 -35.76
CA TYR B 667 -2.70 -7.50 -36.89
C TYR B 667 -2.04 -8.84 -37.20
N THR B 668 -1.54 -9.01 -38.44
CA THR B 668 -0.85 -10.21 -38.85
C THR B 668 0.34 -10.48 -37.93
N PRO B 669 0.35 -11.62 -37.26
CA PRO B 669 1.42 -11.88 -36.29
C PRO B 669 2.70 -12.37 -36.95
N PHE B 670 3.83 -12.00 -36.36
CA PHE B 670 5.10 -12.64 -36.67
C PHE B 670 5.00 -14.12 -36.24
N GLY B 671 5.16 -15.01 -37.22
CA GLY B 671 4.95 -16.45 -37.04
C GLY B 671 5.81 -17.12 -36.01
N ARG B 672 7.04 -16.61 -35.83
CA ARG B 672 8.01 -17.10 -34.84
C ARG B 672 7.91 -16.38 -33.45
N SER B 673 6.94 -15.47 -33.28
CA SER B 673 6.76 -14.77 -32.00
C SER B 673 6.35 -15.76 -30.90
N ARG B 674 6.65 -15.38 -29.67
CA ARG B 674 6.46 -16.24 -28.52
C ARG B 674 5.01 -16.70 -28.36
N TYR B 675 4.07 -15.77 -28.56
CA TYR B 675 2.65 -16.04 -28.31
C TYR B 675 1.72 -15.93 -29.53
N ASN B 676 2.17 -15.32 -30.64
CA ASN B 676 1.32 -15.14 -31.83
C ASN B 676 0.06 -14.32 -31.53
N GLU B 677 0.19 -13.38 -30.58
CA GLU B 677 -0.95 -12.65 -30.01
C GLU B 677 -1.35 -11.38 -30.77
N GLY B 678 -0.44 -10.79 -31.56
CA GLY B 678 -0.71 -9.54 -32.29
C GLY B 678 0.10 -8.31 -31.94
N TYR B 679 0.71 -8.25 -30.75
CA TYR B 679 1.66 -7.14 -30.43
C TYR B 679 2.96 -7.26 -31.24
N SER B 680 3.37 -8.50 -31.53
CA SER B 680 4.50 -8.74 -32.44
C SER B 680 3.99 -8.92 -33.85
N MET B 681 3.79 -7.81 -34.58
CA MET B 681 3.14 -7.86 -35.90
C MET B 681 4.10 -7.42 -37.01
N THR B 682 3.85 -7.98 -38.20
CA THR B 682 4.57 -7.65 -39.43
C THR B 682 3.75 -6.75 -40.37
N ASP B 683 2.44 -6.68 -40.20
CA ASP B 683 1.55 -5.92 -41.08
C ASP B 683 0.43 -5.29 -40.25
N ARG B 684 0.43 -3.96 -40.15
CA ARG B 684 -0.55 -3.22 -39.33
C ARG B 684 -1.97 -3.12 -39.93
N TYR B 685 -2.11 -3.41 -41.22
CA TYR B 685 -3.38 -3.25 -41.93
C TYR B 685 -4.02 -4.57 -42.37
N ASN B 686 -3.24 -5.63 -42.51
CA ASN B 686 -3.79 -6.96 -42.79
C ASN B 686 -4.20 -7.62 -41.48
N LEU B 687 -5.50 -7.69 -41.23
CA LEU B 687 -6.04 -8.34 -40.02
C LEU B 687 -6.51 -9.79 -40.31
N GLY B 688 -5.86 -10.45 -41.27
CA GLY B 688 -6.09 -11.85 -41.57
C GLY B 688 -7.04 -12.02 -42.73
N THR B 689 -6.83 -13.10 -43.48
CA THR B 689 -7.69 -13.51 -44.59
C THR B 689 -8.24 -14.90 -44.30
N THR B 690 -9.14 -15.38 -45.17
CA THR B 690 -9.74 -16.71 -45.07
C THR B 690 -8.69 -17.82 -45.22
N ALA B 691 -7.82 -17.66 -46.21
CA ALA B 691 -6.70 -18.59 -46.41
C ALA B 691 -5.66 -18.47 -45.29
N ASN B 692 -5.39 -17.25 -44.82
CA ASN B 692 -4.33 -17.00 -43.82
C ASN B 692 -4.85 -16.24 -42.62
N PRO B 693 -5.63 -16.92 -41.76
CA PRO B 693 -6.12 -16.24 -40.57
C PRO B 693 -5.04 -15.93 -39.52
N THR B 694 -5.23 -14.86 -38.75
CA THR B 694 -4.44 -14.59 -37.55
C THR B 694 -4.86 -15.64 -36.51
N LYS B 695 -4.32 -15.58 -35.30
CA LYS B 695 -4.79 -16.49 -34.23
C LYS B 695 -6.33 -16.43 -34.08
N TYR B 696 -6.90 -15.24 -34.20
CA TYR B 696 -8.31 -14.97 -33.83
C TYR B 696 -9.28 -15.24 -34.99
N GLY B 697 -8.80 -15.13 -36.22
CA GLY B 697 -9.58 -15.45 -37.43
C GLY B 697 -9.19 -14.56 -38.60
N SER B 698 -10.17 -14.33 -39.49
CA SER B 698 -9.99 -13.50 -40.68
C SER B 698 -10.56 -12.13 -40.47
N GLY B 699 -10.23 -11.22 -41.39
CA GLY B 699 -10.76 -9.86 -41.38
C GLY B 699 -12.26 -9.78 -41.59
N GLU B 700 -12.78 -10.65 -42.46
CA GLU B 700 -14.21 -10.72 -42.78
C GLU B 700 -15.00 -11.16 -41.57
N GLU B 701 -14.48 -12.17 -40.88
CA GLU B 701 -15.05 -12.62 -39.61
C GLU B 701 -15.01 -11.51 -38.53
N LEU B 702 -13.87 -10.82 -38.42
CA LEU B 702 -13.73 -9.71 -37.46
C LEU B 702 -14.83 -8.67 -37.65
N ALA B 703 -15.06 -8.27 -38.90
CA ALA B 703 -16.11 -7.29 -39.20
C ALA B 703 -17.49 -7.79 -38.83
N ASN B 704 -17.77 -9.07 -39.07
CA ASN B 704 -19.06 -9.68 -38.72
C ASN B 704 -19.22 -9.79 -37.19
N THR B 705 -18.13 -10.13 -36.51
CA THR B 705 -18.10 -10.15 -35.04
C THR B 705 -18.38 -8.78 -34.43
N ILE B 706 -17.74 -7.73 -34.97
CA ILE B 706 -17.97 -6.37 -34.47
C ILE B 706 -19.46 -5.98 -34.66
N ALA B 707 -20.00 -6.29 -35.85
CA ALA B 707 -21.42 -6.04 -36.14
C ALA B 707 -22.36 -6.77 -35.15
N ALA B 708 -22.04 -8.02 -34.86
CA ALA B 708 -22.86 -8.84 -33.94
C ALA B 708 -22.81 -8.26 -32.53
N LEU B 709 -21.63 -7.81 -32.11
CA LEU B 709 -21.49 -7.11 -30.81
C LEU B 709 -22.27 -5.80 -30.79
N HIS B 710 -22.26 -5.05 -31.90
CA HIS B 710 -23.06 -3.82 -32.01
C HIS B 710 -24.55 -4.11 -31.95
N LYS B 711 -24.99 -5.18 -32.62
CA LYS B 711 -26.40 -5.59 -32.58
C LYS B 711 -26.89 -5.90 -31.14
N ALA B 712 -26.03 -6.54 -30.34
CA ALA B 712 -26.33 -6.82 -28.94
C ALA B 712 -26.24 -5.60 -28.00
N GLY B 713 -25.79 -4.45 -28.50
CA GLY B 713 -25.78 -3.19 -27.75
C GLY B 713 -24.42 -2.74 -27.23
N LEU B 714 -23.36 -3.48 -27.57
CA LEU B 714 -22.00 -3.16 -27.10
C LEU B 714 -21.27 -2.23 -28.07
N LYS B 715 -20.27 -1.53 -27.54
CA LYS B 715 -19.25 -0.85 -28.37
C LYS B 715 -17.96 -1.63 -28.29
N VAL B 716 -17.11 -1.50 -29.30
CA VAL B 716 -15.94 -2.36 -29.47
C VAL B 716 -14.65 -1.53 -29.66
N GLN B 717 -13.62 -1.81 -28.87
CA GLN B 717 -12.35 -1.12 -29.01
C GLN B 717 -11.29 -2.05 -29.60
N GLU B 718 -10.38 -1.48 -30.37
CA GLU B 718 -9.21 -2.21 -30.84
C GLU B 718 -7.98 -1.82 -30.04
N ASP B 719 -7.16 -2.82 -29.75
CA ASP B 719 -5.86 -2.64 -29.11
C ASP B 719 -4.95 -2.02 -30.19
N ILE B 720 -4.70 -0.71 -30.09
CA ILE B 720 -3.82 -0.02 -31.06
C ILE B 720 -2.39 0.10 -30.50
N VAL B 721 -1.43 -0.29 -31.34
CA VAL B 721 -0.07 -0.61 -30.89
C VAL B 721 0.93 0.22 -31.70
N MET B 722 1.17 1.44 -31.23
CA MET B 722 2.13 2.37 -31.86
C MET B 722 3.59 2.21 -31.42
N ASN B 723 3.88 1.40 -30.41
CA ASN B 723 5.22 1.42 -29.81
C ASN B 723 6.30 0.72 -30.63
N GLN B 724 5.99 -0.51 -31.07
CA GLN B 724 6.95 -1.34 -31.80
C GLN B 724 6.30 -2.18 -32.92
N MET B 725 7.12 -2.60 -33.87
CA MET B 725 6.81 -3.73 -34.75
C MET B 725 7.91 -4.77 -34.58
N ILE B 726 7.55 -6.03 -34.80
CA ILE B 726 8.47 -7.16 -34.59
C ILE B 726 8.24 -8.17 -35.71
N GLY B 727 9.34 -8.57 -36.34
CA GLY B 727 9.36 -9.61 -37.35
C GLY B 727 9.67 -9.13 -38.76
N PHE B 728 10.32 -7.97 -38.91
CA PHE B 728 10.68 -7.50 -40.25
C PHE B 728 11.57 -8.54 -40.94
N SER B 729 11.32 -8.78 -42.21
CA SER B 729 12.12 -9.74 -42.97
C SER B 729 13.32 -9.07 -43.70
N GLY B 730 13.34 -7.73 -43.80
CA GLY B 730 14.41 -6.99 -44.49
C GLY B 730 15.53 -6.44 -43.60
N GLN B 731 16.78 -6.82 -43.88
CA GLN B 731 17.93 -6.29 -43.12
C GLN B 731 18.44 -4.96 -43.71
N GLU B 732 18.90 -4.08 -42.83
CA GLU B 732 19.43 -2.77 -43.21
C GLU B 732 20.72 -2.56 -42.40
N ALA B 733 21.70 -1.86 -43.00
CA ALA B 733 22.91 -1.48 -42.26
C ALA B 733 22.62 -0.22 -41.47
N VAL B 734 22.60 -0.34 -40.16
CA VAL B 734 22.35 0.82 -39.27
C VAL B 734 23.56 1.07 -38.37
N THR B 735 23.72 2.30 -37.92
CA THR B 735 24.83 2.64 -37.02
C THR B 735 24.23 2.69 -35.64
N VAL B 736 24.83 1.95 -34.68
CA VAL B 736 24.20 1.68 -33.40
C VAL B 736 25.12 1.78 -32.19
N THR B 737 24.47 1.96 -31.03
CA THR B 737 25.14 2.11 -29.74
C THR B 737 24.38 1.31 -28.68
N ARG B 738 25.14 0.66 -27.79
CA ARG B 738 24.57 -0.21 -26.77
C ARG B 738 23.97 0.62 -25.64
N THR B 739 22.66 0.48 -25.41
CA THR B 739 21.96 1.31 -24.42
C THR B 739 21.02 0.59 -23.47
N ASN B 740 20.61 1.30 -22.41
CA ASN B 740 19.49 0.89 -21.57
C ASN B 740 18.17 1.32 -22.23
N ASN B 741 17.06 1.17 -21.51
CA ASN B 741 15.73 1.43 -22.09
C ASN B 741 15.40 2.90 -22.32
N ARG B 742 16.26 3.81 -21.85
CA ARG B 742 16.15 5.22 -22.17
C ARG B 742 17.10 5.69 -23.28
N GLY B 743 17.80 4.77 -23.93
CA GLY B 743 18.73 5.12 -25.01
C GLY B 743 20.01 5.79 -24.52
N MET B 744 20.34 5.61 -23.25
CA MET B 744 21.60 6.07 -22.69
C MET B 744 22.59 4.93 -22.76
N GLN B 745 23.80 5.22 -23.24
CA GLN B 745 24.83 4.24 -23.37
C GLN B 745 25.18 3.61 -22.03
N ILE B 746 25.35 2.28 -22.01
CA ILE B 746 25.78 1.53 -20.83
C ILE B 746 26.92 0.57 -21.13
N HIS B 747 27.57 0.11 -20.05
CA HIS B 747 28.51 -1.00 -20.08
C HIS B 747 27.83 -2.24 -19.53
N VAL B 748 28.27 -3.40 -20.00
CA VAL B 748 27.83 -4.70 -19.50
C VAL B 748 29.09 -5.50 -19.17
N ASN B 749 29.28 -5.79 -17.88
CA ASN B 749 30.50 -6.43 -17.38
C ASN B 749 31.80 -5.72 -17.89
N GLY B 750 31.78 -4.39 -17.87
CA GLY B 750 32.93 -3.58 -18.27
C GLY B 750 33.13 -3.32 -19.77
N GLN B 751 32.30 -3.92 -20.62
CA GLN B 751 32.39 -3.76 -22.07
C GLN B 751 31.18 -3.03 -22.63
N THR B 752 31.34 -2.48 -23.83
CA THR B 752 30.32 -1.69 -24.51
C THR B 752 30.67 -1.52 -26.00
N TYR B 753 29.77 -0.90 -26.77
CA TYR B 753 30.05 -0.51 -28.15
C TYR B 753 29.23 0.69 -28.54
N ALA B 754 29.78 1.48 -29.47
CA ALA B 754 29.13 2.72 -29.92
C ALA B 754 29.46 3.05 -31.37
N ASN B 755 28.46 3.56 -32.09
CA ASN B 755 28.64 3.95 -33.49
C ASN B 755 29.17 2.78 -34.35
N GLN B 756 28.55 1.60 -34.21
CA GLN B 756 28.93 0.39 -34.95
C GLN B 756 27.89 0.02 -36.00
N ILE B 757 28.36 -0.33 -37.20
CA ILE B 757 27.45 -0.83 -38.23
C ILE B 757 26.93 -2.22 -37.80
N TYR B 758 25.60 -2.35 -37.77
CA TYR B 758 24.87 -3.53 -37.30
C TYR B 758 23.83 -3.87 -38.37
N PHE B 759 23.72 -5.13 -38.74
CA PHE B 759 22.77 -5.54 -39.80
C PHE B 759 21.40 -5.92 -39.22
N ALA B 760 20.69 -4.94 -38.67
CA ALA B 760 19.40 -5.18 -38.03
C ALA B 760 18.28 -5.45 -39.05
N TYR B 761 17.34 -6.32 -38.66
CA TYR B 761 16.07 -6.44 -39.34
C TYR B 761 15.22 -5.21 -39.01
N THR B 762 14.94 -4.41 -40.03
CA THR B 762 14.22 -3.13 -39.89
C THR B 762 13.14 -2.83 -40.94
N THR B 763 13.14 -3.56 -42.05
CA THR B 763 12.42 -3.14 -43.25
C THR B 763 11.30 -4.12 -43.61
N GLY B 764 10.12 -3.58 -43.88
CA GLY B 764 8.94 -4.38 -44.18
C GLY B 764 7.64 -3.63 -43.94
N GLY B 765 6.59 -4.38 -43.60
CA GLY B 765 5.26 -3.81 -43.41
C GLY B 765 4.17 -4.56 -44.15
N GLY B 766 4.55 -5.40 -45.13
CA GLY B 766 3.61 -6.21 -45.88
C GLY B 766 2.82 -5.42 -46.91
N ASN B 767 1.98 -6.13 -47.63
CA ASN B 767 1.11 -5.51 -48.63
C ASN B 767 0.06 -4.57 -48.03
N GLY B 768 -0.29 -4.79 -46.75
CA GLY B 768 -1.19 -3.90 -46.03
C GLY B 768 -0.64 -2.47 -45.91
N GLN B 769 0.61 -2.35 -45.51
CA GLN B 769 1.28 -1.06 -45.48
C GLN B 769 1.42 -0.48 -46.88
N GLU B 770 1.74 -1.33 -47.86
CA GLU B 770 1.90 -0.84 -49.23
C GLU B 770 0.62 -0.19 -49.73
N THR B 771 -0.50 -0.87 -49.53
CA THR B 771 -1.81 -0.43 -50.02
C THR B 771 -2.42 0.72 -49.23
N TYR B 772 -2.41 0.58 -47.91
CA TYR B 772 -3.19 1.45 -47.02
C TYR B 772 -2.41 2.57 -46.33
N GLY B 773 -1.09 2.44 -46.26
CA GLY B 773 -0.22 3.44 -45.64
C GLY B 773 -0.42 4.82 -46.26
N GLY B 774 -0.90 5.75 -45.46
CA GLY B 774 -1.16 7.10 -45.92
C GLY B 774 -2.30 7.30 -46.92
N LYS B 775 -3.07 6.26 -47.21
CA LYS B 775 -4.11 6.30 -48.25
C LYS B 775 -5.19 7.35 -47.98
N TYR B 776 -5.54 7.52 -46.71
CA TYR B 776 -6.64 8.40 -46.28
C TYR B 776 -6.19 9.82 -45.88
N LEU B 777 -4.89 10.13 -46.00
CA LEU B 777 -4.36 11.46 -45.61
C LEU B 777 -4.96 12.64 -46.38
N ALA B 778 -5.17 12.48 -47.69
CA ALA B 778 -5.71 13.54 -48.54
C ALA B 778 -7.10 13.95 -48.08
N GLU B 779 -7.95 12.96 -47.84
CA GLU B 779 -9.31 13.21 -47.34
C GLU B 779 -9.37 13.74 -45.90
N LEU B 780 -8.49 13.24 -45.02
CA LEU B 780 -8.38 13.78 -43.67
C LEU B 780 -7.95 15.24 -43.66
N GLN B 781 -7.04 15.61 -44.58
CA GLN B 781 -6.62 17.00 -44.73
C GLN B 781 -7.75 17.89 -45.24
N LYS B 782 -8.52 17.37 -46.18
CA LYS B 782 -9.65 18.08 -46.75
C LYS B 782 -10.79 18.33 -45.76
N ASN B 783 -11.12 17.29 -44.98
CA ASN B 783 -12.21 17.36 -44.00
C ASN B 783 -11.79 18.00 -42.66
N TYR B 784 -10.57 17.73 -42.22
CA TYR B 784 -10.10 18.17 -40.90
C TYR B 784 -8.70 18.80 -41.01
N PRO B 785 -8.59 19.94 -41.71
CA PRO B 785 -7.25 20.51 -41.97
C PRO B 785 -6.43 20.82 -40.69
N ASP B 786 -7.13 21.12 -39.60
CA ASP B 786 -6.49 21.34 -38.30
C ASP B 786 -5.51 20.24 -37.82
N LEU B 787 -5.74 19.00 -38.22
CA LEU B 787 -4.83 17.90 -37.86
C LEU B 787 -3.40 18.08 -38.36
N PHE B 788 -3.24 18.78 -39.49
CA PHE B 788 -1.93 19.01 -40.08
C PHE B 788 -1.48 20.48 -40.02
N THR B 789 -2.17 21.31 -39.24
CA THR B 789 -1.64 22.64 -38.86
C THR B 789 -1.37 22.80 -37.36
N THR B 790 -1.91 21.91 -36.51
CA THR B 790 -1.66 21.96 -35.08
C THR B 790 -0.24 21.49 -34.79
N LYS B 791 0.56 22.39 -34.22
CA LYS B 791 1.93 22.10 -33.83
C LYS B 791 1.95 21.21 -32.61
N ALA B 792 2.60 20.05 -32.72
CA ALA B 792 2.72 19.10 -31.61
C ALA B 792 3.65 19.66 -30.53
N ILE B 793 3.45 19.21 -29.31
CA ILE B 793 4.21 19.70 -28.16
C ILE B 793 5.70 19.32 -28.27
N SER B 794 6.00 18.03 -28.39
CA SER B 794 7.39 17.57 -28.32
C SER B 794 8.29 18.17 -29.41
N THR B 795 7.74 18.39 -30.61
CA THR B 795 8.53 18.89 -31.76
C THR B 795 8.29 20.35 -32.17
N GLY B 796 7.13 20.90 -31.82
CA GLY B 796 6.74 22.23 -32.29
C GLY B 796 6.36 22.27 -33.78
N VAL B 797 6.06 21.11 -34.36
CA VAL B 797 5.62 21.03 -35.76
C VAL B 797 4.43 20.10 -35.92
N ALA B 798 3.58 20.41 -36.91
CA ALA B 798 2.40 19.61 -37.19
C ALA B 798 2.81 18.29 -37.84
N PRO B 799 1.98 17.25 -37.63
CA PRO B 799 2.11 16.02 -38.44
C PRO B 799 2.10 16.33 -39.93
N ASP B 800 2.84 15.55 -40.70
CA ASP B 800 3.18 15.86 -42.10
C ASP B 800 2.54 14.82 -43.03
N PRO B 801 1.43 15.18 -43.70
CA PRO B 801 0.73 14.24 -44.55
C PRO B 801 1.27 14.17 -45.98
N THR B 802 2.32 14.90 -46.31
CA THR B 802 2.83 14.94 -47.68
C THR B 802 3.71 13.73 -48.06
N VAL B 803 4.08 12.91 -47.08
CA VAL B 803 4.83 11.68 -47.33
C VAL B 803 3.99 10.50 -46.82
N ARG B 804 3.89 9.45 -47.63
CA ARG B 804 3.16 8.24 -47.25
C ARG B 804 4.13 7.13 -46.84
N ILE B 805 3.90 6.50 -45.69
CA ILE B 805 4.70 5.34 -45.27
C ILE B 805 4.12 4.06 -45.90
N ASN B 806 4.65 3.67 -47.06
CA ASN B 806 4.30 2.39 -47.71
C ASN B 806 5.12 1.21 -47.16
N LYS B 807 6.27 1.53 -46.56
CA LYS B 807 7.22 0.53 -46.09
C LYS B 807 7.99 1.12 -44.90
N TRP B 808 8.12 0.34 -43.83
CA TRP B 808 8.91 0.76 -42.67
C TRP B 808 10.39 0.50 -42.95
N SER B 809 11.25 1.40 -42.45
CA SER B 809 12.69 1.18 -42.40
C SER B 809 13.26 1.95 -41.19
N ALA B 810 14.58 1.89 -41.00
CA ALA B 810 15.22 2.42 -39.76
C ALA B 810 15.07 3.92 -39.55
N LYS B 811 14.93 4.67 -40.65
CA LYS B 811 14.74 6.12 -40.53
C LYS B 811 13.49 6.52 -39.73
N TYR B 812 12.53 5.61 -39.59
CA TYR B 812 11.32 5.81 -38.82
C TYR B 812 11.34 5.11 -37.44
N GLN B 813 12.53 4.68 -37.00
CA GLN B 813 12.70 3.82 -35.81
C GLN B 813 13.76 4.41 -34.88
N ASN B 814 13.49 4.37 -33.56
CA ASN B 814 14.43 4.81 -32.51
C ASN B 814 15.55 3.81 -32.26
N GLY B 815 15.25 2.53 -32.43
CA GLY B 815 16.23 1.46 -32.29
C GLY B 815 15.53 0.12 -32.13
N THR B 816 16.25 -0.84 -31.57
CA THR B 816 15.73 -2.18 -31.40
C THR B 816 16.29 -2.84 -30.16
N SER B 817 15.51 -3.75 -29.58
CA SER B 817 16.06 -4.73 -28.64
C SER B 817 17.04 -5.64 -29.39
N LEU B 818 17.97 -6.25 -28.66
CA LEU B 818 19.05 -7.03 -29.25
C LEU B 818 18.49 -8.17 -30.11
N GLN B 819 18.95 -8.28 -31.36
CA GLN B 819 18.33 -9.20 -32.32
C GLN B 819 18.99 -10.57 -32.44
N ASN B 820 19.96 -10.86 -31.56
CA ASN B 820 20.67 -12.14 -31.49
C ASN B 820 21.39 -12.53 -32.79
N ILE B 821 21.99 -11.54 -33.46
CA ILE B 821 22.76 -11.79 -34.70
C ILE B 821 24.27 -11.60 -34.55
N GLY B 822 24.70 -10.71 -33.66
CA GLY B 822 26.12 -10.42 -33.47
C GLY B 822 26.51 -9.03 -33.96
N ILE B 823 27.40 -8.37 -33.21
CA ILE B 823 27.85 -7.00 -33.52
C ILE B 823 29.03 -6.98 -34.49
N GLY B 824 29.61 -8.14 -34.82
CA GLY B 824 30.79 -8.22 -35.69
C GLY B 824 30.58 -8.81 -37.07
N LEU B 825 29.34 -8.94 -37.53
CA LEU B 825 29.06 -9.45 -38.89
C LEU B 825 29.68 -8.56 -40.01
N ALA B 826 29.71 -7.24 -39.79
CA ALA B 826 30.17 -6.27 -40.79
C ALA B 826 31.67 -6.43 -41.12
N VAL B 827 31.96 -6.65 -42.40
CA VAL B 827 33.33 -6.92 -42.84
C VAL B 827 34.18 -5.65 -42.79
N LYS B 828 35.25 -5.73 -42.02
CA LYS B 828 36.28 -4.72 -41.98
C LYS B 828 37.56 -5.30 -42.58
N LEU B 829 38.33 -4.45 -43.26
CA LEU B 829 39.63 -4.86 -43.77
C LEU B 829 40.64 -4.82 -42.62
N ALA B 830 41.88 -5.24 -42.91
CA ALA B 830 42.93 -5.28 -41.89
C ALA B 830 43.14 -3.92 -41.21
N ASN B 831 43.21 -2.84 -42.01
CA ASN B 831 43.34 -1.48 -41.48
C ASN B 831 42.14 -0.93 -40.67
N GLY B 832 41.00 -1.63 -40.66
CA GLY B 832 39.82 -1.19 -39.93
C GLY B 832 38.75 -0.53 -40.78
N ASP B 833 39.06 -0.22 -42.04
CA ASP B 833 38.06 0.34 -42.96
C ASP B 833 36.93 -0.67 -43.19
N TYR B 834 35.69 -0.19 -43.24
CA TYR B 834 34.60 -1.02 -43.70
C TYR B 834 34.77 -1.38 -45.20
N ALA B 835 34.57 -2.65 -45.52
CA ALA B 835 34.42 -3.07 -46.91
C ALA B 835 33.14 -2.44 -47.47
N TYR B 836 33.15 -2.13 -48.75
CA TYR B 836 32.02 -1.50 -49.41
C TYR B 836 31.93 -1.85 -50.89
N LEU B 837 30.71 -2.08 -51.36
CA LEU B 837 30.43 -2.35 -52.77
C LEU B 837 29.66 -1.17 -53.34
N ASN B 838 30.33 -0.40 -54.18
CA ASN B 838 29.69 0.70 -54.90
C ASN B 838 28.87 0.15 -56.07
N SER B 839 27.55 0.08 -55.89
CA SER B 839 26.64 -0.43 -56.90
C SER B 839 25.25 0.14 -56.72
N GLY B 840 24.59 0.43 -57.83
CA GLY B 840 23.21 0.89 -57.82
C GLY B 840 23.07 2.18 -57.05
N ASP B 841 22.27 2.13 -55.99
CA ASP B 841 22.02 3.28 -55.13
C ASP B 841 23.06 3.44 -54.01
N ASN B 842 24.02 2.52 -53.92
CA ASN B 842 25.02 2.53 -52.85
C ASN B 842 26.29 3.25 -53.33
N LYS B 843 26.33 4.58 -53.12
CA LYS B 843 27.42 5.44 -53.60
C LYS B 843 28.27 6.08 -52.49
N ALA B 844 28.22 5.54 -51.27
CA ALA B 844 28.83 6.19 -50.10
C ALA B 844 30.37 6.25 -50.16
N PHE B 845 30.98 5.17 -50.63
CA PHE B 845 32.41 5.08 -50.79
C PHE B 845 32.68 4.41 -52.13
N ASN B 846 33.95 4.44 -52.53
CA ASN B 846 34.41 3.66 -53.68
C ASN B 846 34.44 2.21 -53.26
N THR B 847 34.28 1.33 -54.23
CA THR B 847 34.34 -0.09 -53.95
C THR B 847 35.68 -0.40 -53.26
N LEU B 848 35.61 -1.05 -52.10
CA LEU B 848 36.79 -1.51 -51.39
C LEU B 848 36.47 -2.89 -50.84
N LEU B 849 37.18 -3.90 -51.34
CA LEU B 849 36.90 -5.30 -50.96
C LEU B 849 38.15 -5.94 -50.35
N PRO B 850 37.99 -7.02 -49.57
CA PRO B 850 39.18 -7.73 -49.06
C PRO B 850 40.02 -8.30 -50.20
N THR B 851 41.34 -8.31 -50.00
CA THR B 851 42.27 -8.73 -51.06
C THR B 851 42.08 -10.19 -51.49
N ALA B 852 41.59 -11.04 -50.59
CA ALA B 852 41.35 -12.45 -50.89
C ALA B 852 40.32 -12.68 -52.01
N ILE B 853 39.40 -11.75 -52.19
CA ILE B 853 38.40 -11.77 -53.27
C ILE B 853 38.62 -10.61 -54.24
N SER B 854 39.90 -10.24 -54.39
CA SER B 854 40.43 -9.01 -55.04
C SER B 854 39.52 -7.79 -54.95
#